data_8V7O
#
_entry.id   8V7O
#
_cell.length_a   1.00
_cell.length_b   1.00
_cell.length_c   1.00
_cell.angle_alpha   90.00
_cell.angle_beta   90.00
_cell.angle_gamma   90.00
#
_symmetry.space_group_name_H-M   'P 1'
#
loop_
_entity.id
_entity.type
_entity.pdbx_description
1 polymer Hemagglutinin
2 polymer '#58 heavy chain'
3 polymer '#58 light chain'
#
loop_
_entity_poly.entity_id
_entity_poly.type
_entity_poly.pdbx_seq_one_letter_code
_entity_poly.pdbx_strand_id
1 'polypeptide(L)'
;DTICIGYHANNSTDTVDTVLEKNVTVTHSVNLLEDSHNGKLCLLKGIAPLQLGNCSVAGWILGNPECELLISKESWSYIV
ETPNPENGTCYPGYFADYEELREQLSSVSSFERFEIFPKESSWPNHTVTGVSASCSHNGKSSFYRNLLWLTGKNGLYPNL
SKSYANNKEKEVLVLWGVHHPPNIGDQRALYHTENAYVSVVSSHYSRKFTPEIAKRPKVRDQEGRINYYWTLLEPGDTII
FEANGNLIAPRYAFALSRGFGSGIITSNAPMDECDAKCQTPQGAINSSLPFQNVHPVTIGECPKYVRSAKLRMVTGLRNI
PSIQSRGLFGAIAGFIEGGWTGMVDGWYGYHHQNEQGSGYAADQKSTQNAINGITNKVNSVIEKMNTQFTAVGKEFNKLE
RRMENLNKKVDDGFLDIWTYNAELLVLLENERTLDFHDSNVKNLYEKVKSQLKNNAKEIGNGCFEFYHKCNNECMESVKN
GTYDYPKYSEESKLNREKIDGVGTGYIPEAPRDGQAYVRKDGEWVLLSTFLGSGLNDIFEAQKIEWHEGHHHHHH
;
A,B,C
2 'polypeptide(L)'
;QVQLQESGPGLVKPSETLSLTCNVSGGSINSYYWSWIRQPPGKGLEWIGYVYHSGSTHYNPSLNSRVTISVDTSKRQFSL
KLRSVTAADTAVYYCAREKSDFWTVDSFFYYMDVWGRGTTVTVSS
;
H,I,J
3 'polypeptide(L)'
;EIVLTQSPATLSLSPGERATLSCRASQSVATSLAWYQQKPGQPPRLLIYDASHRATAIPARFTGSGSGTDFTLTISSLEP
EDFAVYYCQQRTHWPPALTFGGGTKVEIK
;
L,M,N
#
# COMPACT_ATOMS: atom_id res chain seq x y z
N ASP A 1 -1.49 85.75 8.07
CA ASP A 1 -2.92 85.54 8.27
C ASP A 1 -3.38 84.22 7.66
N THR A 2 -2.42 83.38 7.31
CA THR A 2 -2.69 82.09 6.70
C THR A 2 -2.47 80.97 7.71
N ILE A 3 -3.25 79.91 7.56
CA ILE A 3 -3.12 78.69 8.36
C ILE A 3 -3.81 77.57 7.60
N CYS A 4 -3.16 76.42 7.47
CA CYS A 4 -3.78 75.28 6.80
C CYS A 4 -2.93 74.04 6.99
N ILE A 5 -3.47 72.93 6.50
CA ILE A 5 -3.04 71.59 6.89
C ILE A 5 -2.49 70.87 5.68
N GLY A 6 -1.67 69.87 5.94
CA GLY A 6 -1.13 69.03 4.89
C GLY A 6 -0.47 67.80 5.46
N TYR A 7 -0.27 66.82 4.58
CA TYR A 7 0.36 65.56 4.94
C TYR A 7 1.79 65.52 4.40
N HIS A 8 2.73 65.27 5.30
CA HIS A 8 4.15 65.16 4.95
C HIS A 8 4.34 64.17 3.81
N ALA A 9 4.87 64.66 2.69
CA ALA A 9 5.13 63.85 1.51
C ALA A 9 6.62 63.92 1.21
N ASN A 10 7.39 63.00 1.79
CA ASN A 10 8.82 62.97 1.55
C ASN A 10 9.09 62.36 0.18
N ASN A 11 10.35 62.04 -0.09
CA ASN A 11 10.78 61.60 -1.42
C ASN A 11 10.83 60.09 -1.56
N SER A 12 10.41 59.34 -0.55
CA SER A 12 10.53 57.87 -0.59
C SER A 12 9.81 57.32 -1.82
N THR A 13 10.46 56.38 -2.49
CA THR A 13 10.16 56.04 -3.88
C THR A 13 10.01 54.53 -4.08
N ASP A 14 9.23 53.88 -3.22
CA ASP A 14 8.89 52.48 -3.43
C ASP A 14 7.39 52.34 -3.71
N THR A 15 7.06 51.40 -4.58
CA THR A 15 5.74 51.30 -5.20
C THR A 15 4.98 50.13 -4.60
N VAL A 16 3.72 50.38 -4.21
CA VAL A 16 2.90 49.37 -3.57
C VAL A 16 1.66 49.15 -4.43
N ASP A 17 1.13 47.92 -4.36
CA ASP A 17 0.05 47.50 -5.24
C ASP A 17 -1.31 47.78 -4.60
N THR A 18 -2.26 48.16 -5.45
CA THR A 18 -3.65 48.32 -5.06
C THR A 18 -4.55 47.65 -6.07
N VAL A 19 -5.72 47.21 -5.61
CA VAL A 19 -6.73 46.65 -6.52
C VAL A 19 -7.37 47.72 -7.38
N LEU A 20 -7.11 48.99 -7.11
CA LEU A 20 -7.68 50.09 -7.87
C LEU A 20 -6.66 50.94 -8.60
N GLU A 21 -5.37 50.64 -8.49
CA GLU A 21 -4.35 51.41 -9.20
C GLU A 21 -3.12 50.54 -9.36
N LYS A 22 -2.28 50.89 -10.35
CA LYS A 22 -1.11 50.11 -10.70
C LYS A 22 0.11 50.65 -9.97
N ASN A 23 0.48 49.98 -8.87
CA ASN A 23 1.76 50.18 -8.19
C ASN A 23 1.98 51.66 -7.85
N VAL A 24 1.13 52.17 -6.97
CA VAL A 24 1.26 53.56 -6.52
C VAL A 24 2.52 53.71 -5.70
N THR A 25 3.22 54.83 -5.90
CA THR A 25 4.38 55.15 -5.08
C THR A 25 3.93 55.74 -3.75
N VAL A 26 4.44 55.20 -2.65
CA VAL A 26 4.06 55.63 -1.31
C VAL A 26 5.30 55.60 -0.43
N THR A 27 5.35 56.49 0.56
CA THR A 27 6.58 56.75 1.31
C THR A 27 7.12 55.54 2.07
N HIS A 28 6.43 55.10 3.11
CA HIS A 28 6.97 54.09 4.01
C HIS A 28 6.37 52.73 3.71
N SER A 29 7.22 51.70 3.70
CA SER A 29 6.75 50.35 3.46
C SER A 29 7.75 49.38 4.10
N VAL A 30 7.44 48.91 5.29
CA VAL A 30 8.22 47.83 5.90
C VAL A 30 7.89 46.55 5.14
N ASN A 31 8.82 46.08 4.32
CA ASN A 31 8.56 44.90 3.51
C ASN A 31 8.32 43.70 4.41
N LEU A 32 7.65 42.70 3.85
CA LEU A 32 7.37 41.47 4.57
C LEU A 32 7.99 40.23 3.94
N LEU A 33 8.37 40.28 2.66
CA LEU A 33 8.92 39.12 1.97
C LEU A 33 10.43 39.10 2.14
N GLU A 34 10.90 38.45 3.18
CA GLU A 34 12.32 38.20 3.35
C GLU A 34 12.82 37.28 2.23
N ASP A 35 13.79 37.74 1.46
CA ASP A 35 14.29 36.96 0.32
C ASP A 35 15.81 37.10 0.24
N SER A 36 16.48 36.97 1.38
CA SER A 36 17.95 37.05 1.43
C SER A 36 18.47 35.85 2.20
N HIS A 37 18.66 34.74 1.50
CA HIS A 37 19.29 33.56 2.07
C HIS A 37 20.79 33.66 1.85
N ASN A 38 21.55 33.27 2.87
CA ASN A 38 23.01 33.38 2.79
C ASN A 38 23.58 32.52 1.67
N GLY A 39 22.89 31.45 1.30
CA GLY A 39 23.35 30.57 0.24
C GLY A 39 24.17 29.39 0.68
N LYS A 40 24.16 29.04 1.97
CA LYS A 40 25.01 27.98 2.47
C LYS A 40 24.44 27.45 3.78
N LEU A 41 24.78 26.21 4.09
CA LEU A 41 24.23 25.56 5.28
C LEU A 41 24.78 26.20 6.55
N CYS A 42 23.96 26.15 7.60
CA CYS A 42 24.29 26.82 8.85
C CYS A 42 23.74 26.03 10.03
N LEU A 43 24.31 26.31 11.21
CA LEU A 43 23.95 25.59 12.42
C LEU A 43 22.46 25.73 12.72
N LEU A 44 21.97 24.85 13.60
CA LEU A 44 20.59 24.87 14.05
C LEU A 44 20.65 25.02 15.56
N LYS A 45 20.44 26.26 16.03
CA LYS A 45 20.67 26.67 17.42
C LYS A 45 21.91 26.02 18.00
N GLY A 46 22.99 25.95 17.23
CA GLY A 46 24.27 25.50 17.71
C GLY A 46 24.56 24.03 17.50
N ILE A 47 23.56 23.20 17.25
CA ILE A 47 23.77 21.78 17.03
C ILE A 47 24.17 21.57 15.57
N ALA A 48 25.31 20.92 15.37
CA ALA A 48 25.84 20.79 14.03
C ALA A 48 24.92 19.93 13.16
N PRO A 49 24.95 20.14 11.85
CA PRO A 49 24.16 19.29 10.95
C PRO A 49 24.85 17.95 10.74
N LEU A 50 24.05 16.89 10.72
CA LEU A 50 24.60 15.58 10.42
C LEU A 50 24.86 15.58 8.92
N GLN A 51 26.04 16.02 8.54
CA GLN A 51 26.40 16.12 7.14
C GLN A 51 26.66 14.72 6.62
N LEU A 52 25.64 14.11 6.01
CA LEU A 52 25.76 12.75 5.52
C LEU A 52 26.84 12.60 4.46
N GLY A 53 27.23 13.69 3.81
CA GLY A 53 28.27 13.57 2.81
C GLY A 53 27.83 12.70 1.65
N ASN A 54 28.72 11.83 1.20
CA ASN A 54 28.51 11.12 -0.05
C ASN A 54 27.50 9.99 0.07
N CYS A 55 27.51 9.24 1.18
CA CYS A 55 26.65 8.07 1.28
C CYS A 55 25.19 8.46 1.41
N SER A 56 24.33 7.64 0.84
CA SER A 56 22.89 7.80 1.00
C SER A 56 22.47 7.39 2.40
N VAL A 57 21.19 7.63 2.71
CA VAL A 57 20.64 7.16 3.98
C VAL A 57 20.67 5.64 4.03
N ALA A 58 20.33 4.99 2.91
CA ALA A 58 20.50 3.55 2.84
C ALA A 58 21.95 3.16 3.09
N GLY A 59 22.89 3.94 2.55
CA GLY A 59 24.29 3.66 2.80
C GLY A 59 24.67 3.87 4.26
N TRP A 60 24.21 4.96 4.86
CA TRP A 60 24.69 5.31 6.18
C TRP A 60 24.12 4.39 7.25
N ILE A 61 22.82 4.08 7.17
CA ILE A 61 22.23 3.20 8.18
C ILE A 61 22.87 1.83 8.12
N LEU A 62 23.36 1.43 6.95
CA LEU A 62 24.05 0.17 6.79
C LEU A 62 25.54 0.28 7.01
N GLY A 63 26.04 1.45 7.40
CA GLY A 63 27.45 1.63 7.68
C GLY A 63 28.35 1.47 6.49
N ASN A 64 27.94 1.95 5.32
CA ASN A 64 28.67 1.92 4.06
C ASN A 64 30.14 2.25 4.31
N PRO A 65 31.07 1.50 3.73
CA PRO A 65 32.49 1.73 4.02
C PRO A 65 33.07 3.00 3.42
N GLU A 66 32.23 3.89 2.89
CA GLU A 66 32.74 5.17 2.40
C GLU A 66 32.47 6.32 3.34
N CYS A 67 31.47 6.22 4.22
CA CYS A 67 31.33 7.18 5.30
C CYS A 67 31.52 6.51 6.65
N GLU A 68 32.58 5.71 6.78
CA GLU A 68 32.98 5.20 8.09
C GLU A 68 33.15 6.33 9.09
N LEU A 69 33.64 7.48 8.63
CA LEU A 69 33.84 8.62 9.52
C LEU A 69 32.54 9.12 10.12
N LEU A 70 31.40 8.72 9.56
CA LEU A 70 30.10 9.14 10.06
C LEU A 70 29.66 8.36 11.28
N ILE A 71 30.44 7.35 11.69
CA ILE A 71 30.04 6.46 12.77
C ILE A 71 29.89 7.23 14.09
N SER A 72 30.83 8.11 14.38
CA SER A 72 31.04 8.60 15.74
C SER A 72 30.17 9.78 16.12
N LYS A 73 29.19 10.17 15.31
CA LYS A 73 28.24 11.20 15.69
C LYS A 73 26.87 10.60 15.89
N GLU A 74 26.35 10.72 17.11
CA GLU A 74 25.08 10.13 17.50
C GLU A 74 24.01 11.14 17.83
N SER A 75 24.35 12.41 17.99
CA SER A 75 23.39 13.48 18.20
C SER A 75 23.59 14.52 17.10
N TRP A 76 22.48 15.10 16.64
CA TRP A 76 22.55 15.97 15.49
C TRP A 76 21.25 16.76 15.41
N SER A 77 21.08 17.50 14.32
CA SER A 77 19.92 18.35 14.11
C SER A 77 19.10 17.95 12.89
N TYR A 78 19.73 17.83 11.73
CA TYR A 78 18.99 17.58 10.50
C TYR A 78 19.90 16.94 9.48
N ILE A 79 19.39 15.92 8.80
CA ILE A 79 20.16 15.21 7.80
C ILE A 79 20.38 16.11 6.60
N VAL A 80 21.45 15.84 5.85
CA VAL A 80 21.70 16.48 4.57
C VAL A 80 21.98 15.37 3.57
N GLU A 81 21.73 15.64 2.29
CA GLU A 81 21.89 14.60 1.27
C GLU A 81 22.28 15.24 -0.05
N THR A 82 23.40 14.82 -0.60
CA THR A 82 23.70 15.15 -1.98
C THR A 82 22.64 14.51 -2.87
N PRO A 83 22.08 15.22 -3.84
CA PRO A 83 20.90 14.70 -4.57
C PRO A 83 21.13 13.38 -5.27
N ASN A 84 22.34 13.09 -5.72
CA ASN A 84 22.65 11.84 -6.42
C ASN A 84 23.80 11.15 -5.71
N PRO A 85 23.55 10.57 -4.54
CA PRO A 85 24.63 9.89 -3.82
C PRO A 85 25.02 8.61 -4.55
N GLU A 86 26.30 8.47 -4.83
CA GLU A 86 26.80 7.33 -5.61
C GLU A 86 27.15 6.15 -4.70
N ASN A 87 28.08 6.36 -3.78
CA ASN A 87 28.51 5.30 -2.87
C ASN A 87 27.45 5.11 -1.79
N GLY A 88 26.35 4.49 -2.21
CA GLY A 88 25.21 4.27 -1.33
C GLY A 88 25.14 2.86 -0.81
N THR A 89 24.29 2.03 -1.39
CA THR A 89 24.22 0.62 -1.03
C THR A 89 25.26 -0.13 -1.84
N CYS A 90 26.39 -0.45 -1.19
CA CYS A 90 27.54 -0.99 -1.89
C CYS A 90 27.26 -2.36 -2.48
N TYR A 91 26.75 -3.27 -1.68
CA TYR A 91 26.28 -4.53 -2.27
C TYR A 91 24.90 -4.33 -2.87
N PRO A 92 24.69 -4.72 -4.12
CA PRO A 92 23.44 -4.37 -4.80
C PRO A 92 22.25 -5.08 -4.21
N GLY A 93 21.06 -4.59 -4.55
CA GLY A 93 19.85 -5.25 -4.12
C GLY A 93 18.63 -4.38 -4.13
N TYR A 94 17.73 -4.59 -3.17
CA TYR A 94 16.48 -3.84 -3.09
C TYR A 94 16.10 -3.68 -1.62
N PHE A 95 16.38 -2.50 -1.09
CA PHE A 95 16.00 -2.19 0.28
C PHE A 95 14.50 -2.33 0.47
N ALA A 96 14.09 -3.25 1.33
CA ALA A 96 12.66 -3.46 1.54
C ALA A 96 12.08 -2.29 2.32
N ASP A 97 11.00 -1.71 1.80
CA ASP A 97 10.34 -0.56 2.41
C ASP A 97 11.34 0.56 2.69
N TYR A 98 12.10 0.93 1.66
CA TYR A 98 13.13 1.93 1.83
C TYR A 98 12.53 3.26 2.27
N GLU A 99 11.47 3.70 1.59
CA GLU A 99 10.93 5.03 1.85
C GLU A 99 10.39 5.16 3.27
N GLU A 100 9.70 4.13 3.75
CA GLU A 100 9.16 4.19 5.11
C GLU A 100 10.27 4.41 6.11
N LEU A 101 11.35 3.65 6.01
CA LEU A 101 12.48 3.85 6.93
C LEU A 101 13.08 5.23 6.72
N ARG A 102 13.11 5.70 5.47
CA ARG A 102 13.54 7.07 5.22
C ARG A 102 12.71 8.03 6.04
N GLU A 103 11.44 7.72 6.25
CA GLU A 103 10.58 8.57 7.06
C GLU A 103 10.82 8.37 8.55
N GLN A 104 11.34 7.21 8.96
CA GLN A 104 11.77 7.06 10.36
C GLN A 104 12.72 8.18 10.73
N LEU A 105 13.77 8.33 9.93
CA LEU A 105 14.87 9.21 10.30
C LEU A 105 14.51 10.67 10.15
N SER A 106 13.38 10.99 9.53
CA SER A 106 13.01 12.39 9.39
C SER A 106 12.67 13.05 10.72
N SER A 107 12.51 12.28 11.79
CA SER A 107 12.09 12.88 13.06
C SER A 107 12.79 12.27 14.27
N VAL A 108 13.87 11.53 14.09
CA VAL A 108 14.60 10.97 15.22
C VAL A 108 15.58 12.01 15.74
N SER A 109 15.54 12.26 17.05
CA SER A 109 16.38 13.29 17.63
C SER A 109 17.81 12.82 17.76
N SER A 110 18.04 11.75 18.52
CA SER A 110 19.37 11.19 18.70
C SER A 110 19.23 9.69 18.89
N PHE A 111 20.32 8.99 18.66
CA PHE A 111 20.30 7.53 18.69
C PHE A 111 21.69 7.01 18.99
N GLU A 112 21.74 5.97 19.82
CA GLU A 112 23.00 5.30 20.14
C GLU A 112 23.04 3.96 19.44
N ARG A 113 24.21 3.61 18.92
CA ARG A 113 24.40 2.31 18.33
C ARG A 113 25.08 1.39 19.32
N PHE A 114 24.88 0.09 19.14
CA PHE A 114 25.46 -0.89 20.04
C PHE A 114 25.48 -2.23 19.35
N GLU A 115 26.49 -3.03 19.69
CA GLU A 115 26.61 -4.36 19.11
C GLU A 115 25.48 -5.21 19.66
N ILE A 116 24.44 -5.40 18.84
CA ILE A 116 23.29 -6.20 19.26
C ILE A 116 23.71 -7.65 19.51
N PHE A 117 24.50 -8.21 18.60
CA PHE A 117 25.17 -9.48 18.81
C PHE A 117 26.64 -9.23 18.57
N PRO A 118 27.48 -9.20 19.60
CA PRO A 118 28.90 -8.90 19.37
C PRO A 118 29.53 -9.92 18.44
N LYS A 119 30.41 -9.45 17.56
CA LYS A 119 31.01 -10.32 16.55
C LYS A 119 31.79 -11.47 17.19
N GLU A 120 32.29 -11.26 18.41
CA GLU A 120 33.20 -12.24 19.00
C GLU A 120 32.46 -13.51 19.41
N SER A 121 31.55 -13.40 20.36
CA SER A 121 30.97 -14.59 20.98
C SER A 121 29.62 -14.99 20.42
N SER A 122 29.00 -14.15 19.59
CA SER A 122 27.65 -14.47 19.10
C SER A 122 27.65 -15.70 18.22
N TRP A 123 28.67 -15.84 17.36
CA TRP A 123 28.72 -16.90 16.35
C TRP A 123 30.00 -17.71 16.52
N PRO A 124 30.02 -18.64 17.47
CA PRO A 124 31.22 -19.49 17.59
C PRO A 124 31.29 -20.55 16.51
N ASN A 125 30.17 -21.19 16.19
CA ASN A 125 30.16 -22.28 15.23
C ASN A 125 30.21 -21.81 13.78
N HIS A 126 30.12 -20.50 13.54
CA HIS A 126 30.10 -19.94 12.19
C HIS A 126 31.37 -19.14 11.96
N THR A 127 31.45 -18.52 10.79
CA THR A 127 32.54 -17.61 10.48
C THR A 127 31.96 -16.34 9.87
N VAL A 128 32.60 -15.21 10.19
CA VAL A 128 32.01 -13.91 9.88
C VAL A 128 32.86 -13.12 8.91
N THR A 129 34.17 -13.38 8.89
CA THR A 129 35.04 -12.52 8.11
C THR A 129 34.87 -12.80 6.62
N GLY A 130 33.75 -12.35 6.06
CA GLY A 130 33.47 -12.52 4.65
C GLY A 130 33.25 -11.20 3.97
N VAL A 131 34.08 -10.88 2.97
CA VAL A 131 34.04 -9.60 2.29
C VAL A 131 33.63 -9.83 0.85
N SER A 132 33.49 -8.74 0.11
CA SER A 132 33.06 -8.79 -1.29
C SER A 132 33.82 -7.75 -2.09
N ALA A 133 34.50 -8.20 -3.15
CA ALA A 133 35.40 -7.31 -3.89
C ALA A 133 34.67 -6.09 -4.44
N SER A 134 33.38 -6.21 -4.70
CA SER A 134 32.62 -5.04 -5.13
C SER A 134 32.61 -3.97 -4.04
N CYS A 135 32.47 -4.38 -2.80
CA CYS A 135 32.27 -3.41 -1.72
C CYS A 135 33.64 -2.95 -1.21
N SER A 136 34.50 -2.52 -2.11
CA SER A 136 35.90 -2.30 -1.81
C SER A 136 36.09 -1.17 -0.81
N HIS A 137 37.32 -1.04 -0.32
CA HIS A 137 37.69 0.07 0.55
C HIS A 137 39.21 0.15 0.52
N ASN A 138 39.75 1.24 -0.04
CA ASN A 138 41.17 1.44 -0.27
C ASN A 138 41.79 0.38 -1.16
N GLY A 139 40.97 -0.47 -1.79
CA GLY A 139 41.48 -1.56 -2.60
C GLY A 139 41.48 -2.91 -1.91
N LYS A 140 41.42 -2.94 -0.59
CA LYS A 140 41.27 -4.18 0.15
C LYS A 140 39.79 -4.45 0.37
N SER A 141 39.35 -5.65 0.02
CA SER A 141 37.93 -5.97 0.04
C SER A 141 37.39 -5.96 1.45
N SER A 142 36.25 -5.28 1.64
CA SER A 142 35.63 -5.17 2.95
C SER A 142 34.11 -5.13 2.80
N PHE A 143 33.41 -5.26 3.92
CA PHE A 143 31.96 -5.36 3.95
C PHE A 143 31.37 -4.20 4.75
N TYR A 144 30.06 -4.23 4.96
CA TYR A 144 29.43 -3.19 5.76
C TYR A 144 29.87 -3.31 7.20
N ARG A 145 29.88 -2.18 7.90
CA ARG A 145 30.16 -2.23 9.34
C ARG A 145 29.03 -2.93 10.08
N ASN A 146 27.79 -2.51 9.86
CA ASN A 146 26.71 -2.93 10.74
C ASN A 146 26.19 -4.34 10.46
N LEU A 147 26.61 -4.96 9.38
CA LEU A 147 26.10 -6.27 9.03
C LEU A 147 27.21 -7.30 9.09
N LEU A 148 26.82 -8.56 9.16
CA LEU A 148 27.77 -9.67 9.22
C LEU A 148 27.35 -10.75 8.24
N TRP A 149 28.34 -11.35 7.59
CA TRP A 149 28.11 -12.43 6.63
C TRP A 149 28.38 -13.77 7.29
N LEU A 150 27.32 -14.33 7.87
CA LEU A 150 27.38 -15.64 8.50
C LEU A 150 27.44 -16.71 7.43
N THR A 151 28.64 -17.09 7.05
CA THR A 151 28.83 -18.16 6.08
C THR A 151 29.25 -19.42 6.81
N GLY A 152 28.93 -20.55 6.20
CA GLY A 152 29.24 -21.83 6.82
C GLY A 152 30.70 -21.93 7.17
N LYS A 153 30.99 -22.63 8.26
CA LYS A 153 32.33 -22.75 8.77
C LYS A 153 32.67 -24.21 9.02
N ASN A 154 33.91 -24.59 8.75
CA ASN A 154 34.40 -25.93 9.01
C ASN A 154 33.54 -26.97 8.29
N GLY A 155 33.02 -26.59 7.13
CA GLY A 155 32.21 -27.49 6.35
C GLY A 155 30.80 -27.66 6.82
N LEU A 156 30.37 -26.92 7.84
CA LEU A 156 29.00 -26.99 8.32
C LEU A 156 28.43 -25.59 8.43
N TYR A 157 27.11 -25.50 8.36
CA TYR A 157 26.39 -24.26 8.67
C TYR A 157 25.24 -24.66 9.58
N PRO A 158 25.52 -24.89 10.86
CA PRO A 158 24.47 -25.39 11.77
C PRO A 158 23.36 -24.38 11.95
N ASN A 159 22.15 -24.90 12.17
CA ASN A 159 21.00 -24.06 12.41
C ASN A 159 21.29 -23.13 13.58
N LEU A 160 20.82 -21.90 13.48
CA LEU A 160 21.08 -20.91 14.52
C LEU A 160 19.78 -20.24 14.93
N SER A 161 19.69 -19.94 16.23
CA SER A 161 18.55 -19.21 16.80
C SER A 161 19.15 -18.22 17.79
N LYS A 162 19.50 -17.04 17.29
CA LYS A 162 20.14 -16.01 18.10
C LYS A 162 19.07 -14.97 18.43
N SER A 163 18.33 -15.20 19.51
CA SER A 163 17.24 -14.30 19.88
C SER A 163 17.80 -13.04 20.53
N TYR A 164 16.90 -12.17 20.93
CA TYR A 164 17.26 -10.93 21.61
C TYR A 164 16.02 -10.43 22.33
N ALA A 165 16.12 -10.23 23.63
CA ALA A 165 15.06 -9.60 24.41
C ALA A 165 15.44 -8.15 24.62
N ASN A 166 14.68 -7.23 24.04
CA ASN A 166 15.00 -5.82 24.16
C ASN A 166 14.68 -5.34 25.57
N ASN A 167 15.62 -4.64 26.18
CA ASN A 167 15.45 -4.06 27.50
C ASN A 167 16.08 -2.67 27.57
N LYS A 168 16.14 -1.97 26.46
CA LYS A 168 16.79 -0.66 26.41
C LYS A 168 15.85 0.48 26.75
N GLU A 169 14.59 0.19 27.08
CA GLU A 169 13.58 1.16 27.46
C GLU A 169 13.28 2.18 26.36
N LYS A 170 13.79 1.96 25.15
CA LYS A 170 13.50 2.81 24.01
C LYS A 170 13.25 1.94 22.80
N GLU A 171 12.59 2.52 21.80
CA GLU A 171 12.45 1.85 20.52
C GLU A 171 13.84 1.54 19.96
N VAL A 172 14.03 0.31 19.50
CA VAL A 172 15.30 -0.09 18.92
C VAL A 172 15.05 -0.48 17.48
N LEU A 173 16.08 -0.29 16.65
CA LEU A 173 16.00 -0.54 15.22
C LEU A 173 16.94 -1.67 14.88
N VAL A 174 16.54 -2.54 13.96
CA VAL A 174 17.30 -3.73 13.63
C VAL A 174 17.36 -3.87 12.12
N LEU A 175 18.52 -4.29 11.61
CA LEU A 175 18.73 -4.51 10.18
C LEU A 175 19.17 -5.95 9.95
N TRP A 176 18.94 -6.44 8.74
CA TRP A 176 19.52 -7.69 8.29
C TRP A 176 19.22 -7.83 6.80
N GLY A 177 19.57 -8.97 6.22
CA GLY A 177 19.26 -9.23 4.84
C GLY A 177 19.45 -10.69 4.52
N VAL A 178 18.80 -11.13 3.46
CA VAL A 178 18.91 -12.51 2.99
C VAL A 178 19.48 -12.49 1.59
N HIS A 179 20.55 -13.24 1.40
CA HIS A 179 21.39 -13.13 0.21
C HIS A 179 20.89 -14.11 -0.84
N HIS A 180 20.35 -13.58 -1.93
CA HIS A 180 20.01 -14.43 -3.06
C HIS A 180 21.24 -14.63 -3.94
N PRO A 181 21.85 -15.81 -3.94
CA PRO A 181 22.93 -16.06 -4.87
C PRO A 181 22.40 -16.10 -6.28
N PRO A 182 23.24 -15.83 -7.28
CA PRO A 182 22.79 -15.88 -8.67
C PRO A 182 22.87 -17.26 -9.29
N ASN A 183 23.16 -18.28 -8.50
CA ASN A 183 23.63 -19.54 -9.04
C ASN A 183 23.62 -20.58 -7.93
N ILE A 184 23.06 -21.77 -8.20
CA ILE A 184 22.95 -22.79 -7.17
C ILE A 184 24.32 -23.20 -6.66
N GLY A 185 25.30 -23.27 -7.56
CA GLY A 185 26.65 -23.59 -7.13
C GLY A 185 27.22 -22.60 -6.14
N ASP A 186 26.88 -21.32 -6.33
CA ASP A 186 27.27 -20.31 -5.36
C ASP A 186 26.69 -20.65 -3.99
N GLN A 187 25.41 -21.02 -3.98
CA GLN A 187 24.74 -21.33 -2.73
C GLN A 187 25.35 -22.48 -1.95
N ARG A 188 25.71 -23.55 -2.65
CA ARG A 188 26.32 -24.70 -1.99
C ARG A 188 27.76 -24.43 -1.56
N ALA A 189 28.47 -23.59 -2.30
CA ALA A 189 29.86 -23.29 -1.97
C ALA A 189 29.87 -22.30 -0.82
N LEU A 190 28.77 -21.61 -0.56
CA LEU A 190 28.76 -20.57 0.46
C LEU A 190 27.95 -20.92 1.71
N TYR A 191 26.91 -21.75 1.59
CA TYR A 191 26.09 -22.08 2.76
C TYR A 191 25.79 -23.56 2.91
N HIS A 192 26.30 -24.42 2.03
CA HIS A 192 26.24 -25.86 2.23
C HIS A 192 24.81 -26.38 2.31
N THR A 193 23.92 -25.84 1.50
CA THR A 193 22.56 -26.37 1.42
C THR A 193 21.85 -25.89 0.15
N GLU A 194 21.18 -26.82 -0.53
CA GLU A 194 20.40 -26.47 -1.70
C GLU A 194 19.43 -25.34 -1.38
N ASN A 195 18.41 -25.64 -0.59
CA ASN A 195 17.42 -24.66 -0.19
C ASN A 195 17.82 -24.04 1.14
N ALA A 196 17.02 -23.08 1.59
CA ALA A 196 17.24 -22.48 2.90
C ALA A 196 15.99 -21.70 3.27
N TYR A 197 15.81 -21.49 4.57
CA TYR A 197 14.74 -20.64 5.04
C TYR A 197 15.28 -19.73 6.13
N VAL A 198 14.67 -18.55 6.22
CA VAL A 198 14.96 -17.61 7.28
C VAL A 198 13.66 -17.16 7.91
N SER A 199 13.64 -17.07 9.22
CA SER A 199 12.48 -16.58 9.93
C SER A 199 12.92 -15.50 10.91
N VAL A 200 12.13 -14.44 10.98
CA VAL A 200 12.31 -13.40 11.98
C VAL A 200 10.98 -13.21 12.67
N VAL A 201 10.99 -13.09 13.99
CA VAL A 201 9.76 -13.10 14.77
C VAL A 201 9.82 -12.01 15.83
N SER A 202 8.70 -11.31 16.01
CA SER A 202 8.50 -10.42 17.14
C SER A 202 7.15 -10.75 17.75
N SER A 203 6.67 -9.94 18.68
CA SER A 203 5.30 -10.15 19.17
C SER A 203 4.27 -9.48 18.27
N HIS A 204 4.71 -8.79 17.22
CA HIS A 204 3.81 -8.20 16.23
C HIS A 204 4.24 -8.48 14.80
N TYR A 205 5.44 -9.01 14.60
CA TYR A 205 6.06 -9.10 13.28
C TYR A 205 6.59 -10.51 13.10
N SER A 206 6.34 -11.09 11.93
CA SER A 206 6.95 -12.36 11.57
C SER A 206 6.78 -12.56 10.07
N ARG A 207 7.79 -13.11 9.43
CA ARG A 207 7.66 -13.49 8.03
C ARG A 207 8.76 -14.47 7.67
N LYS A 208 8.56 -15.16 6.56
CA LYS A 208 9.31 -16.34 6.18
C LYS A 208 10.10 -16.04 4.92
N PHE A 209 11.39 -16.34 4.92
CA PHE A 209 12.29 -15.96 3.84
C PHE A 209 12.79 -17.21 3.13
N THR A 210 12.52 -17.30 1.84
CA THR A 210 13.08 -18.35 1.00
C THR A 210 13.89 -17.70 -0.11
N PRO A 211 15.22 -17.75 -0.04
CA PRO A 211 16.03 -17.06 -1.06
C PRO A 211 15.96 -17.74 -2.41
N GLU A 212 15.24 -17.14 -3.34
CA GLU A 212 15.15 -17.66 -4.69
C GLU A 212 16.50 -17.55 -5.40
N ILE A 213 16.71 -18.42 -6.37
CA ILE A 213 17.96 -18.48 -7.13
C ILE A 213 17.66 -18.08 -8.57
N ALA A 214 18.37 -17.08 -9.07
CA ALA A 214 18.20 -16.65 -10.45
C ALA A 214 19.35 -15.75 -10.90
N LYS A 215 19.94 -16.04 -12.05
CA LYS A 215 20.95 -15.14 -12.60
C LYS A 215 20.30 -13.84 -13.02
N ARG A 216 20.90 -12.73 -12.60
CA ARG A 216 20.38 -11.40 -12.87
C ARG A 216 21.46 -10.56 -13.54
N PRO A 217 21.08 -9.49 -14.23
CA PRO A 217 22.07 -8.70 -14.97
C PRO A 217 23.20 -8.19 -14.08
N LYS A 218 24.31 -7.88 -14.72
CA LYS A 218 25.44 -7.31 -14.01
C LYS A 218 25.02 -6.00 -13.36
N VAL A 219 25.45 -5.81 -12.11
CA VAL A 219 25.06 -4.67 -11.30
C VAL A 219 26.28 -3.89 -10.81
N ARG A 220 27.24 -4.59 -10.21
CA ARG A 220 28.59 -4.08 -10.00
C ARG A 220 29.60 -5.17 -10.32
N ASP A 221 29.39 -5.82 -11.46
CA ASP A 221 30.22 -6.94 -11.91
C ASP A 221 30.10 -8.07 -10.88
N GLN A 222 28.88 -8.26 -10.37
CA GLN A 222 28.65 -9.27 -9.35
C GLN A 222 27.16 -9.57 -9.25
N GLU A 223 26.78 -10.76 -9.69
CA GLU A 223 25.41 -11.02 -10.13
C GLU A 223 24.43 -11.18 -8.98
N GLY A 224 24.84 -11.77 -7.87
CA GLY A 224 23.92 -11.98 -6.77
C GLY A 224 23.45 -10.69 -6.15
N ARG A 225 22.35 -10.76 -5.41
CA ARG A 225 21.78 -9.59 -4.78
C ARG A 225 21.29 -9.98 -3.39
N ILE A 226 21.12 -8.98 -2.53
CA ILE A 226 20.42 -9.14 -1.26
C ILE A 226 19.19 -8.25 -1.27
N ASN A 227 18.27 -8.54 -0.36
CA ASN A 227 17.28 -7.58 0.09
C ASN A 227 17.55 -7.30 1.55
N TYR A 228 17.81 -6.03 1.87
CA TYR A 228 17.92 -5.63 3.25
C TYR A 228 16.53 -5.43 3.81
N TYR A 229 16.35 -5.71 5.09
CA TYR A 229 15.09 -5.48 5.75
C TYR A 229 15.36 -4.74 7.05
N TRP A 230 14.28 -4.46 7.78
CA TRP A 230 14.40 -3.68 8.99
C TRP A 230 13.09 -3.77 9.75
N THR A 231 13.14 -3.39 11.02
CA THR A 231 11.97 -3.41 11.87
C THR A 231 12.25 -2.60 13.12
N LEU A 232 11.20 -2.33 13.87
CA LEU A 232 11.29 -1.65 15.15
C LEU A 232 10.80 -2.57 16.25
N LEU A 233 11.40 -2.45 17.42
CA LEU A 233 10.98 -3.20 18.59
C LEU A 233 10.54 -2.21 19.66
N GLU A 234 9.29 -2.33 20.09
CA GLU A 234 8.85 -1.59 21.25
C GLU A 234 9.56 -2.15 22.48
N PRO A 235 9.68 -1.35 23.54
CA PRO A 235 10.29 -1.86 24.77
C PRO A 235 9.55 -3.08 25.28
N GLY A 236 10.31 -4.04 25.80
CA GLY A 236 9.74 -5.28 26.28
C GLY A 236 9.50 -6.33 25.23
N ASP A 237 9.89 -6.07 23.98
CA ASP A 237 9.69 -7.01 22.89
C ASP A 237 10.97 -7.81 22.65
N THR A 238 10.81 -9.06 22.26
CA THR A 238 11.92 -9.95 21.97
C THR A 238 11.87 -10.35 20.50
N ILE A 239 12.99 -10.24 19.81
CA ILE A 239 13.09 -10.59 18.40
C ILE A 239 13.92 -11.86 18.29
N ILE A 240 13.46 -12.79 17.45
CA ILE A 240 14.08 -14.10 17.31
C ILE A 240 14.54 -14.27 15.88
N PHE A 241 15.79 -14.67 15.70
CA PHE A 241 16.38 -14.83 14.38
C PHE A 241 16.57 -16.32 14.14
N GLU A 242 15.53 -16.97 13.62
CA GLU A 242 15.63 -18.37 13.25
C GLU A 242 16.05 -18.44 11.78
N ALA A 243 17.14 -19.14 11.51
CA ALA A 243 17.66 -19.21 10.15
C ALA A 243 18.36 -20.54 9.95
N ASN A 244 18.50 -20.90 8.67
CA ASN A 244 19.09 -22.18 8.30
C ASN A 244 20.12 -21.92 7.21
N GLY A 245 19.93 -20.84 6.46
CA GLY A 245 20.88 -20.48 5.44
C GLY A 245 20.53 -19.14 4.83
N ASN A 246 21.55 -18.50 4.26
CA ASN A 246 21.42 -17.21 3.61
C ASN A 246 20.90 -16.16 4.59
N LEU A 247 21.73 -15.86 5.57
CA LEU A 247 21.51 -14.73 6.44
C LEU A 247 22.58 -13.66 6.25
N ILE A 248 22.21 -12.44 6.60
CA ILE A 248 23.17 -11.36 6.83
C ILE A 248 22.80 -10.81 8.20
N ALA A 249 23.37 -11.38 9.25
CA ALA A 249 22.90 -11.10 10.59
C ALA A 249 23.25 -9.66 10.98
N PRO A 250 22.50 -9.09 11.91
CA PRO A 250 22.83 -7.74 12.39
C PRO A 250 24.02 -7.75 13.33
N ARG A 251 24.74 -6.64 13.32
CA ARG A 251 25.86 -6.50 14.24
C ARG A 251 25.73 -5.20 15.03
N TYR A 252 25.17 -4.17 14.40
CA TYR A 252 24.92 -2.87 15.03
C TYR A 252 23.45 -2.53 14.93
N ALA A 253 22.67 -2.95 15.92
CA ALA A 253 21.31 -2.47 16.01
C ALA A 253 21.30 -1.06 16.58
N PHE A 254 20.33 -0.27 16.15
CA PHE A 254 20.26 1.15 16.51
C PHE A 254 19.18 1.34 17.56
N ALA A 255 19.57 1.88 18.70
CA ALA A 255 18.61 2.26 19.74
C ALA A 255 18.17 3.69 19.49
N LEU A 256 16.89 3.88 19.25
CA LEU A 256 16.37 5.11 18.70
C LEU A 256 15.78 6.00 19.78
N SER A 257 15.55 7.27 19.41
CA SER A 257 14.86 8.21 20.29
C SER A 257 14.24 9.29 19.40
N ARG A 258 12.92 9.31 19.34
CA ARG A 258 12.22 10.13 18.35
C ARG A 258 12.22 11.59 18.81
N GLY A 259 11.40 12.41 18.17
CA GLY A 259 11.29 13.80 18.55
C GLY A 259 10.54 14.58 17.50
N PHE A 260 10.80 15.89 17.47
CA PHE A 260 10.23 16.76 16.45
C PHE A 260 11.16 17.96 16.28
N GLY A 261 11.22 18.46 15.05
CA GLY A 261 12.09 19.57 14.70
C GLY A 261 13.19 19.21 13.73
N SER A 262 13.39 17.93 13.44
CA SER A 262 14.41 17.50 12.51
C SER A 262 13.82 17.31 11.12
N GLY A 263 14.61 16.77 10.21
CA GLY A 263 14.13 16.52 8.87
C GLY A 263 15.27 16.10 7.97
N ILE A 264 14.89 15.73 6.75
CA ILE A 264 15.82 15.33 5.70
C ILE A 264 15.69 16.33 4.57
N ILE A 265 16.82 16.82 4.08
CA ILE A 265 16.84 17.75 2.96
C ILE A 265 17.76 17.21 1.89
N THR A 266 17.97 18.01 0.85
CA THR A 266 18.78 17.59 -0.28
C THR A 266 19.42 18.85 -0.85
N SER A 267 20.63 19.13 -0.40
CA SER A 267 21.30 20.39 -0.68
C SER A 267 22.58 20.14 -1.46
N ASN A 268 23.23 21.25 -1.82
CA ASN A 268 24.55 21.24 -2.45
C ASN A 268 25.55 22.13 -1.74
N ALA A 269 25.10 23.08 -0.92
CA ALA A 269 25.99 24.13 -0.44
C ALA A 269 26.97 23.59 0.59
N PRO A 270 28.16 24.19 0.68
CA PRO A 270 29.11 23.80 1.73
C PRO A 270 28.66 24.21 3.11
N MET A 271 29.45 23.92 4.13
CA MET A 271 29.07 24.11 5.52
C MET A 271 30.15 24.93 6.22
N ASP A 272 29.72 25.96 6.95
CA ASP A 272 30.66 26.73 7.77
C ASP A 272 29.93 27.26 9.00
N GLU A 273 30.59 28.17 9.72
CA GLU A 273 30.17 28.56 11.06
C GLU A 273 29.16 29.71 11.01
N CYS A 274 27.99 29.40 10.46
CA CYS A 274 26.86 30.31 10.61
C CYS A 274 26.35 30.27 12.04
N ASP A 275 25.26 31.00 12.28
CA ASP A 275 24.45 30.83 13.48
C ASP A 275 23.06 31.38 13.15
N ALA A 276 22.12 30.49 12.84
CA ALA A 276 20.80 30.90 12.41
C ALA A 276 19.77 29.99 13.07
N LYS A 277 18.54 30.05 12.55
CA LYS A 277 17.44 29.30 13.14
C LYS A 277 16.52 28.65 12.13
N CYS A 278 16.68 28.89 10.83
CA CYS A 278 15.70 28.45 9.84
C CYS A 278 16.45 28.15 8.55
N GLN A 279 16.83 26.89 8.35
CA GLN A 279 17.66 26.49 7.22
C GLN A 279 16.84 25.82 6.14
N THR A 280 17.14 26.16 4.91
CA THR A 280 16.50 25.63 3.73
C THR A 280 17.57 25.09 2.80
N PRO A 281 17.22 24.22 1.84
CA PRO A 281 18.22 23.70 0.91
C PRO A 281 19.12 24.75 0.27
N GLN A 282 18.65 25.99 0.21
CA GLN A 282 19.46 27.09 -0.30
C GLN A 282 20.09 27.93 0.80
N GLY A 283 20.05 27.48 2.04
CA GLY A 283 20.75 28.17 3.10
C GLY A 283 19.84 28.43 4.28
N ALA A 284 20.23 29.40 5.09
CA ALA A 284 19.54 29.74 6.32
C ALA A 284 19.09 31.18 6.30
N ILE A 285 18.18 31.51 7.21
CA ILE A 285 17.61 32.85 7.33
C ILE A 285 17.92 33.38 8.71
N ASN A 286 18.25 34.68 8.78
CA ASN A 286 18.58 35.37 10.02
C ASN A 286 17.83 36.71 10.07
N SER A 287 16.51 36.63 9.87
CA SER A 287 15.66 37.81 9.94
C SER A 287 14.35 37.47 10.62
N SER A 288 13.66 38.50 11.09
CA SER A 288 12.40 38.34 11.79
C SER A 288 11.19 38.66 10.92
N LEU A 289 11.39 38.85 9.61
CA LEU A 289 10.27 39.02 8.71
C LEU A 289 9.46 37.73 8.63
N PRO A 290 8.16 37.82 8.35
CA PRO A 290 7.29 36.65 8.52
C PRO A 290 7.05 35.80 7.29
N PHE A 291 7.44 36.24 6.10
CA PHE A 291 7.19 35.47 4.89
C PHE A 291 8.45 35.45 4.04
N GLN A 292 8.72 34.32 3.40
CA GLN A 292 9.88 34.23 2.53
C GLN A 292 9.51 33.51 1.25
N ASN A 293 10.28 33.80 0.20
CA ASN A 293 10.18 33.12 -1.07
C ASN A 293 11.55 32.59 -1.47
N VAL A 294 12.18 31.85 -0.56
CA VAL A 294 13.46 31.22 -0.82
C VAL A 294 13.31 29.78 -1.29
N HIS A 295 12.53 28.98 -0.58
CA HIS A 295 12.22 27.60 -0.97
C HIS A 295 11.13 27.08 -0.04
N PRO A 296 10.17 26.32 -0.53
CA PRO A 296 9.07 25.87 0.34
C PRO A 296 9.52 25.04 1.53
N VAL A 297 10.32 24.00 1.31
CA VAL A 297 10.74 23.13 2.41
C VAL A 297 11.61 23.91 3.38
N THR A 298 11.36 23.72 4.68
CA THR A 298 12.07 24.44 5.72
C THR A 298 12.54 23.48 6.80
N ILE A 299 13.36 24.01 7.70
CA ILE A 299 13.80 23.30 8.90
C ILE A 299 13.79 24.27 10.06
N GLY A 300 13.33 23.81 11.21
CA GLY A 300 13.22 24.66 12.38
C GLY A 300 12.06 25.62 12.23
N GLU A 301 11.81 26.38 13.31
CA GLU A 301 10.79 27.40 13.23
C GLU A 301 11.19 28.43 12.18
N CYS A 302 10.27 28.74 11.27
CA CYS A 302 10.61 29.47 10.08
C CYS A 302 9.50 30.46 9.77
N PRO A 303 9.82 31.55 9.09
CA PRO A 303 8.76 32.33 8.45
C PRO A 303 8.08 31.49 7.38
N LYS A 304 6.77 31.65 7.25
CA LYS A 304 6.02 30.90 6.27
C LYS A 304 6.51 31.22 4.86
N TYR A 305 6.17 30.35 3.91
CA TYR A 305 6.57 30.52 2.51
C TYR A 305 5.36 30.80 1.65
N VAL A 306 5.57 31.64 0.62
CA VAL A 306 4.57 32.01 -0.37
C VAL A 306 5.23 31.89 -1.74
N ARG A 307 4.41 31.78 -2.78
CA ARG A 307 4.86 31.61 -4.15
C ARG A 307 4.56 32.84 -5.00
N SER A 308 4.82 34.02 -4.46
CA SER A 308 4.62 35.29 -5.17
C SER A 308 5.97 35.99 -5.35
N ALA A 309 5.92 37.22 -5.86
CA ALA A 309 7.13 37.99 -6.12
C ALA A 309 7.37 39.12 -5.13
N LYS A 310 6.32 39.76 -4.64
CA LYS A 310 6.47 40.85 -3.68
C LYS A 310 5.12 41.16 -3.05
N LEU A 311 5.13 41.45 -1.76
CA LEU A 311 3.93 41.84 -1.02
C LEU A 311 4.25 43.14 -0.28
N ARG A 312 3.81 44.26 -0.85
CA ARG A 312 4.27 45.58 -0.43
C ARG A 312 3.45 46.07 0.76
N MET A 313 3.74 45.46 1.91
CA MET A 313 3.29 45.97 3.20
C MET A 313 3.69 47.42 3.34
N VAL A 314 2.71 48.33 3.36
CA VAL A 314 2.98 49.75 3.17
C VAL A 314 2.39 50.56 4.33
N THR A 315 3.18 51.53 4.81
CA THR A 315 2.87 52.31 6.01
C THR A 315 2.45 53.74 5.72
N GLY A 316 3.07 54.41 4.74
CA GLY A 316 2.91 55.84 4.59
C GLY A 316 1.79 56.31 3.69
N LEU A 317 2.06 57.32 2.87
CA LEU A 317 1.06 57.94 2.00
C LEU A 317 1.60 58.11 0.60
N ARG A 318 0.71 58.48 -0.32
CA ARG A 318 1.07 58.58 -1.72
C ARG A 318 2.16 59.62 -1.94
N ASN A 319 3.04 59.33 -2.90
CA ASN A 319 4.17 60.19 -3.25
C ASN A 319 3.61 61.34 -4.06
N ILE A 320 3.25 62.42 -3.38
CA ILE A 320 2.79 63.63 -4.05
C ILE A 320 3.71 64.78 -3.64
N PRO A 321 4.75 65.09 -4.41
CA PRO A 321 5.76 66.05 -3.96
C PRO A 321 5.38 67.51 -4.14
N SER A 322 4.20 67.80 -4.70
CA SER A 322 3.79 69.17 -5.03
C SER A 322 4.84 69.89 -5.87
N ILE A 332 1.80 75.39 2.78
CA ILE A 332 2.15 76.64 2.11
C ILE A 332 0.98 77.11 1.25
N ALA A 333 0.45 76.22 0.42
CA ALA A 333 -0.63 76.57 -0.50
C ALA A 333 -1.76 75.55 -0.56
N GLY A 334 -1.59 74.34 -0.02
CA GLY A 334 -2.64 73.34 -0.02
C GLY A 334 -2.20 72.03 -0.63
N PHE A 335 -2.74 70.93 -0.10
CA PHE A 335 -2.35 69.60 -0.52
C PHE A 335 -3.21 69.03 -1.64
N ILE A 336 -4.30 69.71 -2.01
CA ILE A 336 -5.15 69.22 -3.09
C ILE A 336 -4.35 69.07 -4.37
N GLU A 337 -3.63 70.12 -4.74
CA GLU A 337 -2.76 70.06 -5.91
C GLU A 337 -1.47 69.29 -5.62
N GLY A 338 -0.99 69.32 -4.38
CA GLY A 338 0.24 68.64 -4.02
C GLY A 338 0.57 68.67 -2.55
N GLY A 339 0.96 67.53 -2.00
CA GLY A 339 1.25 67.45 -0.59
C GLY A 339 2.53 68.17 -0.21
N TRP A 340 2.61 68.49 1.09
CA TRP A 340 3.77 69.22 1.60
C TRP A 340 5.05 68.42 1.40
N THR A 341 6.12 69.13 1.03
CA THR A 341 7.43 68.53 0.77
C THR A 341 8.45 68.83 1.85
N GLY A 342 8.52 70.09 2.30
CA GLY A 342 9.52 70.46 3.28
C GLY A 342 9.37 69.74 4.61
N MET A 343 8.14 69.35 4.94
CA MET A 343 7.90 68.64 6.20
C MET A 343 8.78 67.40 6.28
N VAL A 344 9.45 67.23 7.41
CA VAL A 344 10.33 66.07 7.60
C VAL A 344 10.05 65.38 8.93
N ASP A 345 9.54 66.14 9.89
CA ASP A 345 9.51 65.66 11.28
C ASP A 345 8.57 64.47 11.44
N GLY A 346 7.37 64.56 10.88
CA GLY A 346 6.39 63.50 11.08
C GLY A 346 5.51 63.26 9.88
N TRP A 347 4.21 63.20 10.11
CA TRP A 347 3.25 62.94 9.05
C TRP A 347 2.34 64.14 8.79
N TYR A 348 1.64 64.61 9.81
CA TYR A 348 0.65 65.66 9.64
C TYR A 348 0.87 66.75 10.68
N GLY A 349 0.80 67.98 10.22
CA GLY A 349 1.02 69.13 11.07
C GLY A 349 0.45 70.35 10.42
N TYR A 350 1.02 71.49 10.76
CA TYR A 350 0.43 72.77 10.43
C TYR A 350 1.52 73.71 9.93
N HIS A 351 1.12 74.68 9.10
CA HIS A 351 1.99 75.77 8.68
C HIS A 351 1.13 77.02 8.62
N HIS A 352 1.35 77.94 9.55
CA HIS A 352 0.62 79.19 9.59
C HIS A 352 1.60 80.35 9.64
N GLN A 353 1.17 81.47 9.08
CA GLN A 353 1.96 82.70 9.08
C GLN A 353 1.07 83.86 9.53
N ASN A 354 1.64 84.74 10.34
CA ASN A 354 0.92 85.89 10.87
C ASN A 354 1.93 87.01 11.08
N GLU A 355 1.53 88.02 11.85
CA GLU A 355 2.44 89.13 12.14
C GLU A 355 3.57 88.69 13.05
N GLN A 356 3.29 87.79 13.99
CA GLN A 356 4.26 87.42 15.01
C GLN A 356 5.32 86.44 14.54
N GLY A 357 5.12 85.80 13.39
CA GLY A 357 6.11 84.83 12.92
C GLY A 357 5.47 83.85 11.93
N SER A 358 5.99 82.64 11.93
CA SER A 358 5.55 81.59 11.03
C SER A 358 6.06 80.25 11.57
N GLY A 359 5.93 79.21 10.77
CA GLY A 359 6.56 77.94 11.09
C GLY A 359 5.79 76.72 10.60
N TYR A 360 6.54 75.66 10.32
CA TYR A 360 6.00 74.33 10.07
C TYR A 360 5.63 73.68 11.41
N ALA A 361 5.11 72.45 11.33
CA ALA A 361 4.82 71.66 12.52
C ALA A 361 4.41 70.26 12.10
N ALA A 362 4.38 69.36 13.08
CA ALA A 362 3.80 68.03 12.93
C ALA A 362 2.97 67.75 14.17
N ASP A 363 1.70 67.39 13.97
CA ASP A 363 0.81 67.14 15.09
C ASP A 363 1.27 65.87 15.80
N GLN A 364 0.83 65.69 17.04
CA GLN A 364 1.28 64.55 17.82
C GLN A 364 0.19 63.49 17.99
N LYS A 365 -1.00 63.91 18.44
CA LYS A 365 -2.03 62.94 18.79
C LYS A 365 -2.52 62.17 17.57
N SER A 366 -2.77 62.86 16.46
CA SER A 366 -3.16 62.15 15.24
C SER A 366 -2.06 61.20 14.79
N THR A 367 -0.82 61.68 14.77
CA THR A 367 0.29 60.83 14.37
C THR A 367 0.50 59.70 15.36
N GLN A 368 0.28 59.95 16.66
CA GLN A 368 0.47 58.89 17.64
C GLN A 368 -0.58 57.79 17.47
N ASN A 369 -1.85 58.17 17.29
CA ASN A 369 -2.87 57.18 17.01
C ASN A 369 -2.57 56.44 15.72
N ALA A 370 -2.10 57.16 14.71
CA ALA A 370 -1.79 56.54 13.43
C ALA A 370 -0.66 55.52 13.56
N ILE A 371 0.42 55.88 14.25
CA ILE A 371 1.53 54.94 14.37
C ILE A 371 1.12 53.77 15.24
N ASN A 372 0.26 54.00 16.23
CA ASN A 372 -0.33 52.88 16.95
C ASN A 372 -1.05 51.95 16.00
N GLY A 373 -1.81 52.52 15.05
CA GLY A 373 -2.44 51.72 14.02
C GLY A 373 -1.43 50.96 13.18
N ILE A 374 -0.30 51.60 12.88
CA ILE A 374 0.73 50.93 12.08
C ILE A 374 1.32 49.74 12.82
N THR A 375 1.69 49.93 14.09
CA THR A 375 2.23 48.83 14.87
C THR A 375 1.20 47.72 15.03
N ASN A 376 -0.06 48.09 15.24
CA ASN A 376 -1.11 47.08 15.33
C ASN A 376 -1.23 46.31 14.02
N LYS A 377 -1.11 47.00 12.89
CA LYS A 377 -1.28 46.32 11.60
C LYS A 377 -0.11 45.38 11.32
N VAL A 378 1.12 45.82 11.59
CA VAL A 378 2.27 44.95 11.35
C VAL A 378 2.26 43.77 12.30
N ASN A 379 2.03 44.01 13.60
CA ASN A 379 2.05 42.91 14.54
C ASN A 379 0.86 41.97 14.32
N SER A 380 -0.25 42.51 13.82
CA SER A 380 -1.35 41.65 13.43
C SER A 380 -0.94 40.73 12.30
N VAL A 381 -0.43 41.31 11.21
CA VAL A 381 -0.12 40.48 10.05
C VAL A 381 0.97 39.47 10.37
N ILE A 382 1.85 39.76 11.33
CA ILE A 382 2.88 38.78 11.64
C ILE A 382 2.36 37.74 12.63
N GLU A 383 1.48 38.11 13.55
CA GLU A 383 0.97 37.20 14.54
C GLU A 383 -0.36 36.57 14.16
N LYS A 384 -0.91 36.87 12.99
CA LYS A 384 -2.13 36.22 12.56
C LYS A 384 -1.86 35.08 11.58
N MET A 385 -0.60 34.70 11.41
CA MET A 385 -0.27 33.45 10.74
C MET A 385 -0.12 32.36 11.78
N ASN A 386 -0.77 31.23 11.55
CA ASN A 386 -0.81 30.15 12.52
C ASN A 386 0.46 29.31 12.42
N THR A 387 0.42 28.10 13.00
CA THR A 387 1.58 27.21 13.02
C THR A 387 2.13 26.97 11.62
N GLN A 388 3.37 26.51 11.60
CA GLN A 388 4.04 26.08 10.37
C GLN A 388 4.32 24.58 10.46
N PHE A 389 4.15 23.90 9.34
CA PHE A 389 4.35 22.46 9.23
C PHE A 389 5.56 22.14 8.38
N THR A 390 6.24 21.04 8.71
CA THR A 390 7.44 20.66 7.97
C THR A 390 7.04 20.09 6.61
N ALA A 391 6.84 20.95 5.62
CA ALA A 391 6.32 20.54 4.33
C ALA A 391 7.41 19.97 3.43
N VAL A 392 8.16 19.01 3.94
CA VAL A 392 9.22 18.39 3.15
C VAL A 392 8.61 17.48 2.10
N GLY A 393 9.09 17.60 0.87
CA GLY A 393 8.62 16.73 -0.19
C GLY A 393 9.12 15.32 0.00
N LYS A 394 8.23 14.41 0.42
CA LYS A 394 8.63 13.06 0.73
C LYS A 394 8.89 12.27 -0.54
N GLU A 395 9.24 11.00 -0.40
CA GLU A 395 9.61 10.17 -1.52
C GLU A 395 8.72 8.94 -1.60
N PHE A 396 8.46 8.51 -2.83
CA PHE A 396 7.63 7.34 -3.06
C PHE A 396 8.21 6.57 -4.25
N ASN A 397 7.86 5.29 -4.32
CA ASN A 397 8.45 4.42 -5.34
C ASN A 397 7.97 4.80 -6.72
N LYS A 398 8.44 4.06 -7.71
CA LYS A 398 7.96 4.20 -9.09
C LYS A 398 6.70 3.40 -9.35
N LEU A 399 6.18 2.71 -8.35
CA LEU A 399 4.97 1.92 -8.46
C LEU A 399 3.83 2.47 -7.63
N GLU A 400 4.12 3.33 -6.67
CA GLU A 400 3.12 3.81 -5.73
C GLU A 400 2.81 5.29 -5.89
N ARG A 401 3.12 5.88 -7.03
CA ARG A 401 3.15 7.34 -7.04
C ARG A 401 1.77 7.96 -7.01
N ARG A 402 0.70 7.16 -7.12
CA ARG A 402 -0.61 7.72 -6.79
C ARG A 402 -0.52 8.47 -5.48
N MET A 403 0.22 7.90 -4.54
CA MET A 403 0.59 8.62 -3.33
C MET A 403 1.28 9.92 -3.69
N GLU A 404 2.31 9.85 -4.54
CA GLU A 404 3.08 11.02 -4.91
C GLU A 404 2.21 12.04 -5.64
N ASN A 405 1.36 11.57 -6.55
CA ASN A 405 0.52 12.50 -7.28
C ASN A 405 -0.42 13.23 -6.33
N LEU A 406 -1.07 12.50 -5.43
CA LEU A 406 -1.97 13.14 -4.48
C LEU A 406 -1.22 14.11 -3.59
N ASN A 407 -0.04 13.71 -3.12
CA ASN A 407 0.74 14.56 -2.23
C ASN A 407 1.17 15.83 -2.93
N LYS A 408 1.63 15.73 -4.16
CA LYS A 408 1.98 16.92 -4.92
C LYS A 408 0.77 17.81 -5.11
N LYS A 409 -0.39 17.21 -5.40
CA LYS A 409 -1.61 17.99 -5.53
C LYS A 409 -1.91 18.75 -4.24
N VAL A 410 -1.81 18.05 -3.11
CA VAL A 410 -2.10 18.69 -1.81
C VAL A 410 -1.15 19.84 -1.58
N ASP A 411 0.14 19.61 -1.75
CA ASP A 411 1.12 20.65 -1.43
C ASP A 411 0.95 21.85 -2.34
N ASP A 412 0.77 21.61 -3.63
CA ASP A 412 0.58 22.73 -4.55
C ASP A 412 -0.69 23.49 -4.20
N GLY A 413 -1.76 22.79 -3.86
CA GLY A 413 -2.96 23.47 -3.43
C GLY A 413 -2.72 24.34 -2.21
N PHE A 414 -1.94 23.85 -1.26
CA PHE A 414 -1.74 24.61 -0.02
C PHE A 414 -0.89 25.85 -0.27
N LEU A 415 0.20 25.71 -1.02
CA LEU A 415 1.02 26.88 -1.31
C LEU A 415 0.24 27.89 -2.14
N ASP A 416 -0.51 27.40 -3.13
CA ASP A 416 -1.39 28.26 -3.90
C ASP A 416 -2.37 29.03 -3.02
N ILE A 417 -3.08 28.32 -2.15
CA ILE A 417 -4.11 28.96 -1.33
C ILE A 417 -3.48 30.00 -0.44
N TRP A 418 -2.33 29.69 0.16
CA TRP A 418 -1.68 30.68 1.01
C TRP A 418 -1.16 31.87 0.23
N THR A 419 -0.68 31.66 -0.99
CA THR A 419 -0.34 32.80 -1.84
C THR A 419 -1.54 33.73 -1.98
N TYR A 420 -2.68 33.15 -2.35
CA TYR A 420 -3.88 33.96 -2.52
C TYR A 420 -4.23 34.70 -1.23
N ASN A 421 -4.24 33.99 -0.11
CA ASN A 421 -4.65 34.60 1.15
C ASN A 421 -3.71 35.71 1.57
N ALA A 422 -2.40 35.50 1.47
CA ALA A 422 -1.47 36.53 1.88
C ALA A 422 -1.60 37.75 0.99
N GLU A 423 -1.69 37.56 -0.32
CA GLU A 423 -1.85 38.69 -1.22
C GLU A 423 -3.12 39.48 -0.87
N LEU A 424 -4.23 38.76 -0.68
CA LEU A 424 -5.50 39.43 -0.40
C LEU A 424 -5.44 40.20 0.91
N LEU A 425 -4.85 39.60 1.96
CA LEU A 425 -4.75 40.32 3.23
C LEU A 425 -3.89 41.55 3.09
N VAL A 426 -2.76 41.44 2.37
CA VAL A 426 -1.92 42.60 2.16
C VAL A 426 -2.71 43.72 1.50
N LEU A 427 -3.41 43.39 0.42
CA LEU A 427 -4.21 44.39 -0.27
C LEU A 427 -5.21 45.03 0.68
N LEU A 428 -5.98 44.20 1.39
CA LEU A 428 -7.03 44.70 2.27
C LEU A 428 -6.46 45.64 3.31
N GLU A 429 -5.47 45.20 4.06
CA GLU A 429 -5.02 46.01 5.18
C GLU A 429 -4.28 47.25 4.72
N ASN A 430 -3.52 47.16 3.63
CA ASN A 430 -2.79 48.34 3.19
C ASN A 430 -3.75 49.42 2.68
N GLU A 431 -4.73 49.05 1.85
CA GLU A 431 -5.76 50.04 1.51
C GLU A 431 -6.41 50.59 2.77
N ARG A 432 -6.81 49.73 3.70
CA ARG A 432 -7.59 50.22 4.82
C ARG A 432 -6.79 51.18 5.67
N THR A 433 -5.50 50.91 5.87
CA THR A 433 -4.71 51.82 6.71
C THR A 433 -4.39 53.12 5.98
N LEU A 434 -4.12 53.07 4.67
CA LEU A 434 -3.85 54.33 3.98
C LEU A 434 -5.09 55.22 3.92
N ASP A 435 -6.27 54.63 3.69
CA ASP A 435 -7.48 55.45 3.79
C ASP A 435 -7.79 55.84 5.22
N PHE A 436 -7.33 55.07 6.21
CA PHE A 436 -7.39 55.54 7.59
C PHE A 436 -6.60 56.84 7.73
N HIS A 437 -5.40 56.86 7.15
CA HIS A 437 -4.57 58.06 7.22
C HIS A 437 -5.26 59.23 6.53
N ASP A 438 -5.83 58.96 5.35
CA ASP A 438 -6.57 60.00 4.63
C ASP A 438 -7.72 60.53 5.47
N SER A 439 -8.50 59.63 6.07
CA SER A 439 -9.63 60.06 6.88
C SER A 439 -9.18 60.84 8.09
N ASN A 440 -8.00 60.52 8.64
CA ASN A 440 -7.50 61.31 9.76
C ASN A 440 -7.18 62.74 9.33
N VAL A 441 -6.52 62.88 8.18
CA VAL A 441 -6.29 64.21 7.62
C VAL A 441 -7.62 64.94 7.46
N LYS A 442 -8.62 64.25 6.92
CA LYS A 442 -9.91 64.89 6.68
C LYS A 442 -10.60 65.28 7.99
N ASN A 443 -10.47 64.47 9.04
CA ASN A 443 -11.16 64.83 10.27
C ASN A 443 -10.51 66.05 10.88
N LEU A 444 -9.18 66.15 10.80
CA LEU A 444 -8.54 67.35 11.32
C LEU A 444 -8.96 68.57 10.49
N TYR A 445 -9.08 68.38 9.17
CA TYR A 445 -9.61 69.41 8.29
C TYR A 445 -10.96 69.92 8.75
N GLU A 446 -11.90 69.01 8.95
CA GLU A 446 -13.25 69.42 9.33
C GLU A 446 -13.28 69.98 10.74
N LYS A 447 -12.42 69.48 11.62
CA LYS A 447 -12.34 69.99 12.99
C LYS A 447 -11.93 71.45 12.98
N VAL A 448 -10.87 71.79 12.26
CA VAL A 448 -10.48 73.20 12.20
C VAL A 448 -11.54 74.01 11.45
N LYS A 449 -12.22 73.39 10.48
CA LYS A 449 -13.30 74.08 9.78
C LYS A 449 -14.39 74.51 10.75
N SER A 450 -14.71 73.67 11.73
CA SER A 450 -15.94 73.82 12.51
C SER A 450 -16.14 75.25 13.03
N GLN A 451 -15.22 75.74 13.86
CA GLN A 451 -15.48 76.98 14.57
C GLN A 451 -15.33 78.23 13.71
N LEU A 452 -14.98 78.09 12.44
CA LEU A 452 -14.61 79.21 11.58
C LEU A 452 -15.75 79.61 10.65
N LYS A 453 -16.98 79.56 11.15
CA LYS A 453 -18.15 79.76 10.29
C LYS A 453 -18.16 81.14 9.65
N ASN A 454 -17.85 82.19 10.42
CA ASN A 454 -18.05 83.55 9.93
C ASN A 454 -16.92 84.52 10.26
N ASN A 455 -15.82 84.08 10.85
CA ASN A 455 -14.77 85.01 11.27
C ASN A 455 -13.40 84.65 10.70
N ALA A 456 -13.38 83.98 9.55
CA ALA A 456 -12.18 83.87 8.74
C ALA A 456 -12.64 83.52 7.33
N LYS A 457 -12.59 84.49 6.42
CA LYS A 457 -13.20 84.31 5.11
C LYS A 457 -12.38 83.26 4.38
N GLU A 458 -12.85 82.01 4.46
CA GLU A 458 -12.09 80.87 3.99
C GLU A 458 -11.86 81.00 2.49
N ILE A 459 -10.59 81.12 2.10
CA ILE A 459 -10.26 81.40 0.70
C ILE A 459 -10.51 80.22 -0.21
N GLY A 460 -10.84 79.05 0.34
CA GLY A 460 -11.00 77.89 -0.53
C GLY A 460 -9.65 77.37 -0.98
N ASN A 461 -9.67 76.70 -2.14
CA ASN A 461 -8.49 76.15 -2.80
C ASN A 461 -7.74 75.14 -1.94
N GLY A 462 -8.31 74.71 -0.82
CA GLY A 462 -7.74 73.68 0.00
C GLY A 462 -7.04 74.19 1.25
N CYS A 463 -6.59 75.44 1.25
CA CYS A 463 -5.84 75.98 2.37
C CYS A 463 -6.59 77.16 2.97
N PHE A 464 -6.49 77.33 4.28
CA PHE A 464 -7.32 78.27 5.01
C PHE A 464 -6.55 79.56 5.28
N GLU A 465 -7.15 80.44 6.07
CA GLU A 465 -6.54 81.72 6.44
C GLU A 465 -7.18 82.20 7.73
N PHE A 466 -6.81 83.41 8.14
CA PHE A 466 -7.50 84.16 9.19
C PHE A 466 -7.97 85.48 8.62
N TYR A 467 -9.24 85.81 8.89
CA TYR A 467 -9.76 87.11 8.47
C TYR A 467 -8.95 88.25 9.08
N HIS A 468 -8.44 88.05 10.29
CA HIS A 468 -7.76 89.12 11.03
C HIS A 468 -6.43 88.65 11.60
N LYS A 469 -5.82 89.49 12.44
CA LYS A 469 -4.55 89.21 13.08
C LYS A 469 -4.78 88.66 14.47
N CYS A 470 -3.80 87.90 14.96
CA CYS A 470 -3.80 87.46 16.35
C CYS A 470 -2.41 86.99 16.74
N ASN A 471 -2.12 87.09 18.05
CA ASN A 471 -0.79 86.91 18.60
C ASN A 471 -0.59 85.46 19.09
N ASN A 472 0.44 85.25 19.91
CA ASN A 472 0.83 83.91 20.32
C ASN A 472 -0.31 83.17 21.02
N GLU A 473 -1.07 83.87 21.86
CA GLU A 473 -2.18 83.23 22.56
C GLU A 473 -3.22 82.70 21.57
N CYS A 474 -3.47 83.45 20.49
CA CYS A 474 -4.38 82.99 19.46
C CYS A 474 -3.92 81.68 18.83
N MET A 475 -2.67 81.64 18.38
CA MET A 475 -2.18 80.44 17.70
C MET A 475 -2.11 79.25 18.65
N GLU A 476 -1.72 79.46 19.91
CA GLU A 476 -1.74 78.34 20.85
C GLU A 476 -3.17 77.85 21.10
N SER A 477 -4.12 78.77 21.28
CA SER A 477 -5.50 78.38 21.54
C SER A 477 -6.09 77.61 20.38
N VAL A 478 -5.85 78.06 19.14
CA VAL A 478 -6.35 77.31 18.00
C VAL A 478 -5.52 76.04 17.79
N LYS A 479 -4.29 76.01 18.31
CA LYS A 479 -3.49 74.80 18.27
C LYS A 479 -4.19 73.72 19.07
N ASN A 480 -4.74 74.10 20.22
CA ASN A 480 -5.58 73.17 20.99
C ASN A 480 -6.85 72.81 20.22
N GLY A 481 -7.49 73.79 19.60
CA GLY A 481 -8.68 73.51 18.81
C GLY A 481 -9.96 74.16 19.33
N THR A 482 -9.82 75.34 19.94
CA THR A 482 -10.92 76.06 20.58
C THR A 482 -11.03 77.47 20.02
N TYR A 483 -11.06 77.59 18.70
CA TYR A 483 -10.92 78.88 18.05
C TYR A 483 -12.05 79.82 18.46
N ASP A 484 -11.69 81.05 18.80
CA ASP A 484 -12.62 82.01 19.38
C ASP A 484 -13.44 82.66 18.27
N TYR A 485 -14.61 82.07 17.98
CA TYR A 485 -15.43 82.59 16.88
C TYR A 485 -16.10 83.90 17.27
N PRO A 486 -16.91 83.99 18.33
CA PRO A 486 -17.60 85.25 18.63
C PRO A 486 -16.70 86.33 19.22
N LYS A 487 -15.51 85.97 19.72
CA LYS A 487 -14.69 86.92 20.46
C LYS A 487 -14.11 88.00 19.57
N TYR A 488 -13.81 87.67 18.32
CA TYR A 488 -13.15 88.59 17.40
C TYR A 488 -14.06 88.93 16.22
N SER A 489 -15.33 89.21 16.50
CA SER A 489 -16.35 89.38 15.48
C SER A 489 -16.75 90.84 15.30
N GLU A 490 -15.80 91.75 15.41
CA GLU A 490 -16.11 93.17 15.30
C GLU A 490 -16.23 93.66 13.86
N GLU A 491 -16.29 92.76 12.88
CA GLU A 491 -16.64 93.13 11.51
C GLU A 491 -17.02 91.86 10.75
N ASP B 1 -31.57 78.64 -15.44
CA ASP B 1 -30.76 79.01 -14.28
C ASP B 1 -30.48 77.81 -13.40
N THR B 2 -30.76 76.62 -13.91
CA THR B 2 -30.56 75.37 -13.19
C THR B 2 -29.33 74.65 -13.72
N ILE B 3 -28.67 73.93 -12.82
CA ILE B 3 -27.52 73.08 -13.13
C ILE B 3 -27.37 72.08 -12.01
N CYS B 4 -27.20 70.81 -12.34
CA CYS B 4 -27.00 69.80 -11.30
C CYS B 4 -26.61 68.47 -11.93
N ILE B 5 -26.29 67.52 -11.07
CA ILE B 5 -25.54 66.33 -11.43
C ILE B 5 -26.41 65.10 -11.19
N GLY B 6 -26.06 64.02 -11.88
CA GLY B 6 -26.74 62.76 -11.69
C GLY B 6 -25.98 61.63 -12.34
N TYR B 7 -26.32 60.41 -11.94
CA TYR B 7 -25.70 59.21 -12.48
C TYR B 7 -26.67 58.51 -13.42
N HIS B 8 -26.21 58.26 -14.65
CA HIS B 8 -26.98 57.56 -15.66
C HIS B 8 -27.53 56.25 -15.13
N ALA B 9 -28.85 56.13 -15.10
CA ALA B 9 -29.54 54.94 -14.61
C ALA B 9 -30.39 54.40 -15.74
N ASN B 10 -29.81 53.51 -16.56
CA ASN B 10 -30.54 52.92 -17.67
C ASN B 10 -31.48 51.84 -17.12
N ASN B 11 -32.04 51.04 -18.02
CA ASN B 11 -33.07 50.06 -17.68
C ASN B 11 -32.52 48.67 -17.41
N SER B 12 -31.20 48.48 -17.44
CA SER B 12 -30.63 47.14 -17.31
C SER B 12 -31.09 46.50 -16.00
N THR B 13 -31.45 45.22 -16.09
CA THR B 13 -32.30 44.57 -15.09
C THR B 13 -31.73 43.23 -14.64
N ASP B 14 -30.43 43.20 -14.31
CA ASP B 14 -29.85 42.02 -13.69
C ASP B 14 -29.43 42.32 -12.26
N THR B 15 -29.57 41.32 -11.40
CA THR B 15 -29.52 41.48 -9.95
C THR B 15 -28.22 40.91 -9.42
N VAL B 16 -27.53 41.69 -8.57
CA VAL B 16 -26.24 41.29 -8.03
C VAL B 16 -26.34 41.24 -6.52
N ASP B 17 -25.54 40.37 -5.92
CA ASP B 17 -25.63 40.07 -4.50
C ASP B 17 -24.73 40.99 -3.68
N THR B 18 -25.21 41.37 -2.51
CA THR B 18 -24.44 42.13 -1.54
C THR B 18 -24.60 41.51 -0.16
N VAL B 19 -23.57 41.68 0.68
CA VAL B 19 -23.66 41.23 2.06
C VAL B 19 -24.59 42.10 2.89
N LEU B 20 -25.05 43.22 2.34
CA LEU B 20 -25.93 44.14 3.05
C LEU B 20 -27.30 44.30 2.40
N GLU B 21 -27.58 43.63 1.29
CA GLU B 21 -28.88 43.72 0.66
C GLU B 21 -29.10 42.47 -0.19
N LYS B 22 -30.37 42.18 -0.47
CA LYS B 22 -30.77 40.97 -1.19
C LYS B 22 -30.89 41.27 -2.68
N ASN B 23 -29.84 40.91 -3.44
CA ASN B 23 -29.88 40.88 -4.90
C ASN B 23 -30.36 42.22 -5.48
N VAL B 24 -29.56 43.25 -5.24
CA VAL B 24 -29.87 44.57 -5.79
C VAL B 24 -29.76 44.54 -7.30
N THR B 25 -30.69 45.22 -7.97
CA THR B 25 -30.63 45.38 -9.42
C THR B 25 -29.65 46.49 -9.77
N VAL B 26 -28.73 46.19 -10.68
CA VAL B 26 -27.69 47.14 -11.08
C VAL B 26 -27.45 46.98 -12.58
N THR B 27 -27.08 48.08 -13.24
CA THR B 27 -27.06 48.13 -14.69
C THR B 27 -26.12 47.13 -15.35
N HIS B 28 -24.81 47.32 -15.22
CA HIS B 28 -23.84 46.54 -15.97
C HIS B 28 -23.24 45.45 -15.10
N SER B 29 -23.12 44.25 -15.68
CA SER B 29 -22.52 43.14 -14.96
C SER B 29 -21.95 42.16 -15.99
N VAL B 30 -20.66 42.24 -16.24
CA VAL B 30 -19.99 41.23 -17.04
C VAL B 30 -19.88 39.96 -16.20
N ASN B 31 -20.70 38.97 -16.53
CA ASN B 31 -20.71 37.74 -15.73
C ASN B 31 -19.36 37.06 -15.79
N LEU B 32 -19.10 36.23 -14.78
CA LEU B 32 -17.85 35.47 -14.72
C LEU B 32 -18.04 33.97 -14.76
N LEU B 33 -19.24 33.46 -14.45
CA LEU B 33 -19.48 32.03 -14.41
C LEU B 33 -19.93 31.55 -15.78
N GLU B 34 -18.98 31.16 -16.60
CA GLU B 34 -19.28 30.50 -17.87
C GLU B 34 -19.95 29.16 -17.60
N ASP B 35 -21.17 28.98 -18.11
CA ASP B 35 -21.91 27.74 -17.87
C ASP B 35 -22.63 27.32 -19.15
N SER B 36 -21.92 27.35 -20.27
CA SER B 36 -22.48 26.94 -21.56
C SER B 36 -21.52 25.96 -22.22
N HIS B 37 -21.66 24.68 -21.85
CA HIS B 37 -20.92 23.61 -22.50
C HIS B 37 -21.71 23.11 -23.70
N ASN B 38 -21.01 22.84 -24.81
CA ASN B 38 -21.68 22.41 -26.02
C ASN B 38 -22.42 21.10 -25.83
N GLY B 39 -21.96 20.26 -24.90
CA GLY B 39 -22.61 19.00 -24.64
C GLY B 39 -22.03 17.81 -25.39
N LYS B 40 -20.83 17.94 -25.96
CA LYS B 40 -20.28 16.87 -26.78
C LYS B 40 -18.77 17.04 -26.86
N LEU B 41 -18.09 15.93 -27.12
CA LEU B 41 -16.63 15.93 -27.15
C LEU B 41 -16.11 16.73 -28.33
N CYS B 42 -14.93 17.31 -28.14
CA CYS B 42 -14.35 18.20 -29.14
C CYS B 42 -12.83 18.08 -29.14
N LEU B 43 -12.23 18.51 -30.24
CA LEU B 43 -10.79 18.41 -30.44
C LEU B 43 -10.03 19.14 -29.33
N LEU B 44 -8.75 18.82 -29.22
CA LEU B 44 -7.86 19.45 -28.25
C LEU B 44 -6.73 20.07 -29.08
N LYS B 45 -6.82 21.38 -29.32
CA LYS B 45 -5.99 22.12 -30.26
C LYS B 45 -5.70 21.31 -31.52
N GLY B 46 -6.72 20.63 -32.04
CA GLY B 46 -6.61 19.95 -33.32
C GLY B 46 -6.24 18.49 -33.24
N ILE B 47 -5.68 18.03 -32.13
CA ILE B 47 -5.29 16.63 -31.99
C ILE B 47 -6.53 15.83 -31.59
N ALA B 48 -6.84 14.80 -32.36
CA ALA B 48 -8.06 14.06 -32.14
C ALA B 48 -8.03 13.33 -30.79
N PRO B 49 -9.19 13.08 -30.20
CA PRO B 49 -9.22 12.30 -28.95
C PRO B 49 -9.05 10.82 -29.24
N LEU B 50 -8.27 10.16 -28.39
CA LEU B 50 -8.14 8.70 -28.51
C LEU B 50 -9.45 8.14 -27.99
N GLN B 51 -10.41 7.99 -28.89
CA GLN B 51 -11.72 7.50 -28.51
C GLN B 51 -11.61 6.00 -28.27
N LEU B 52 -11.43 5.62 -27.00
CA LEU B 52 -11.26 4.21 -26.66
C LEU B 52 -12.46 3.36 -27.04
N GLY B 53 -13.62 3.97 -27.22
CA GLY B 53 -14.77 3.18 -27.59
C GLY B 53 -15.14 2.19 -26.51
N ASN B 54 -15.46 0.96 -26.93
CA ASN B 54 -16.06 0.01 -26.02
C ASN B 54 -15.06 -0.60 -25.05
N CYS B 55 -13.85 -0.90 -25.50
CA CYS B 55 -12.91 -1.60 -24.64
C CYS B 55 -12.40 -0.71 -23.51
N SER B 56 -12.16 -1.33 -22.37
CA SER B 56 -11.56 -0.64 -21.24
C SER B 56 -10.08 -0.39 -21.50
N VAL B 57 -9.45 0.35 -20.60
CA VAL B 57 -8.00 0.54 -20.69
C VAL B 57 -7.29 -0.79 -20.52
N ALA B 58 -7.76 -1.61 -19.58
CA ALA B 58 -7.23 -2.96 -19.47
C ALA B 58 -7.41 -3.72 -20.78
N GLY B 59 -8.56 -3.54 -21.42
CA GLY B 59 -8.77 -4.18 -22.71
C GLY B 59 -7.85 -3.65 -23.78
N TRP B 60 -7.67 -2.33 -23.84
CA TRP B 60 -6.95 -1.75 -24.97
C TRP B 60 -5.46 -2.01 -24.87
N ILE B 61 -4.88 -1.86 -23.68
CA ILE B 61 -3.45 -2.11 -23.54
C ILE B 61 -3.12 -3.56 -23.85
N LEU B 62 -4.07 -4.46 -23.63
CA LEU B 62 -3.90 -5.86 -23.95
C LEU B 62 -4.35 -6.20 -25.36
N GLY B 63 -4.76 -5.21 -26.15
CA GLY B 63 -5.15 -5.45 -27.52
C GLY B 63 -6.40 -6.29 -27.69
N ASN B 64 -7.38 -6.11 -26.82
CA ASN B 64 -8.67 -6.79 -26.82
C ASN B 64 -9.19 -6.93 -28.26
N PRO B 65 -9.68 -8.10 -28.65
CA PRO B 65 -10.09 -8.28 -30.04
C PRO B 65 -11.38 -7.56 -30.43
N GLU B 66 -11.88 -6.66 -29.59
CA GLU B 66 -13.04 -5.88 -29.96
C GLU B 66 -12.70 -4.45 -30.37
N CYS B 67 -11.57 -3.93 -29.94
CA CYS B 67 -11.07 -2.66 -30.49
C CYS B 67 -9.76 -2.87 -31.23
N GLU B 68 -9.71 -3.90 -32.08
CA GLU B 68 -8.58 -4.06 -32.99
C GLU B 68 -8.35 -2.79 -33.79
N LEU B 69 -9.42 -2.10 -34.17
CA LEU B 69 -9.29 -0.87 -34.95
C LEU B 69 -8.54 0.21 -34.20
N LEU B 70 -8.37 0.06 -32.90
CA LEU B 70 -7.65 1.04 -32.09
C LEU B 70 -6.14 0.91 -32.20
N ILE B 71 -5.67 -0.11 -32.93
CA ILE B 71 -4.24 -0.41 -32.98
C ILE B 71 -3.47 0.74 -33.62
N SER B 72 -4.00 1.30 -34.70
CA SER B 72 -3.20 2.10 -35.62
C SER B 72 -3.10 3.57 -35.25
N LYS B 73 -3.53 3.97 -34.05
CA LYS B 73 -3.34 5.34 -33.59
C LYS B 73 -2.37 5.35 -32.42
N GLU B 74 -1.24 6.04 -32.60
CA GLU B 74 -0.18 6.07 -31.62
C GLU B 74 0.05 7.44 -31.01
N SER B 75 -0.53 8.49 -31.57
CA SER B 75 -0.48 9.83 -31.02
C SER B 75 -1.89 10.32 -30.79
N TRP B 76 -2.09 11.06 -29.72
CA TRP B 76 -3.45 11.42 -29.32
C TRP B 76 -3.36 12.54 -28.29
N SER B 77 -4.52 12.89 -27.72
CA SER B 77 -4.61 13.97 -26.75
C SER B 77 -5.08 13.49 -25.39
N TYR B 78 -6.21 12.79 -25.33
CA TYR B 78 -6.80 12.42 -24.06
C TYR B 78 -7.70 11.21 -24.23
N ILE B 79 -7.58 10.26 -23.30
CA ILE B 79 -8.37 9.04 -23.37
C ILE B 79 -9.83 9.36 -23.10
N VAL B 80 -10.71 8.52 -23.58
CA VAL B 80 -12.13 8.58 -23.27
C VAL B 80 -12.55 7.17 -22.85
N GLU B 81 -13.60 7.08 -22.04
CA GLU B 81 -14.01 5.78 -21.52
C GLU B 81 -15.51 5.76 -21.29
N THR B 82 -16.20 4.83 -21.92
CA THR B 82 -17.57 4.57 -21.54
C THR B 82 -17.59 4.08 -20.10
N PRO B 83 -18.48 4.58 -19.25
CA PRO B 83 -18.38 4.28 -17.81
C PRO B 83 -18.43 2.81 -17.46
N ASN B 84 -19.14 1.99 -18.23
CA ASN B 84 -19.25 0.55 -17.96
C ASN B 84 -18.82 -0.21 -19.20
N PRO B 85 -17.51 -0.25 -19.48
CA PRO B 85 -17.04 -0.98 -20.65
C PRO B 85 -17.20 -2.48 -20.43
N GLU B 86 -17.86 -3.14 -21.37
CA GLU B 86 -18.16 -4.56 -21.24
C GLU B 86 -17.04 -5.42 -21.82
N ASN B 87 -16.75 -5.27 -23.11
CA ASN B 87 -15.71 -6.05 -23.77
C ASN B 87 -14.34 -5.50 -23.36
N GLY B 88 -13.97 -5.79 -22.12
CA GLY B 88 -12.74 -5.31 -21.54
C GLY B 88 -11.64 -6.35 -21.54
N THR B 89 -11.42 -6.99 -20.39
CA THR B 89 -10.45 -8.08 -20.30
C THR B 89 -11.18 -9.37 -20.69
N CYS B 90 -10.94 -9.82 -21.93
CA CYS B 90 -11.71 -10.92 -22.47
C CYS B 90 -11.46 -12.23 -21.74
N TYR B 91 -10.20 -12.60 -21.56
CA TYR B 91 -9.93 -13.73 -20.69
C TYR B 91 -9.98 -13.28 -19.24
N PRO B 92 -10.72 -13.96 -18.38
CA PRO B 92 -10.94 -13.46 -17.03
C PRO B 92 -9.68 -13.47 -16.19
N GLY B 93 -9.73 -12.75 -15.09
CA GLY B 93 -8.61 -12.77 -14.16
C GLY B 93 -8.54 -11.59 -13.23
N TYR B 94 -7.32 -11.16 -12.92
CA TYR B 94 -7.12 -10.04 -11.99
C TYR B 94 -5.87 -9.28 -12.42
N PHE B 95 -6.07 -8.17 -13.09
CA PHE B 95 -4.97 -7.31 -13.50
C PHE B 95 -4.17 -6.86 -12.28
N ALA B 96 -2.90 -7.25 -12.21
CA ALA B 96 -2.08 -6.86 -11.07
C ALA B 96 -1.76 -5.38 -11.14
N ASP B 97 -2.03 -4.68 -10.04
CA ASP B 97 -1.80 -3.24 -9.95
C ASP B 97 -2.46 -2.51 -11.10
N TYR B 98 -3.75 -2.78 -11.30
CA TYR B 98 -4.46 -2.18 -12.43
C TYR B 98 -4.48 -0.67 -12.32
N GLU B 99 -4.82 -0.14 -11.14
CA GLU B 99 -5.00 1.30 -11.00
C GLU B 99 -3.70 2.05 -11.26
N GLU B 100 -2.58 1.55 -10.76
CA GLU B 100 -1.31 2.22 -10.97
C GLU B 100 -1.03 2.38 -12.45
N LEU B 101 -1.19 1.30 -13.22
CA LEU B 101 -0.98 1.40 -14.65
C LEU B 101 -2.00 2.33 -15.28
N ARG B 102 -3.23 2.33 -14.77
CA ARG B 102 -4.21 3.30 -15.21
C ARG B 102 -3.66 4.71 -15.05
N GLU B 103 -2.87 4.92 -14.01
CA GLU B 103 -2.27 6.24 -13.80
C GLU B 103 -1.07 6.47 -14.71
N GLN B 104 -0.41 5.41 -15.20
CA GLN B 104 0.61 5.59 -16.23
C GLN B 104 0.03 6.37 -17.40
N LEU B 105 -1.07 5.88 -17.92
CA LEU B 105 -1.61 6.39 -19.17
C LEU B 105 -2.24 7.76 -19.01
N SER B 106 -2.46 8.23 -17.78
CA SER B 106 -3.05 9.53 -17.61
C SER B 106 -2.16 10.67 -18.07
N SER B 107 -0.87 10.40 -18.35
CA SER B 107 0.03 11.48 -18.71
C SER B 107 1.01 11.11 -19.81
N VAL B 108 0.78 10.02 -20.55
CA VAL B 108 1.67 9.66 -21.64
C VAL B 108 1.23 10.41 -22.90
N SER B 109 2.19 11.06 -23.54
CA SER B 109 1.88 11.88 -24.70
C SER B 109 1.63 11.01 -25.93
N SER B 110 2.64 10.25 -26.33
CA SER B 110 2.53 9.36 -27.48
C SER B 110 3.40 8.16 -27.23
N PHE B 111 3.11 7.08 -27.96
CA PHE B 111 3.81 5.83 -27.73
C PHE B 111 3.75 4.98 -28.99
N GLU B 112 4.85 4.32 -29.29
CA GLU B 112 4.94 3.42 -30.43
C GLU B 112 4.95 1.98 -29.92
N ARG B 113 4.24 1.10 -30.61
CA ARG B 113 4.28 -0.30 -30.28
C ARG B 113 5.23 -1.02 -31.22
N PHE B 114 5.75 -2.15 -30.77
CA PHE B 114 6.70 -2.91 -31.56
C PHE B 114 6.74 -4.34 -31.04
N GLU B 115 6.97 -5.27 -31.95
CA GLU B 115 7.07 -6.68 -31.57
C GLU B 115 8.33 -6.86 -30.74
N ILE B 116 8.16 -6.94 -29.42
CA ILE B 116 9.30 -7.11 -28.53
C ILE B 116 9.98 -8.44 -28.80
N PHE B 117 9.20 -9.50 -28.94
CA PHE B 117 9.69 -10.78 -29.43
C PHE B 117 8.81 -11.15 -30.61
N PRO B 118 9.29 -11.07 -31.85
CA PRO B 118 8.43 -11.37 -32.99
C PRO B 118 7.90 -12.79 -32.91
N LYS B 119 6.64 -12.96 -33.30
CA LYS B 119 6.00 -14.27 -33.19
C LYS B 119 6.72 -15.33 -34.00
N GLU B 120 7.42 -14.93 -35.06
CA GLU B 120 7.98 -15.89 -35.99
C GLU B 120 9.17 -16.63 -35.38
N SER B 121 10.23 -15.91 -35.07
CA SER B 121 11.50 -16.55 -34.71
C SER B 121 11.74 -16.63 -33.21
N SER B 122 10.94 -15.96 -32.39
CA SER B 122 11.21 -15.93 -30.96
C SER B 122 11.05 -17.31 -30.34
N TRP B 123 10.04 -18.06 -30.77
CA TRP B 123 9.68 -19.33 -30.15
C TRP B 123 9.69 -20.43 -31.21
N PRO B 124 10.86 -20.95 -31.56
CA PRO B 124 10.89 -22.07 -32.51
C PRO B 124 10.46 -23.37 -31.88
N ASN B 125 10.93 -23.66 -30.67
CA ASN B 125 10.64 -24.93 -30.02
C ASN B 125 9.25 -25.01 -29.43
N HIS B 126 8.51 -23.92 -29.42
CA HIS B 126 7.18 -23.86 -28.83
C HIS B 126 6.13 -23.67 -29.92
N THR B 127 4.88 -23.52 -29.49
CA THR B 127 3.79 -23.20 -30.41
C THR B 127 2.96 -22.08 -29.81
N VAL B 128 2.46 -21.20 -30.67
CA VAL B 128 1.86 -19.96 -30.21
C VAL B 128 0.38 -19.88 -30.57
N THR B 129 -0.02 -20.56 -31.64
CA THR B 129 -1.37 -20.37 -32.14
C THR B 129 -2.37 -21.03 -31.21
N GLY B 130 -2.59 -20.43 -30.04
CA GLY B 130 -3.54 -20.95 -29.08
C GLY B 130 -4.61 -19.94 -28.74
N VAL B 131 -5.86 -20.27 -29.02
CA VAL B 131 -6.98 -19.35 -28.83
C VAL B 131 -7.88 -19.90 -27.74
N SER B 132 -8.91 -19.12 -27.41
CA SER B 132 -9.85 -19.49 -26.35
C SER B 132 -11.25 -19.10 -26.76
N ALA B 133 -12.17 -20.07 -26.74
CA ALA B 133 -13.51 -19.84 -27.28
C ALA B 133 -14.21 -18.70 -26.57
N SER B 134 -13.88 -18.43 -25.31
CA SER B 134 -14.45 -17.29 -24.63
C SER B 134 -14.06 -15.99 -25.31
N CYS B 135 -12.82 -15.89 -25.76
CA CYS B 135 -12.31 -14.63 -26.26
C CYS B 135 -12.63 -14.52 -27.74
N SER B 136 -13.89 -14.73 -28.10
CA SER B 136 -14.29 -14.92 -29.48
C SER B 136 -14.07 -13.65 -30.30
N HIS B 137 -14.20 -13.81 -31.62
CA HIS B 137 -14.15 -12.67 -32.54
C HIS B 137 -14.81 -13.13 -33.83
N ASN B 138 -15.94 -12.54 -34.18
CA ASN B 138 -16.77 -12.92 -35.31
C ASN B 138 -17.25 -14.36 -35.24
N GLY B 139 -17.06 -15.04 -34.12
CA GLY B 139 -17.41 -16.43 -33.97
C GLY B 139 -16.25 -17.39 -34.12
N LYS B 140 -15.14 -16.95 -34.71
CA LYS B 140 -13.95 -17.77 -34.77
C LYS B 140 -13.07 -17.42 -33.57
N SER B 141 -12.64 -18.44 -32.85
CA SER B 141 -11.94 -18.24 -31.60
C SER B 141 -10.59 -17.56 -31.83
N SER B 142 -10.30 -16.52 -31.05
CA SER B 142 -9.05 -15.78 -31.17
C SER B 142 -8.61 -15.27 -29.81
N PHE B 143 -7.38 -14.78 -29.75
CA PHE B 143 -6.75 -14.36 -28.51
C PHE B 143 -6.41 -12.89 -28.57
N TYR B 144 -5.72 -12.39 -27.54
CA TYR B 144 -5.30 -11.00 -27.55
C TYR B 144 -4.26 -10.77 -28.63
N ARG B 145 -4.20 -9.56 -29.15
CA ARG B 145 -3.13 -9.22 -30.08
C ARG B 145 -1.78 -9.21 -29.40
N ASN B 146 -1.66 -8.49 -28.28
CA ASN B 146 -0.35 -8.20 -27.73
C ASN B 146 0.25 -9.35 -26.94
N LEU B 147 -0.49 -10.40 -26.67
CA LEU B 147 0.01 -11.49 -25.86
C LEU B 147 0.10 -12.76 -26.69
N LEU B 148 0.87 -13.71 -26.20
CA LEU B 148 1.05 -14.98 -26.88
C LEU B 148 0.90 -16.11 -25.88
N TRP B 149 0.28 -17.20 -26.32
CA TRP B 149 0.08 -18.39 -25.48
C TRP B 149 1.11 -19.44 -25.84
N LEU B 150 2.24 -19.38 -25.14
CA LEU B 150 3.31 -20.35 -25.30
C LEU B 150 2.90 -21.66 -24.66
N THR B 151 2.31 -22.53 -25.45
CA THR B 151 1.95 -23.86 -24.98
C THR B 151 2.93 -24.87 -25.50
N GLY B 152 3.08 -25.96 -24.76
CA GLY B 152 4.03 -26.99 -25.14
C GLY B 152 3.80 -27.47 -26.56
N LYS B 153 4.88 -27.82 -27.23
CA LYS B 153 4.83 -28.21 -28.63
C LYS B 153 5.56 -29.53 -28.81
N ASN B 154 5.04 -30.38 -29.70
CA ASN B 154 5.65 -31.65 -30.04
C ASN B 154 5.87 -32.50 -28.80
N GLY B 155 4.96 -32.37 -27.84
CA GLY B 155 5.06 -33.15 -26.62
C GLY B 155 6.07 -32.65 -25.61
N LEU B 156 6.70 -31.51 -25.86
CA LEU B 156 7.66 -30.96 -24.92
C LEU B 156 7.34 -29.49 -24.69
N TYR B 157 7.75 -28.98 -23.54
CA TYR B 157 7.72 -27.55 -23.26
C TYR B 157 9.07 -27.20 -22.67
N PRO B 158 10.10 -27.09 -23.50
CA PRO B 158 11.46 -26.87 -22.98
C PRO B 158 11.58 -25.53 -22.27
N ASN B 159 12.46 -25.51 -21.27
CA ASN B 159 12.73 -24.28 -20.53
C ASN B 159 13.14 -23.19 -21.49
N LEU B 160 12.68 -21.97 -21.22
CA LEU B 160 12.97 -20.85 -22.10
C LEU B 160 13.50 -19.69 -21.30
N SER B 161 14.44 -18.96 -21.90
CA SER B 161 15.01 -17.75 -21.32
C SER B 161 15.13 -16.75 -22.47
N LYS B 162 14.06 -15.99 -22.70
CA LYS B 162 14.01 -15.03 -23.79
C LYS B 162 14.21 -13.65 -23.20
N SER B 163 15.47 -13.24 -23.06
CA SER B 163 15.79 -11.97 -22.46
C SER B 163 15.52 -10.84 -23.44
N TYR B 164 15.81 -9.62 -22.99
CA TYR B 164 15.65 -8.43 -23.82
C TYR B 164 16.48 -7.33 -23.20
N ALA B 165 17.40 -6.76 -23.96
CA ALA B 165 18.16 -5.58 -23.52
C ALA B 165 17.53 -4.37 -24.17
N ASN B 166 16.94 -3.49 -23.36
CA ASN B 166 16.27 -2.32 -23.91
C ASN B 166 17.32 -1.33 -24.40
N ASN B 167 17.12 -0.83 -25.63
CA ASN B 167 17.99 0.17 -26.21
C ASN B 167 17.19 1.20 -26.99
N LYS B 168 15.94 1.44 -26.59
CA LYS B 168 15.07 2.34 -27.31
C LYS B 168 15.19 3.78 -26.85
N GLU B 169 16.07 4.06 -25.90
CA GLU B 169 16.33 5.40 -25.36
C GLU B 169 15.10 6.03 -24.72
N LYS B 170 14.03 5.27 -24.52
CA LYS B 170 12.84 5.75 -23.83
C LYS B 170 12.35 4.66 -22.88
N GLU B 171 11.54 5.07 -21.92
CA GLU B 171 10.87 4.10 -21.07
C GLU B 171 10.03 3.18 -21.92
N VAL B 172 10.14 1.88 -21.68
CA VAL B 172 9.36 0.90 -22.43
C VAL B 172 8.47 0.16 -21.44
N LEU B 173 7.32 -0.29 -21.94
CA LEU B 173 6.31 -0.95 -21.13
C LEU B 173 6.20 -2.39 -21.60
N VAL B 174 5.99 -3.31 -20.68
CA VAL B 174 5.97 -4.73 -20.99
C VAL B 174 4.79 -5.37 -20.26
N LEU B 175 4.12 -6.30 -20.94
CA LEU B 175 2.99 -7.04 -20.39
C LEU B 175 3.29 -8.53 -20.43
N TRP B 176 2.63 -9.27 -19.56
CA TRP B 176 2.60 -10.74 -19.65
C TRP B 176 1.58 -11.23 -18.64
N GLY B 177 1.50 -12.55 -18.49
CA GLY B 177 0.62 -13.13 -17.49
C GLY B 177 0.94 -14.59 -17.28
N VAL B 178 0.55 -15.09 -16.12
CA VAL B 178 0.75 -16.49 -15.78
C VAL B 178 -0.61 -17.15 -15.59
N HIS B 179 -0.84 -18.24 -16.30
CA HIS B 179 -2.16 -18.82 -16.44
C HIS B 179 -2.38 -19.85 -15.34
N HIS B 180 -3.30 -19.55 -14.43
CA HIS B 180 -3.69 -20.56 -13.46
C HIS B 180 -4.78 -21.44 -14.05
N PRO B 181 -4.48 -22.69 -14.39
CA PRO B 181 -5.53 -23.59 -14.83
C PRO B 181 -6.45 -23.91 -13.66
N PRO B 182 -7.70 -24.27 -13.92
CA PRO B 182 -8.62 -24.63 -12.84
C PRO B 182 -8.52 -26.08 -12.40
N ASN B 183 -7.54 -26.82 -12.90
CA ASN B 183 -7.59 -28.26 -12.84
C ASN B 183 -6.22 -28.81 -13.22
N ILE B 184 -5.70 -29.76 -12.43
CA ILE B 184 -4.36 -30.27 -12.69
C ILE B 184 -4.30 -30.94 -14.06
N GLY B 185 -5.36 -31.62 -14.45
CA GLY B 185 -5.39 -32.23 -15.76
C GLY B 185 -5.27 -31.23 -16.89
N ASP B 186 -5.86 -30.05 -16.71
CA ASP B 186 -5.68 -28.97 -17.68
C ASP B 186 -4.21 -28.63 -17.79
N GLN B 187 -3.54 -28.51 -16.65
CA GLN B 187 -2.14 -28.14 -16.64
C GLN B 187 -1.23 -29.11 -17.38
N ARG B 188 -1.44 -30.40 -17.18
CA ARG B 188 -0.63 -31.41 -17.86
C ARG B 188 -0.96 -31.52 -19.34
N ALA B 189 -2.21 -31.27 -19.71
CA ALA B 189 -2.61 -31.37 -21.11
C ALA B 189 -2.15 -30.13 -21.84
N LEU B 190 -1.82 -29.06 -21.12
CA LEU B 190 -1.46 -27.81 -21.78
C LEU B 190 0.00 -27.42 -21.65
N TYR B 191 0.69 -27.84 -20.58
CA TYR B 191 2.09 -27.47 -20.40
C TYR B 191 3.00 -28.62 -20.00
N HIS B 192 2.48 -29.83 -19.88
CA HIS B 192 3.32 -31.02 -19.71
C HIS B 192 4.18 -30.95 -18.45
N THR B 193 3.61 -30.44 -17.35
CA THR B 193 4.31 -30.47 -16.08
C THR B 193 3.36 -30.23 -14.93
N GLU B 194 3.49 -31.03 -13.88
CA GLU B 194 2.68 -30.84 -12.67
C GLU B 194 2.82 -29.42 -12.17
N ASN B 195 3.98 -29.07 -11.63
CA ASN B 195 4.23 -27.73 -11.14
C ASN B 195 4.88 -26.88 -12.23
N ALA B 196 5.11 -25.61 -11.91
CA ALA B 196 5.81 -24.73 -12.82
C ALA B 196 6.24 -23.50 -12.06
N TYR B 197 7.26 -22.83 -12.58
CA TYR B 197 7.67 -21.56 -12.03
C TYR B 197 7.93 -20.59 -13.16
N VAL B 198 7.71 -19.31 -12.87
CA VAL B 198 8.02 -18.23 -13.78
C VAL B 198 8.82 -17.18 -13.04
N SER B 199 9.85 -16.66 -13.69
CA SER B 199 10.65 -15.60 -13.11
C SER B 199 10.78 -14.48 -14.13
N VAL B 200 10.67 -13.25 -13.65
CA VAL B 200 10.93 -12.07 -14.46
C VAL B 200 11.91 -11.23 -13.67
N VAL B 201 12.91 -10.69 -14.37
CA VAL B 201 14.02 -10.02 -13.70
C VAL B 201 14.36 -8.73 -14.43
N SER B 202 14.62 -7.68 -13.67
CA SER B 202 15.21 -6.45 -14.19
C SER B 202 16.37 -6.08 -13.28
N SER B 203 16.94 -4.90 -13.45
CA SER B 203 17.95 -4.44 -12.49
C SER B 203 17.33 -3.81 -11.26
N HIS B 204 16.00 -3.70 -11.22
CA HIS B 204 15.29 -3.20 -10.05
C HIS B 204 14.10 -4.04 -9.67
N TYR B 205 13.70 -4.99 -10.52
CA TYR B 205 12.45 -5.72 -10.38
C TYR B 205 12.74 -7.20 -10.54
N SER B 206 12.15 -8.01 -9.67
CA SER B 206 12.20 -9.46 -9.81
C SER B 206 11.16 -10.07 -8.90
N ARG B 207 10.49 -11.11 -9.37
CA ARG B 207 9.58 -11.86 -8.50
C ARG B 207 9.32 -13.21 -9.13
N LYS B 208 8.81 -14.12 -8.30
CA LYS B 208 8.75 -15.54 -8.58
C LYS B 208 7.29 -15.96 -8.68
N PHE B 209 6.93 -16.67 -9.74
CA PHE B 209 5.54 -16.99 -10.03
C PHE B 209 5.34 -18.50 -9.92
N THR B 210 4.44 -18.91 -9.04
CA THR B 210 4.03 -20.30 -8.94
C THR B 210 2.54 -20.37 -9.20
N PRO B 211 2.09 -20.84 -10.35
CA PRO B 211 0.66 -20.86 -10.64
C PRO B 211 -0.10 -21.88 -9.82
N GLU B 212 -0.85 -21.40 -8.83
CA GLU B 212 -1.66 -22.28 -8.02
C GLU B 212 -2.80 -22.86 -8.83
N ILE B 213 -3.28 -24.03 -8.40
CA ILE B 213 -4.35 -24.75 -9.09
C ILE B 213 -5.56 -24.78 -8.17
N ALA B 214 -6.70 -24.30 -8.69
CA ALA B 214 -7.93 -24.32 -7.92
C ALA B 214 -9.14 -24.07 -8.81
N LYS B 215 -10.17 -24.90 -8.71
CA LYS B 215 -11.40 -24.65 -9.44
C LYS B 215 -12.07 -23.41 -8.86
N ARG B 216 -12.47 -22.50 -9.75
CA ARG B 216 -13.09 -21.25 -9.37
C ARG B 216 -14.42 -21.09 -10.09
N PRO B 217 -15.32 -20.25 -9.58
CA PRO B 217 -16.64 -20.13 -10.18
C PRO B 217 -16.59 -19.78 -11.65
N LYS B 218 -17.68 -20.10 -12.34
CA LYS B 218 -17.80 -19.75 -13.75
C LYS B 218 -17.71 -18.24 -13.91
N VAL B 219 -16.96 -17.80 -14.92
CA VAL B 219 -16.67 -16.40 -15.16
C VAL B 219 -17.09 -15.98 -16.57
N ARG B 220 -16.67 -16.73 -17.57
CA ARG B 220 -17.26 -16.66 -18.91
C ARG B 220 -17.41 -18.08 -19.44
N ASP B 221 -17.95 -18.95 -18.62
CA ASP B 221 -18.12 -20.37 -18.94
C ASP B 221 -16.74 -20.98 -19.18
N GLN B 222 -15.78 -20.58 -18.35
CA GLN B 222 -14.41 -21.05 -18.52
C GLN B 222 -13.63 -20.76 -17.25
N GLU B 223 -13.29 -21.83 -16.52
CA GLU B 223 -12.99 -21.73 -15.09
C GLU B 223 -11.61 -21.17 -14.79
N GLY B 224 -10.62 -21.45 -15.61
CA GLY B 224 -9.28 -20.96 -15.33
C GLY B 224 -9.19 -19.46 -15.44
N ARG B 225 -8.14 -18.91 -14.84
CA ARG B 225 -7.92 -17.47 -14.85
C ARG B 225 -6.45 -17.19 -15.05
N ILE B 226 -6.15 -15.97 -15.48
CA ILE B 226 -4.78 -15.45 -15.48
C ILE B 226 -4.71 -14.25 -14.56
N ASN B 227 -3.49 -13.89 -14.19
CA ASN B 227 -3.18 -12.57 -13.69
C ASN B 227 -2.24 -11.92 -14.69
N TYR B 228 -2.66 -10.80 -15.25
CA TYR B 228 -1.77 -10.03 -16.09
C TYR B 228 -0.87 -9.19 -15.20
N TYR B 229 0.35 -8.96 -15.65
CA TYR B 229 1.28 -8.10 -14.94
C TYR B 229 1.89 -7.12 -15.91
N TRP B 230 2.75 -6.26 -15.40
CA TRP B 230 3.34 -5.22 -16.22
C TRP B 230 4.49 -4.60 -15.45
N THR B 231 5.33 -3.86 -16.18
CA THR B 231 6.48 -3.20 -15.59
C THR B 231 7.00 -2.17 -16.58
N LEU B 232 7.89 -1.33 -16.08
CA LEU B 232 8.57 -0.34 -16.89
C LEU B 232 10.07 -0.62 -16.88
N LEU B 233 10.72 -0.33 -17.99
CA LEU B 233 12.16 -0.46 -18.11
C LEU B 233 12.75 0.90 -18.40
N GLU B 234 13.64 1.37 -17.53
CA GLU B 234 14.41 2.55 -17.84
C GLU B 234 15.37 2.22 -18.97
N PRO B 235 15.81 3.23 -19.72
CA PRO B 235 16.79 2.98 -20.77
C PRO B 235 18.04 2.32 -20.21
N GLY B 236 18.61 1.40 -20.98
CA GLY B 236 19.77 0.65 -20.54
C GLY B 236 19.48 -0.54 -19.66
N ASP B 237 18.22 -0.85 -19.40
CA ASP B 237 17.84 -1.97 -18.56
C ASP B 237 17.51 -3.19 -19.42
N THR B 238 17.82 -4.37 -18.89
CA THR B 238 17.56 -5.63 -19.57
C THR B 238 16.59 -6.44 -18.74
N ILE B 239 15.54 -6.96 -19.38
CA ILE B 239 14.53 -7.76 -18.72
C ILE B 239 14.69 -9.19 -19.18
N ILE B 240 14.62 -10.13 -18.24
CA ILE B 240 14.85 -11.54 -18.51
C ILE B 240 13.59 -12.32 -18.16
N PHE B 241 13.15 -13.16 -19.08
CA PHE B 241 11.93 -13.94 -18.91
C PHE B 241 12.33 -15.39 -18.73
N GLU B 242 12.61 -15.78 -17.50
CA GLU B 242 12.91 -17.17 -17.18
C GLU B 242 11.61 -17.85 -16.81
N ALA B 243 11.28 -18.94 -17.51
CA ALA B 243 10.01 -19.62 -17.27
C ALA B 243 10.17 -21.09 -17.57
N ASN B 244 9.26 -21.88 -17.00
CA ASN B 244 9.30 -23.34 -17.13
C ASN B 244 7.92 -23.81 -17.52
N GLY B 245 6.90 -23.04 -17.15
CA GLY B 245 5.55 -23.38 -17.50
C GLY B 245 4.58 -22.29 -17.10
N ASN B 246 3.45 -22.27 -17.79
CA ASN B 246 2.39 -21.30 -17.55
C ASN B 246 2.90 -19.87 -17.73
N LEU B 247 3.23 -19.56 -18.98
CA LEU B 247 3.51 -18.20 -19.40
C LEU B 247 2.47 -17.70 -20.37
N ILE B 248 2.34 -16.38 -20.42
CA ILE B 248 1.67 -15.69 -21.51
C ILE B 248 2.67 -14.62 -21.95
N ALA B 249 3.54 -14.98 -22.88
CA ALA B 249 4.67 -14.12 -23.18
C ALA B 249 4.21 -12.86 -23.88
N PRO B 250 4.99 -11.78 -23.79
CA PRO B 250 4.65 -10.56 -24.51
C PRO B 250 4.95 -10.66 -25.98
N ARG B 251 4.16 -9.94 -26.77
CA ARG B 251 4.40 -9.90 -28.20
C ARG B 251 4.50 -8.46 -28.66
N TYR B 252 3.75 -7.56 -28.03
CA TYR B 252 3.76 -6.13 -28.34
C TYR B 252 4.11 -5.35 -27.07
N ALA B 253 5.38 -5.13 -26.82
CA ALA B 253 5.77 -4.20 -25.77
C ALA B 253 5.60 -2.77 -26.26
N PHE B 254 5.27 -1.89 -25.33
CA PHE B 254 4.94 -0.51 -25.66
C PHE B 254 6.12 0.38 -25.29
N ALA B 255 6.65 1.10 -26.27
CA ALA B 255 7.68 2.09 -26.03
C ALA B 255 7.00 3.42 -25.73
N LEU B 256 7.23 3.96 -24.54
CA LEU B 256 6.42 5.04 -24.00
C LEU B 256 7.12 6.39 -24.17
N SER B 257 6.35 7.46 -23.98
CA SER B 257 6.89 8.81 -23.96
C SER B 257 5.93 9.67 -23.16
N ARG B 258 6.37 10.13 -21.99
CA ARG B 258 5.48 10.77 -21.03
C ARG B 258 5.19 12.20 -21.48
N GLY B 259 4.63 12.99 -20.57
CA GLY B 259 4.35 14.38 -20.87
C GLY B 259 3.44 14.98 -19.82
N PHE B 260 2.72 16.03 -20.23
CA PHE B 260 1.73 16.66 -19.37
C PHE B 260 0.70 17.34 -20.25
N GLY B 261 -0.54 17.35 -19.78
CA GLY B 261 -1.66 17.91 -20.51
C GLY B 261 -2.70 16.90 -20.92
N SER B 262 -2.44 15.61 -20.76
CA SER B 262 -3.38 14.58 -21.11
C SER B 262 -4.19 14.16 -19.89
N GLY B 263 -4.99 13.11 -20.04
CA GLY B 263 -5.77 12.61 -18.93
C GLY B 263 -6.74 11.57 -19.40
N ILE B 264 -7.40 10.96 -18.41
CA ILE B 264 -8.43 9.95 -18.62
C ILE B 264 -9.74 10.50 -18.10
N ILE B 265 -10.80 10.39 -18.90
CA ILE B 265 -12.12 10.83 -18.50
C ILE B 265 -13.09 9.68 -18.69
N THR B 266 -14.36 9.98 -18.46
CA THR B 266 -15.40 8.96 -18.53
C THR B 266 -16.68 9.65 -19.00
N SER B 267 -16.91 9.64 -20.30
CA SER B 267 -17.97 10.43 -20.92
C SER B 267 -18.98 9.52 -21.59
N ASN B 268 -20.02 10.15 -22.13
CA ASN B 268 -21.02 9.48 -22.95
C ASN B 268 -21.25 10.16 -24.29
N ALA B 269 -20.84 11.41 -24.45
CA ALA B 269 -21.27 12.20 -25.60
C ALA B 269 -20.57 11.73 -26.88
N PRO B 270 -21.23 11.88 -28.02
CA PRO B 270 -20.57 11.54 -29.30
C PRO B 270 -19.48 12.53 -29.66
N MET B 271 -18.83 12.32 -30.80
CA MET B 271 -17.66 13.09 -31.18
C MET B 271 -17.87 13.67 -32.57
N ASP B 272 -17.59 14.96 -32.73
CA ASP B 272 -17.63 15.57 -34.05
C ASP B 272 -16.61 16.70 -34.11
N GLU B 273 -16.70 17.51 -35.17
CA GLU B 273 -15.62 18.45 -35.53
C GLU B 273 -15.80 19.79 -34.81
N CYS B 274 -15.64 19.74 -33.49
CA CYS B 274 -15.50 20.96 -32.73
C CYS B 274 -14.13 21.58 -33.00
N ASP B 275 -13.86 22.67 -32.29
CA ASP B 275 -12.49 23.19 -32.16
C ASP B 275 -12.47 24.04 -30.89
N ALA B 276 -11.96 23.48 -29.81
CA ALA B 276 -11.97 24.16 -28.52
C ALA B 276 -10.64 23.92 -27.83
N LYS B 277 -10.60 24.22 -26.53
CA LYS B 277 -9.37 24.14 -25.77
C LYS B 277 -9.53 23.54 -24.38
N CYS B 278 -10.75 23.28 -23.92
CA CYS B 278 -10.96 22.90 -22.52
C CYS B 278 -12.17 21.95 -22.49
N GLN B 279 -11.90 20.65 -22.51
CA GLN B 279 -12.95 19.64 -22.62
C GLN B 279 -13.19 18.98 -21.28
N THR B 280 -14.46 18.77 -20.97
CA THR B 280 -14.93 18.13 -19.75
C THR B 280 -15.84 16.98 -20.15
N PRO B 281 -16.08 16.03 -19.24
CA PRO B 281 -16.99 14.92 -19.55
C PRO B 281 -18.32 15.33 -20.16
N GLN B 282 -18.75 16.56 -19.93
CA GLN B 282 -19.97 17.09 -20.52
C GLN B 282 -19.71 17.97 -21.73
N GLY B 283 -18.49 17.99 -22.25
CA GLY B 283 -18.21 18.71 -23.46
C GLY B 283 -17.04 19.63 -23.30
N ALA B 284 -16.97 20.63 -24.19
CA ALA B 284 -15.86 21.55 -24.26
C ALA B 284 -16.36 22.98 -24.08
N ILE B 285 -15.41 23.88 -23.80
CA ILE B 285 -15.70 25.28 -23.56
C ILE B 285 -14.96 26.11 -24.60
N ASN B 286 -15.61 27.15 -25.10
CA ASN B 286 -15.05 28.06 -26.10
C ASN B 286 -15.32 29.50 -25.68
N SER B 287 -14.95 29.83 -24.45
CA SER B 287 -15.10 31.18 -23.93
C SER B 287 -13.89 31.55 -23.10
N SER B 288 -13.70 32.85 -22.88
CA SER B 288 -12.58 33.37 -22.12
C SER B 288 -12.96 33.79 -20.71
N LEU B 289 -14.17 33.45 -20.27
CA LEU B 289 -14.54 33.70 -18.88
C LEU B 289 -13.71 32.81 -17.96
N PRO B 290 -13.47 33.23 -16.72
CA PRO B 290 -12.48 32.56 -15.89
C PRO B 290 -13.00 31.49 -14.94
N PHE B 291 -14.30 31.35 -14.75
CA PHE B 291 -14.83 30.37 -13.82
C PHE B 291 -16.00 29.64 -14.48
N GLN B 292 -16.10 28.33 -14.23
CA GLN B 292 -17.20 27.58 -14.78
C GLN B 292 -17.77 26.65 -13.73
N ASN B 293 -19.04 26.29 -13.91
CA ASN B 293 -19.72 25.31 -13.09
C ASN B 293 -20.33 24.25 -14.00
N VAL B 294 -19.51 23.68 -14.86
CA VAL B 294 -19.93 22.60 -15.75
C VAL B 294 -19.60 21.23 -15.17
N HIS B 295 -18.36 21.03 -14.73
CA HIS B 295 -17.94 19.79 -14.07
C HIS B 295 -16.54 20.02 -13.52
N PRO B 296 -16.22 19.51 -12.33
CA PRO B 296 -14.88 19.79 -11.77
C PRO B 296 -13.72 19.29 -12.61
N VAL B 297 -13.74 18.02 -13.03
CA VAL B 297 -12.63 17.47 -13.80
C VAL B 297 -12.54 18.18 -15.15
N THR B 298 -11.31 18.53 -15.54
CA THR B 298 -11.07 19.27 -16.78
C THR B 298 -9.96 18.61 -17.58
N ILE B 299 -9.78 19.08 -18.80
CA ILE B 299 -8.66 18.70 -19.66
C ILE B 299 -8.16 19.94 -20.37
N GLY B 300 -6.85 20.08 -20.48
CA GLY B 300 -6.26 21.25 -21.09
C GLY B 300 -6.35 22.44 -20.17
N GLU B 301 -5.74 23.54 -20.60
CA GLU B 301 -5.88 24.78 -19.84
C GLU B 301 -7.33 25.19 -19.82
N CYS B 302 -7.84 25.48 -18.63
CA CYS B 302 -9.28 25.62 -18.42
C CYS B 302 -9.53 26.76 -17.47
N PRO B 303 -10.69 27.40 -17.57
CA PRO B 303 -11.15 28.23 -16.46
C PRO B 303 -11.37 27.37 -15.23
N LYS B 304 -11.04 27.92 -14.07
CA LYS B 304 -11.20 27.19 -12.82
C LYS B 304 -12.67 26.85 -12.60
N TYR B 305 -12.92 25.88 -11.71
CA TYR B 305 -14.26 25.45 -11.38
C TYR B 305 -14.62 25.82 -9.96
N VAL B 306 -15.91 26.14 -9.76
CA VAL B 306 -16.49 26.48 -8.48
C VAL B 306 -17.79 25.71 -8.34
N ARG B 307 -18.26 25.55 -7.10
CA ARG B 307 -19.46 24.80 -6.80
C ARG B 307 -20.58 25.71 -6.29
N SER B 308 -20.79 26.84 -6.95
CA SER B 308 -21.84 27.79 -6.62
C SER B 308 -22.82 27.87 -7.79
N ALA B 309 -23.77 28.80 -7.68
CA ALA B 309 -24.79 28.98 -8.71
C ALA B 309 -24.60 30.22 -9.57
N LYS B 310 -24.09 31.31 -9.01
CA LYS B 310 -23.87 32.54 -9.77
C LYS B 310 -22.97 33.47 -8.97
N LEU B 311 -22.07 34.15 -9.66
CA LEU B 311 -21.19 35.16 -9.06
C LEU B 311 -21.30 36.42 -9.89
N ARG B 312 -22.10 37.37 -9.40
CA ARG B 312 -22.53 38.52 -10.19
C ARG B 312 -21.48 39.62 -10.16
N MET B 313 -20.39 39.36 -10.89
CA MET B 313 -19.40 40.39 -11.21
C MET B 313 -20.10 41.58 -11.84
N VAL B 314 -20.12 42.72 -11.15
CA VAL B 314 -21.02 43.82 -11.50
C VAL B 314 -20.23 45.10 -11.69
N THR B 315 -20.58 45.84 -12.74
CA THR B 315 -19.84 47.03 -13.19
C THR B 315 -20.56 48.35 -12.89
N GLY B 316 -21.89 48.39 -13.05
CA GLY B 316 -22.59 49.66 -13.04
C GLY B 316 -23.10 50.16 -11.70
N LEU B 317 -24.33 50.69 -11.68
CA LEU B 317 -24.90 51.30 -10.49
C LEU B 317 -26.33 50.80 -10.29
N ARG B 318 -26.88 51.12 -9.13
CA ARG B 318 -28.20 50.63 -8.74
C ARG B 318 -29.26 51.10 -9.73
N ASN B 319 -30.25 50.22 -9.97
CA ASN B 319 -31.34 50.48 -10.89
C ASN B 319 -32.31 51.42 -10.18
N ILE B 320 -32.11 52.72 -10.37
CA ILE B 320 -33.02 53.72 -9.82
C ILE B 320 -33.55 54.56 -10.99
N PRO B 321 -34.72 54.21 -11.55
CA PRO B 321 -35.18 54.86 -12.77
C PRO B 321 -35.83 56.22 -12.57
N SER B 322 -35.96 56.69 -11.34
CA SER B 322 -36.69 57.93 -11.02
C SER B 322 -38.09 57.93 -11.61
N ILE B 332 -32.44 66.66 -14.09
CA ILE B 332 -33.67 67.42 -14.25
C ILE B 332 -34.12 67.95 -12.90
N ALA B 333 -34.19 67.07 -11.90
CA ALA B 333 -34.67 67.45 -10.58
C ALA B 333 -33.81 66.92 -9.43
N GLY B 334 -32.90 65.97 -9.66
CA GLY B 334 -32.05 65.46 -8.61
C GLY B 334 -32.12 63.95 -8.48
N PHE B 335 -30.98 63.35 -8.13
CA PHE B 335 -30.88 61.90 -8.06
C PHE B 335 -31.19 61.33 -6.69
N ILE B 336 -31.36 62.18 -5.67
CA ILE B 336 -31.68 61.67 -4.33
C ILE B 336 -32.95 60.85 -4.37
N GLU B 337 -34.01 61.41 -4.95
CA GLU B 337 -35.26 60.66 -5.11
C GLU B 337 -35.18 59.66 -6.24
N GLY B 338 -34.38 59.92 -7.27
CA GLY B 338 -34.27 59.02 -8.40
C GLY B 338 -33.22 59.42 -9.42
N GLY B 339 -32.42 58.45 -9.85
CA GLY B 339 -31.35 58.75 -10.78
C GLY B 339 -31.86 59.07 -12.18
N TRP B 340 -31.00 59.75 -12.94
CA TRP B 340 -31.36 60.16 -14.29
C TRP B 340 -31.65 58.96 -15.17
N THR B 341 -32.69 59.09 -16.00
CA THR B 341 -33.14 58.03 -16.91
C THR B 341 -32.80 58.30 -18.36
N GLY B 342 -33.02 59.53 -18.83
CA GLY B 342 -32.80 59.84 -20.23
C GLY B 342 -31.34 59.70 -20.65
N MET B 343 -30.42 59.88 -19.71
CA MET B 343 -29.00 59.75 -20.02
C MET B 343 -28.71 58.39 -20.62
N VAL B 344 -27.99 58.37 -21.74
CA VAL B 344 -27.66 57.12 -22.40
C VAL B 344 -26.17 57.04 -22.72
N ASP B 345 -25.53 58.20 -22.87
CA ASP B 345 -24.19 58.24 -23.46
C ASP B 345 -23.16 57.57 -22.56
N GLY B 346 -23.18 57.88 -21.27
CA GLY B 346 -22.17 57.35 -20.37
C GLY B 346 -22.69 57.04 -18.99
N TRP B 347 -21.97 57.52 -17.97
CA TRP B 347 -22.34 57.26 -16.59
C TRP B 347 -22.73 58.54 -15.87
N TYR B 348 -21.86 59.54 -15.84
CA TYR B 348 -22.09 60.75 -15.07
C TYR B 348 -21.82 61.96 -15.93
N GLY B 349 -22.72 62.92 -15.82
CA GLY B 349 -22.63 64.13 -16.61
C GLY B 349 -23.49 65.19 -15.98
N TYR B 350 -23.95 66.11 -16.81
CA TYR B 350 -24.57 67.33 -16.33
C TYR B 350 -25.82 67.63 -17.15
N HIS B 351 -26.75 68.34 -16.54
CA HIS B 351 -27.93 68.87 -17.24
C HIS B 351 -28.22 70.24 -16.66
N HIS B 352 -27.96 71.28 -17.44
CA HIS B 352 -28.21 72.64 -17.02
C HIS B 352 -29.07 73.35 -18.06
N GLN B 353 -29.87 74.30 -17.58
CA GLN B 353 -30.71 75.11 -18.44
C GLN B 353 -30.54 76.57 -18.08
N ASN B 354 -30.51 77.42 -19.10
CA ASN B 354 -30.32 78.86 -18.92
C ASN B 354 -31.05 79.57 -20.04
N GLU B 355 -30.73 80.85 -20.23
CA GLU B 355 -31.34 81.61 -21.31
C GLU B 355 -30.85 81.13 -22.67
N GLN B 356 -29.58 80.73 -22.77
CA GLN B 356 -28.97 80.42 -24.05
C GLN B 356 -29.31 79.04 -24.57
N GLY B 357 -29.87 78.16 -23.74
CA GLY B 357 -30.20 76.82 -24.21
C GLY B 357 -30.31 75.86 -23.04
N SER B 358 -29.95 74.61 -23.30
CA SER B 358 -30.04 73.53 -22.31
C SER B 358 -29.20 72.37 -22.82
N GLY B 359 -29.32 71.23 -22.16
CA GLY B 359 -28.73 70.00 -22.66
C GLY B 359 -28.28 69.03 -21.59
N TYR B 360 -28.32 67.75 -21.93
CA TYR B 360 -27.71 66.68 -21.15
C TYR B 360 -26.20 66.67 -21.39
N ALA B 361 -25.51 65.74 -20.74
CA ALA B 361 -24.08 65.54 -20.96
C ALA B 361 -23.63 64.31 -20.18
N ALA B 362 -22.43 63.85 -20.51
CA ALA B 362 -21.72 62.83 -19.75
C ALA B 362 -20.28 63.27 -19.59
N ASP B 363 -19.80 63.33 -18.36
CA ASP B 363 -18.43 63.78 -18.12
C ASP B 363 -17.47 62.74 -18.67
N GLN B 364 -16.21 63.14 -18.88
CA GLN B 364 -15.24 62.24 -19.49
C GLN B 364 -14.21 61.74 -18.48
N LYS B 365 -13.58 62.66 -17.74
CA LYS B 365 -12.45 62.28 -16.89
C LYS B 365 -12.90 61.35 -15.76
N SER B 366 -14.01 61.68 -15.09
CA SER B 366 -14.52 60.80 -14.05
C SER B 366 -14.88 59.44 -14.63
N THR B 367 -15.60 59.43 -15.75
CA THR B 367 -15.97 58.17 -16.39
C THR B 367 -14.73 57.42 -16.89
N GLN B 368 -13.72 58.15 -17.37
CA GLN B 368 -12.53 57.47 -17.87
C GLN B 368 -11.76 56.81 -16.72
N ASN B 369 -11.58 57.52 -15.60
CA ASN B 369 -10.97 56.90 -14.43
C ASN B 369 -11.79 55.73 -13.94
N ALA B 370 -13.11 55.87 -13.96
CA ALA B 370 -13.99 54.80 -13.49
C ALA B 370 -13.86 53.56 -14.38
N ILE B 371 -13.88 53.72 -15.70
CA ILE B 371 -13.79 52.55 -16.57
C ILE B 371 -12.40 51.94 -16.48
N ASN B 372 -11.38 52.78 -16.25
CA ASN B 372 -10.06 52.22 -15.95
C ASN B 372 -10.13 51.34 -14.70
N GLY B 373 -10.86 51.80 -13.69
CA GLY B 373 -11.08 50.97 -12.52
C GLY B 373 -11.81 49.68 -12.86
N ILE B 374 -12.77 49.74 -13.77
CA ILE B 374 -13.52 48.54 -14.16
C ILE B 374 -12.60 47.54 -14.85
N THR B 375 -11.82 48.00 -15.82
CA THR B 375 -10.90 47.10 -16.51
C THR B 375 -9.88 46.53 -15.54
N ASN B 376 -9.38 47.35 -14.61
CA ASN B 376 -8.45 46.85 -13.61
C ASN B 376 -9.11 45.79 -12.75
N LYS B 377 -10.38 45.98 -12.38
CA LYS B 377 -11.04 45.03 -11.51
C LYS B 377 -11.30 43.71 -12.23
N VAL B 378 -11.75 43.76 -13.48
CA VAL B 378 -12.01 42.52 -14.21
C VAL B 378 -10.69 41.80 -14.51
N ASN B 379 -9.68 42.52 -14.99
CA ASN B 379 -8.43 41.85 -15.31
C ASN B 379 -7.73 41.36 -14.04
N SER B 380 -7.93 42.04 -12.92
CA SER B 380 -7.44 41.54 -11.65
C SER B 380 -8.09 40.21 -11.31
N VAL B 381 -9.43 40.18 -11.30
CA VAL B 381 -10.11 38.98 -10.87
C VAL B 381 -9.82 37.82 -11.81
N ILE B 382 -9.51 38.09 -13.07
CA ILE B 382 -9.22 36.97 -13.97
C ILE B 382 -7.75 36.55 -13.85
N GLU B 383 -6.84 37.50 -13.62
CA GLU B 383 -5.42 37.18 -13.53
C GLU B 383 -4.93 36.96 -12.11
N LYS B 384 -5.80 37.04 -11.11
CA LYS B 384 -5.38 36.74 -9.75
C LYS B 384 -5.77 35.32 -9.34
N MET B 385 -6.22 34.50 -10.26
CA MET B 385 -6.32 33.06 -10.03
C MET B 385 -5.05 32.39 -10.51
N ASN B 386 -4.48 31.55 -9.67
CA ASN B 386 -3.20 30.93 -9.97
C ASN B 386 -3.39 29.72 -10.87
N THR B 387 -2.37 28.86 -10.94
CA THR B 387 -2.39 27.69 -11.81
C THR B 387 -3.63 26.83 -11.56
N GLN B 388 -3.92 25.99 -12.54
CA GLN B 388 -4.96 24.97 -12.45
C GLN B 388 -4.33 23.60 -12.51
N PHE B 389 -4.85 22.67 -11.71
CA PHE B 389 -4.36 21.32 -11.61
C PHE B 389 -5.38 20.34 -12.18
N THR B 390 -4.88 19.25 -12.77
CA THR B 390 -5.77 18.25 -13.36
C THR B 390 -6.45 17.44 -12.27
N ALA B 391 -7.55 17.95 -11.73
CA ALA B 391 -8.21 17.34 -10.58
C ALA B 391 -9.11 16.17 -10.99
N VAL B 392 -8.54 15.23 -11.74
CA VAL B 392 -9.31 14.06 -12.17
C VAL B 392 -9.51 13.14 -10.99
N GLY B 393 -10.74 12.66 -10.81
CA GLY B 393 -11.01 11.72 -9.76
C GLY B 393 -10.43 10.36 -10.07
N LYS B 394 -9.34 10.01 -9.38
CA LYS B 394 -8.62 8.78 -9.68
C LYS B 394 -9.40 7.58 -9.14
N GLU B 395 -8.83 6.40 -9.33
CA GLU B 395 -9.52 5.16 -8.97
C GLU B 395 -8.67 4.36 -7.98
N PHE B 396 -9.36 3.67 -7.09
CA PHE B 396 -8.72 2.84 -6.09
C PHE B 396 -9.54 1.58 -5.89
N ASN B 397 -8.90 0.55 -5.36
CA ASN B 397 -9.53 -0.75 -5.23
C ASN B 397 -10.65 -0.70 -4.18
N LYS B 398 -11.29 -1.85 -3.99
CA LYS B 398 -12.28 -2.01 -2.92
C LYS B 398 -11.64 -2.38 -1.60
N LEU B 399 -10.32 -2.48 -1.55
CA LEU B 399 -9.58 -2.80 -0.33
C LEU B 399 -8.72 -1.64 0.15
N GLU B 400 -8.45 -0.67 -0.70
CA GLU B 400 -7.52 0.41 -0.39
C GLU B 400 -8.20 1.76 -0.26
N ARG B 401 -9.51 1.80 -0.05
CA ARG B 401 -10.18 3.08 -0.28
C ARG B 401 -9.90 4.11 0.79
N ARG B 402 -9.23 3.73 1.88
CA ARG B 402 -8.70 4.77 2.76
C ARG B 402 -8.02 5.83 1.92
N MET B 403 -7.29 5.39 0.91
CA MET B 403 -6.78 6.29 -0.12
C MET B 403 -7.93 7.09 -0.73
N GLU B 404 -8.98 6.39 -1.17
CA GLU B 404 -10.11 7.03 -1.83
C GLU B 404 -10.82 7.98 -0.87
N ASN B 405 -11.01 7.57 0.37
CA ASN B 405 -11.68 8.44 1.32
C ASN B 405 -10.89 9.71 1.54
N LEU B 406 -9.58 9.59 1.76
CA LEU B 406 -8.75 10.77 1.97
C LEU B 406 -8.77 11.66 0.74
N ASN B 407 -8.68 11.05 -0.45
CA ASN B 407 -8.63 11.84 -1.67
C ASN B 407 -9.94 12.58 -1.89
N LYS B 408 -11.06 11.92 -1.65
CA LYS B 408 -12.34 12.60 -1.76
C LYS B 408 -12.44 13.74 -0.76
N LYS B 409 -11.95 13.51 0.47
CA LYS B 409 -11.93 14.57 1.46
C LYS B 409 -11.12 15.76 0.97
N VAL B 410 -9.93 15.49 0.43
CA VAL B 410 -9.07 16.58 -0.06
C VAL B 410 -9.76 17.35 -1.16
N ASP B 411 -10.29 16.63 -2.15
CA ASP B 411 -10.87 17.32 -3.30
C ASP B 411 -12.10 18.13 -2.90
N ASP B 412 -12.96 17.57 -2.05
CA ASP B 412 -14.11 18.31 -1.61
C ASP B 412 -13.70 19.54 -0.81
N GLY B 413 -12.69 19.40 0.05
CA GLY B 413 -12.19 20.55 0.77
C GLY B 413 -11.69 21.64 -0.17
N PHE B 414 -11.00 21.25 -1.25
CA PHE B 414 -10.43 22.25 -2.14
C PHE B 414 -11.51 22.97 -2.92
N LEU B 415 -12.47 22.23 -3.48
CA LEU B 415 -13.55 22.89 -4.20
C LEU B 415 -14.38 23.76 -3.28
N ASP B 416 -14.67 23.26 -2.07
CA ASP B 416 -15.34 24.07 -1.05
C ASP B 416 -14.59 25.37 -0.77
N ILE B 417 -13.29 25.28 -0.48
CA ILE B 417 -12.53 26.46 -0.11
C ILE B 417 -12.52 27.46 -1.25
N TRP B 418 -12.35 26.99 -2.48
CA TRP B 418 -12.35 27.92 -3.60
C TRP B 418 -13.72 28.53 -3.85
N THR B 419 -14.80 27.78 -3.62
CA THR B 419 -16.13 28.39 -3.65
C THR B 419 -16.19 29.56 -2.69
N TYR B 420 -15.79 29.32 -1.45
CA TYR B 420 -15.83 30.39 -0.45
C TYR B 420 -14.99 31.59 -0.90
N ASN B 421 -13.76 31.33 -1.36
CA ASN B 421 -12.86 32.43 -1.70
C ASN B 421 -13.39 33.22 -2.89
N ALA B 422 -13.87 32.55 -3.92
CA ALA B 422 -14.38 33.27 -5.08
C ALA B 422 -15.59 34.10 -4.71
N GLU B 423 -16.53 33.53 -3.95
CA GLU B 423 -17.70 34.30 -3.54
C GLU B 423 -17.28 35.52 -2.74
N LEU B 424 -16.37 35.35 -1.78
CA LEU B 424 -15.96 36.46 -0.94
C LEU B 424 -15.27 37.55 -1.76
N LEU B 425 -14.39 37.16 -2.68
CA LEU B 425 -13.72 38.17 -3.50
C LEU B 425 -14.73 38.92 -4.36
N VAL B 426 -15.69 38.21 -4.95
CA VAL B 426 -16.71 38.87 -5.74
C VAL B 426 -17.44 39.90 -4.91
N LEU B 427 -17.89 39.50 -3.72
CA LEU B 427 -18.59 40.43 -2.84
C LEU B 427 -17.74 41.65 -2.55
N LEU B 428 -16.49 41.41 -2.12
CA LEU B 428 -15.60 42.50 -1.73
C LEU B 428 -15.40 43.48 -2.86
N GLU B 429 -14.98 42.99 -4.03
CA GLU B 429 -14.61 43.92 -5.09
C GLU B 429 -15.84 44.60 -5.67
N ASN B 430 -16.97 43.91 -5.77
CA ASN B 430 -18.13 44.56 -6.36
C ASN B 430 -18.66 45.66 -5.45
N GLU B 431 -18.79 45.41 -4.14
CA GLU B 431 -19.10 46.51 -3.24
C GLU B 431 -18.09 47.64 -3.38
N ARG B 432 -16.80 47.32 -3.36
CA ARG B 432 -15.80 48.38 -3.34
C ARG B 432 -15.88 49.24 -4.59
N THR B 433 -16.09 48.63 -5.75
CA THR B 433 -16.14 49.43 -6.97
C THR B 433 -17.43 50.22 -7.08
N LEU B 434 -18.56 49.66 -6.64
CA LEU B 434 -19.78 50.44 -6.74
C LEU B 434 -19.75 51.63 -5.77
N ASP B 435 -19.22 51.44 -4.56
CA ASP B 435 -19.05 52.61 -3.70
C ASP B 435 -17.94 53.54 -4.20
N PHE B 436 -16.98 53.03 -4.96
CA PHE B 436 -16.07 53.92 -5.67
C PHE B 436 -16.85 54.83 -6.60
N HIS B 437 -17.79 54.25 -7.34
CA HIS B 437 -18.59 55.04 -8.26
C HIS B 437 -19.40 56.08 -7.51
N ASP B 438 -20.01 55.65 -6.40
CA ASP B 438 -20.78 56.57 -5.57
C ASP B 438 -19.89 57.72 -5.08
N SER B 439 -18.71 57.40 -4.57
CA SER B 439 -17.80 58.41 -4.06
C SER B 439 -17.36 59.35 -5.17
N ASN B 440 -17.23 58.85 -6.40
CA ASN B 440 -16.88 59.75 -7.50
C ASN B 440 -17.99 60.75 -7.77
N VAL B 441 -19.23 60.27 -7.79
CA VAL B 441 -20.37 61.18 -7.91
C VAL B 441 -20.33 62.23 -6.80
N LYS B 442 -20.06 61.78 -5.57
CA LYS B 442 -20.03 62.71 -4.44
C LYS B 442 -18.90 63.72 -4.57
N ASN B 443 -17.73 63.29 -5.07
CA ASN B 443 -16.63 64.26 -5.13
C ASN B 443 -16.95 65.31 -6.18
N LEU B 444 -17.57 64.92 -7.29
CA LEU B 444 -17.95 65.93 -8.27
C LEU B 444 -19.00 66.88 -7.69
N TYR B 445 -19.93 66.32 -6.91
CA TYR B 445 -20.90 67.12 -6.17
C TYR B 445 -20.23 68.18 -5.31
N GLU B 446 -19.30 67.76 -4.46
CA GLU B 446 -18.65 68.71 -3.57
C GLU B 446 -17.77 69.68 -4.33
N LYS B 447 -17.15 69.23 -5.42
CA LYS B 447 -16.32 70.11 -6.24
C LYS B 447 -17.14 71.25 -6.80
N VAL B 448 -18.29 70.95 -7.41
CA VAL B 448 -19.12 72.04 -7.92
C VAL B 448 -19.67 72.87 -6.76
N LYS B 449 -19.92 72.23 -5.61
CA LYS B 449 -20.37 72.97 -4.43
C LYS B 449 -19.37 74.05 -4.05
N SER B 450 -18.07 73.74 -4.14
CA SER B 450 -17.04 74.54 -3.50
C SER B 450 -17.18 76.05 -3.79
N GLN B 451 -17.09 76.43 -5.06
CA GLN B 451 -16.99 77.85 -5.37
C GLN B 451 -18.29 78.62 -5.26
N LEU B 452 -19.40 77.95 -4.91
CA LEU B 452 -20.73 78.53 -4.97
C LEU B 452 -21.22 78.97 -3.59
N LYS B 453 -20.32 79.51 -2.78
CA LYS B 453 -20.64 79.80 -1.39
C LYS B 453 -21.79 80.81 -1.26
N ASN B 454 -21.76 81.88 -2.06
CA ASN B 454 -22.68 82.99 -1.86
C ASN B 454 -23.30 83.57 -3.13
N ASN B 455 -23.05 83.00 -4.30
CA ASN B 455 -23.53 83.58 -5.55
C ASN B 455 -24.36 82.61 -6.38
N ALA B 456 -25.00 81.64 -5.73
CA ALA B 456 -26.07 80.86 -6.35
C ALA B 456 -26.85 80.25 -5.20
N LYS B 457 -28.04 80.80 -4.93
CA LYS B 457 -28.79 80.40 -3.74
C LYS B 457 -29.22 78.96 -3.92
N GLU B 458 -28.40 78.05 -3.38
CA GLU B 458 -28.56 76.64 -3.62
C GLU B 458 -29.92 76.18 -3.10
N ILE B 459 -30.78 75.72 -4.01
CA ILE B 459 -32.15 75.40 -3.64
C ILE B 459 -32.25 74.14 -2.80
N GLY B 460 -31.17 73.39 -2.63
CA GLY B 460 -31.28 72.16 -1.89
C GLY B 460 -31.93 71.08 -2.74
N ASN B 461 -32.55 70.12 -2.04
CA ASN B 461 -33.29 69.01 -2.65
C ASN B 461 -32.44 68.15 -3.57
N GLY B 462 -31.12 68.33 -3.56
CA GLY B 462 -30.21 67.50 -4.31
C GLY B 462 -29.71 68.12 -5.60
N CYS B 463 -30.43 69.07 -6.17
CA CYS B 463 -30.07 69.66 -7.44
C CYS B 463 -29.83 71.15 -7.27
N PHE B 464 -28.90 71.69 -8.04
CA PHE B 464 -28.42 73.04 -7.83
C PHE B 464 -29.08 74.00 -8.81
N GLU B 465 -28.61 75.25 -8.82
CA GLU B 465 -29.11 76.28 -9.71
C GLU B 465 -28.04 77.35 -9.88
N PHE B 466 -28.41 78.44 -10.58
CA PHE B 466 -27.63 79.66 -10.62
C PHE B 466 -28.50 80.80 -10.12
N TYR B 467 -27.94 81.62 -9.22
CA TYR B 467 -28.67 82.80 -8.76
C TYR B 467 -29.00 83.73 -9.92
N HIS B 468 -28.14 83.78 -10.94
CA HIS B 468 -28.29 84.73 -12.03
C HIS B 468 -28.14 84.05 -13.39
N LYS B 469 -28.08 84.85 -14.45
CA LYS B 469 -27.93 84.38 -15.81
C LYS B 469 -26.46 84.43 -16.23
N CYS B 470 -26.10 83.58 -17.19
CA CYS B 470 -24.79 83.67 -17.81
C CYS B 470 -24.80 82.90 -19.13
N ASN B 471 -23.91 83.32 -20.04
CA ASN B 471 -23.90 82.88 -21.42
C ASN B 471 -22.93 81.71 -21.62
N ASN B 472 -22.57 81.43 -22.88
CA ASN B 472 -21.78 80.25 -23.22
C ASN B 472 -20.45 80.22 -22.48
N GLU B 473 -19.79 81.37 -22.34
CA GLU B 473 -18.51 81.41 -21.65
C GLU B 473 -18.67 80.99 -20.19
N CYS B 474 -19.78 81.37 -19.55
CA CYS B 474 -20.05 80.95 -18.18
C CYS B 474 -20.15 79.43 -18.09
N MET B 475 -20.98 78.81 -18.93
CA MET B 475 -21.17 77.37 -18.82
C MET B 475 -19.90 76.60 -19.18
N GLU B 476 -19.13 77.07 -20.16
CA GLU B 476 -17.86 76.41 -20.45
C GLU B 476 -16.88 76.55 -19.27
N SER B 477 -16.79 77.74 -18.68
CA SER B 477 -15.86 77.96 -17.58
C SER B 477 -16.23 77.09 -16.38
N VAL B 478 -17.51 77.00 -16.04
CA VAL B 478 -17.91 76.13 -14.93
C VAL B 478 -17.81 74.67 -15.36
N LYS B 479 -17.87 74.39 -16.66
CA LYS B 479 -17.66 73.04 -17.15
C LYS B 479 -16.26 72.58 -16.79
N ASN B 480 -15.28 73.49 -16.94
CA ASN B 480 -13.93 73.22 -16.46
C ASN B 480 -13.89 73.07 -14.94
N GLY B 481 -14.59 73.95 -14.22
CA GLY B 481 -14.64 73.86 -12.78
C GLY B 481 -14.02 75.04 -12.05
N THR B 482 -14.12 76.23 -12.63
CA THR B 482 -13.50 77.45 -12.12
C THR B 482 -14.54 78.54 -11.96
N TYR B 483 -15.65 78.22 -11.29
CA TYR B 483 -16.81 79.10 -11.28
C TYR B 483 -16.46 80.44 -10.65
N ASP B 484 -16.88 81.52 -11.32
CA ASP B 484 -16.49 82.88 -10.95
C ASP B 484 -17.37 83.36 -9.80
N TYR B 485 -16.88 83.15 -8.57
CA TYR B 485 -17.67 83.53 -7.39
C TYR B 485 -17.70 85.04 -7.21
N PRO B 486 -16.56 85.75 -7.05
CA PRO B 486 -16.63 87.19 -6.80
C PRO B 486 -16.98 88.02 -8.02
N LYS B 487 -16.89 87.46 -9.23
CA LYS B 487 -17.03 88.26 -10.44
C LYS B 487 -18.46 88.72 -10.67
N TYR B 488 -19.44 87.92 -10.26
CA TYR B 488 -20.84 88.20 -10.50
C TYR B 488 -21.60 88.42 -9.19
N SER B 489 -21.00 89.20 -8.29
CA SER B 489 -21.51 89.36 -6.92
C SER B 489 -22.16 90.72 -6.71
N GLU B 490 -22.85 91.24 -7.72
CA GLU B 490 -23.45 92.56 -7.60
C GLU B 490 -24.79 92.55 -6.86
N GLU B 491 -25.15 91.46 -6.19
CA GLU B 491 -26.28 91.46 -5.27
C GLU B 491 -26.17 90.22 -4.38
N ASP C 1 -35.67 74.97 23.00
CA ASP C 1 -35.22 75.40 21.68
C ASP C 1 -34.08 74.54 21.17
N THR C 2 -33.86 73.41 21.85
CA THR C 2 -32.79 72.48 21.51
C THR C 2 -33.36 71.25 20.82
N ILE C 3 -32.56 70.69 19.92
CA ILE C 3 -32.88 69.45 19.22
C ILE C 3 -31.58 68.88 18.67
N CYS C 4 -31.34 67.60 18.88
CA CYS C 4 -30.13 66.98 18.34
C CYS C 4 -30.19 65.47 18.52
N ILE C 5 -29.18 64.80 17.96
CA ILE C 5 -29.23 63.38 17.67
C ILE C 5 -28.15 62.67 18.48
N GLY C 6 -28.35 61.38 18.68
CA GLY C 6 -27.37 60.56 19.36
C GLY C 6 -27.69 59.09 19.20
N TYR C 7 -26.68 58.27 19.48
CA TYR C 7 -26.80 56.82 19.39
C TYR C 7 -26.88 56.23 20.79
N HIS C 8 -27.93 55.45 21.03
CA HIS C 8 -28.14 54.76 22.31
C HIS C 8 -26.90 53.98 22.69
N ALA C 9 -26.31 54.33 23.84
CA ALA C 9 -25.12 53.68 24.36
C ALA C 9 -25.46 53.12 25.74
N ASN C 10 -25.94 51.87 25.76
CA ASN C 10 -26.28 51.23 27.03
C ASN C 10 -24.99 50.78 27.72
N ASN C 11 -25.15 49.98 28.77
CA ASN C 11 -24.03 49.58 29.61
C ASN C 11 -23.40 48.26 29.23
N SER C 12 -23.85 47.63 28.14
CA SER C 12 -23.36 46.30 27.78
C SER C 12 -21.84 46.32 27.62
N THR C 13 -21.19 45.29 28.17
CA THR C 13 -19.77 45.33 28.50
C THR C 13 -19.03 44.11 27.99
N ASP C 14 -19.24 43.75 26.72
CA ASP C 14 -18.44 42.71 26.09
C ASP C 14 -17.58 43.30 24.97
N THR C 15 -16.38 42.75 24.82
CA THR C 15 -15.32 43.35 24.04
C THR C 15 -15.13 42.58 22.74
N VAL C 16 -15.07 43.30 21.63
CA VAL C 16 -14.96 42.70 20.31
C VAL C 16 -13.66 43.18 19.65
N ASP C 17 -13.11 42.33 18.80
CA ASP C 17 -11.79 42.57 18.22
C ASP C 17 -11.89 43.34 16.91
N THR C 18 -10.93 44.23 16.68
CA THR C 18 -10.80 44.94 15.43
C THR C 18 -9.35 44.91 14.98
N VAL C 19 -9.15 44.98 13.67
CA VAL C 19 -7.79 45.07 13.12
C VAL C 19 -7.16 46.44 13.37
N LEU C 20 -7.93 47.40 13.87
CA LEU C 20 -7.43 48.74 14.14
C LEU C 20 -7.49 49.13 15.62
N GLU C 21 -7.98 48.27 16.50
CA GLU C 21 -8.03 48.59 17.92
C GLU C 21 -8.07 47.30 18.71
N LYS C 22 -7.67 47.37 19.97
CA LYS C 22 -7.55 46.21 20.86
C LYS C 22 -8.85 46.03 21.64
N ASN C 23 -9.68 45.11 21.19
CA ASN C 23 -10.83 44.61 21.94
C ASN C 23 -11.72 45.76 22.44
N VAL C 24 -12.32 46.47 21.49
CA VAL C 24 -13.22 47.56 21.82
C VAL C 24 -14.47 47.00 22.48
N THR C 25 -14.95 47.70 23.51
CA THR C 25 -16.21 47.34 24.15
C THR C 25 -17.37 47.86 23.32
N VAL C 26 -18.33 46.99 23.02
CA VAL C 26 -19.48 47.34 22.19
C VAL C 26 -20.70 46.63 22.75
N THR C 27 -21.87 47.24 22.59
CA THR C 27 -23.08 46.81 23.29
C THR C 27 -23.53 45.39 22.95
N HIS C 28 -24.01 45.15 21.74
CA HIS C 28 -24.63 43.89 21.40
C HIS C 28 -23.68 43.01 20.61
N SER C 29 -23.64 41.72 20.97
CA SER C 29 -22.80 40.77 20.27
C SER C 29 -23.40 39.38 20.45
N VAL C 30 -24.15 38.92 19.44
CA VAL C 30 -24.59 37.54 19.42
C VAL C 30 -23.39 36.66 19.10
N ASN C 31 -22.88 35.96 20.11
CA ASN C 31 -21.68 35.15 19.90
C ASN C 31 -21.95 34.07 18.87
N LEU C 32 -20.86 33.57 18.27
CA LEU C 32 -20.95 32.52 17.29
C LEU C 32 -20.23 31.24 17.70
N LEU C 33 -19.31 31.31 18.65
CA LEU C 33 -18.52 30.13 19.05
C LEU C 33 -19.23 29.41 20.19
N GLU C 34 -20.09 28.47 19.82
CA GLU C 34 -20.70 27.59 20.81
C GLU C 34 -19.62 26.72 21.45
N ASP C 35 -19.48 26.80 22.77
CA ASP C 35 -18.44 26.06 23.47
C ASP C 35 -19.00 25.51 24.78
N SER C 36 -20.19 24.92 24.72
CA SER C 36 -20.83 24.33 25.91
C SER C 36 -21.28 22.92 25.56
N HIS C 37 -20.36 21.97 25.68
CA HIS C 37 -20.69 20.56 25.52
C HIS C 37 -21.13 19.99 26.87
N ASN C 38 -22.16 19.15 26.84
CA ASN C 38 -22.69 18.61 28.10
C ASN C 38 -21.65 17.76 28.82
N GLY C 39 -20.71 17.18 28.10
CA GLY C 39 -19.68 16.37 28.70
C GLY C 39 -19.98 14.88 28.76
N LYS C 40 -20.95 14.40 28.00
CA LYS C 40 -21.34 13.00 28.09
C LYS C 40 -22.07 12.61 26.81
N LEU C 41 -22.04 11.31 26.52
CA LEU C 41 -22.62 10.79 25.28
C LEU C 41 -24.14 10.94 25.30
N CYS C 42 -24.71 11.11 24.12
CA CYS C 42 -26.13 11.36 23.97
C CYS C 42 -26.67 10.73 22.70
N LEU C 43 -27.99 10.55 22.66
CA LEU C 43 -28.64 9.91 21.53
C LEU C 43 -28.38 10.65 20.24
N LEU C 44 -28.64 9.96 19.13
CA LEU C 44 -28.50 10.54 17.79
C LEU C 44 -29.88 10.42 17.14
N LYS C 45 -30.62 11.53 17.15
CA LYS C 45 -32.03 11.59 16.79
C LYS C 45 -32.79 10.37 17.29
N GLY C 46 -32.52 9.94 18.52
CA GLY C 46 -33.27 8.89 19.16
C GLY C 46 -32.70 7.50 19.01
N ILE C 47 -31.82 7.26 18.05
CA ILE C 47 -31.23 5.94 17.87
C ILE C 47 -30.06 5.80 18.83
N ALA C 48 -30.10 4.74 19.64
CA ALA C 48 -29.11 4.58 20.69
C ALA C 48 -27.72 4.37 20.09
N PRO C 49 -26.67 4.74 20.83
CA PRO C 49 -25.31 4.47 20.36
C PRO C 49 -24.94 3.03 20.58
N LEU C 50 -24.26 2.45 19.59
CA LEU C 50 -23.76 1.08 19.75
C LEU C 50 -22.57 1.20 20.70
N GLN C 51 -22.86 1.11 21.99
CA GLN C 51 -21.82 1.25 23.01
C GLN C 51 -21.00 -0.03 23.01
N LEU C 52 -19.88 -0.01 22.29
CA LEU C 52 -19.04 -1.20 22.17
C LEU C 52 -18.50 -1.66 23.52
N GLY C 53 -18.46 -0.78 24.51
CA GLY C 53 -17.97 -1.21 25.81
C GLY C 53 -16.50 -1.59 25.73
N ASN C 54 -16.17 -2.71 26.39
CA ASN C 54 -14.77 -3.04 26.60
C ASN C 54 -14.10 -3.60 25.36
N CYS C 55 -14.80 -4.43 24.58
CA CYS C 55 -14.15 -5.09 23.45
C CYS C 55 -13.84 -4.10 22.34
N SER C 56 -12.73 -4.35 21.65
CA SER C 56 -12.37 -3.59 20.47
C SER C 56 -13.26 -3.97 19.30
N VAL C 57 -13.12 -3.23 18.20
CA VAL C 57 -13.83 -3.58 16.98
C VAL C 57 -13.37 -4.94 16.48
N ALA C 58 -12.06 -5.19 16.54
CA ALA C 58 -11.56 -6.53 16.24
C ALA C 58 -12.20 -7.56 17.16
N GLY C 59 -12.37 -7.22 18.44
CA GLY C 59 -13.04 -8.14 19.34
C GLY C 59 -14.50 -8.33 19.01
N TRP C 60 -15.21 -7.26 18.68
CA TRP C 60 -16.64 -7.36 18.53
C TRP C 60 -17.02 -8.07 17.26
N ILE C 61 -16.36 -7.74 16.14
CA ILE C 61 -16.69 -8.40 14.89
C ILE C 61 -16.42 -9.89 14.97
N LEU C 62 -15.46 -10.29 15.81
CA LEU C 62 -15.15 -11.68 16.03
C LEU C 62 -15.97 -12.30 17.17
N GLY C 63 -16.89 -11.55 17.75
CA GLY C 63 -17.74 -12.08 18.80
C GLY C 63 -17.01 -12.44 20.08
N ASN C 64 -16.01 -11.66 20.47
CA ASN C 64 -15.21 -11.82 21.67
C ASN C 64 -16.09 -12.23 22.84
N PRO C 65 -15.70 -13.22 23.64
CA PRO C 65 -16.58 -13.70 24.70
C PRO C 65 -16.72 -12.76 25.89
N GLU C 66 -16.25 -11.52 25.77
CA GLU C 66 -16.45 -10.55 26.83
C GLU C 66 -17.57 -9.55 26.54
N CYS C 67 -17.89 -9.33 25.27
CA CYS C 67 -19.10 -8.57 24.93
C CYS C 67 -20.10 -9.45 24.20
N GLU C 68 -20.35 -10.65 24.73
CA GLU C 68 -21.43 -11.47 24.24
C GLU C 68 -22.75 -10.70 24.26
N LEU C 69 -22.94 -9.84 25.26
CA LEU C 69 -24.17 -9.06 25.35
C LEU C 69 -24.35 -8.12 24.17
N LEU C 70 -23.29 -7.88 23.40
CA LEU C 70 -23.37 -7.00 22.24
C LEU C 70 -23.99 -7.68 21.03
N ILE C 71 -24.29 -8.97 21.13
CA ILE C 71 -24.75 -9.73 19.98
C ILE C 71 -26.08 -9.20 19.46
N SER C 72 -26.99 -8.88 20.36
CA SER C 72 -28.41 -8.75 20.02
C SER C 72 -28.80 -7.37 19.53
N LYS C 73 -27.86 -6.47 19.25
CA LYS C 73 -28.19 -5.18 18.65
C LYS C 73 -27.61 -5.13 17.24
N GLU C 74 -28.50 -4.96 16.27
CA GLU C 74 -28.14 -4.97 14.86
C GLU C 74 -28.35 -3.65 14.17
N SER C 75 -29.06 -2.71 14.79
CA SER C 75 -29.24 -1.36 14.26
C SER C 75 -28.73 -0.38 15.29
N TRP C 76 -28.11 0.70 14.83
CA TRP C 76 -27.44 1.61 15.73
C TRP C 76 -27.15 2.90 14.98
N SER C 77 -26.40 3.79 15.64
CA SER C 77 -26.06 5.09 15.08
C SER C 77 -24.57 5.28 14.88
N TYR C 78 -23.77 5.07 15.92
CA TYR C 78 -22.35 5.37 15.86
C TYR C 78 -21.61 4.55 16.89
N ILE C 79 -20.47 3.98 16.47
CA ILE C 79 -19.68 3.15 17.35
C ILE C 79 -19.04 4.03 18.43
N VAL C 80 -18.71 3.42 19.56
CA VAL C 80 -17.93 4.07 20.61
C VAL C 80 -16.80 3.11 20.96
N GLU C 81 -15.70 3.64 21.48
CA GLU C 81 -14.54 2.81 21.76
C GLU C 81 -13.77 3.40 22.94
N THR C 82 -13.59 2.60 23.98
CA THR C 82 -12.63 2.96 25.01
C THR C 82 -11.24 3.01 24.38
N PRO C 83 -10.44 4.03 24.64
CA PRO C 83 -9.19 4.21 23.89
C PRO C 83 -8.23 3.04 23.98
N ASN C 84 -8.20 2.31 25.09
CA ASN C 84 -7.29 1.17 25.28
C ASN C 84 -8.11 -0.05 25.62
N PRO C 85 -8.82 -0.62 24.64
CA PRO C 85 -9.62 -1.82 24.93
C PRO C 85 -8.71 -3.01 25.19
N GLU C 86 -8.91 -3.68 26.32
CA GLU C 86 -8.05 -4.78 26.72
C GLU C 86 -8.56 -6.11 26.17
N ASN C 87 -9.78 -6.49 26.54
CA ASN C 87 -10.36 -7.76 26.09
C ASN C 87 -10.81 -7.60 24.63
N GLY C 88 -9.82 -7.59 23.75
CA GLY C 88 -10.05 -7.39 22.33
C GLY C 88 -9.99 -8.68 21.54
N THR C 89 -8.88 -8.94 20.88
CA THR C 89 -8.68 -10.20 20.17
C THR C 89 -8.14 -11.22 21.17
N CYS C 90 -9.02 -12.11 21.64
CA CYS C 90 -8.67 -12.98 22.75
C CYS C 90 -7.60 -13.98 22.35
N TYR C 91 -7.76 -14.68 21.25
CA TYR C 91 -6.66 -15.49 20.76
C TYR C 91 -5.68 -14.59 20.01
N PRO C 92 -4.39 -14.66 20.33
CA PRO C 92 -3.44 -13.69 19.77
C PRO C 92 -3.25 -13.87 18.28
N GLY C 93 -2.67 -12.85 17.67
CA GLY C 93 -2.34 -12.94 16.26
C GLY C 93 -2.16 -11.62 15.56
N TYR C 94 -2.58 -11.55 14.30
CA TYR C 94 -2.40 -10.34 13.50
C TYR C 94 -3.57 -10.24 12.52
N PHE C 95 -4.54 -9.41 12.86
CA PHE C 95 -5.68 -9.16 11.99
C PHE C 95 -5.20 -8.64 10.64
N ALA C 96 -5.47 -9.40 9.59
CA ALA C 96 -5.04 -8.96 8.26
C ALA C 96 -5.88 -7.79 7.80
N ASP C 97 -5.21 -6.71 7.38
CA ASP C 97 -5.88 -5.50 6.92
C ASP C 97 -6.88 -5.01 7.96
N TYR C 98 -6.42 -4.88 9.20
CA TYR C 98 -7.31 -4.47 10.28
C TYR C 98 -7.91 -3.09 10.00
N GLU C 99 -7.06 -2.13 9.64
CA GLU C 99 -7.53 -0.75 9.51
C GLU C 99 -8.58 -0.62 8.42
N GLU C 100 -8.38 -1.28 7.29
CA GLU C 100 -9.36 -1.19 6.20
C GLU C 100 -10.72 -1.64 6.67
N LEU C 101 -10.79 -2.78 7.35
CA LEU C 101 -12.08 -3.24 7.86
C LEU C 101 -12.61 -2.28 8.90
N ARG C 102 -11.71 -1.70 9.70
CA ARG C 102 -12.12 -0.64 10.61
C ARG C 102 -12.85 0.46 9.87
N GLU C 103 -12.41 0.72 8.63
CA GLU C 103 -13.07 1.74 7.82
C GLU C 103 -14.37 1.24 7.22
N GLN C 104 -14.53 -0.08 7.04
CA GLN C 104 -15.84 -0.61 6.66
C GLN C 104 -16.91 -0.11 7.61
N LEU C 105 -16.68 -0.34 8.90
CA LEU C 105 -17.71 -0.11 9.88
C LEU C 105 -17.96 1.36 10.15
N SER C 106 -17.09 2.25 9.66
CA SER C 106 -17.32 3.66 9.89
C SER C 106 -18.55 4.20 9.17
N SER C 107 -19.15 3.44 8.26
CA SER C 107 -20.27 3.96 7.50
C SER C 107 -21.37 2.94 7.26
N VAL C 108 -21.38 1.81 7.98
CA VAL C 108 -22.44 0.83 7.82
C VAL C 108 -23.62 1.23 8.70
N SER C 109 -24.81 1.26 8.09
CA SER C 109 -25.98 1.71 8.82
C SER C 109 -26.48 0.63 9.77
N SER C 110 -26.86 -0.52 9.21
CA SER C 110 -27.33 -1.64 10.01
C SER C 110 -26.93 -2.93 9.31
N PHE C 111 -26.91 -4.01 10.08
CA PHE C 111 -26.44 -5.28 9.55
C PHE C 111 -27.05 -6.41 10.36
N GLU C 112 -27.42 -7.47 9.67
CA GLU C 112 -27.96 -8.68 10.28
C GLU C 112 -26.91 -9.77 10.23
N ARG C 113 -26.80 -10.53 11.32
CA ARG C 113 -25.92 -11.67 11.33
C ARG C 113 -26.72 -12.94 11.09
N PHE C 114 -26.04 -13.96 10.59
CA PHE C 114 -26.71 -15.22 10.27
C PHE C 114 -25.66 -16.31 10.20
N GLU C 115 -26.06 -17.52 10.58
CA GLU C 115 -25.15 -18.66 10.53
C GLU C 115 -24.89 -18.98 9.06
N ILE C 116 -23.73 -18.56 8.56
CA ILE C 116 -23.38 -18.80 7.17
C ILE C 116 -23.26 -20.30 6.91
N PHE C 117 -22.60 -21.01 7.81
CA PHE C 117 -22.60 -22.47 7.82
C PHE C 117 -23.04 -22.88 9.21
N PRO C 118 -24.26 -23.38 9.40
CA PRO C 118 -24.71 -23.73 10.75
C PRO C 118 -23.80 -24.77 11.38
N LYS C 119 -23.56 -24.63 12.68
CA LYS C 119 -22.63 -25.51 13.36
C LYS C 119 -23.08 -26.96 13.31
N GLU C 120 -24.39 -27.19 13.18
CA GLU C 120 -24.92 -28.55 13.29
C GLU C 120 -24.54 -29.39 12.08
N SER C 121 -25.04 -29.02 10.91
CA SER C 121 -24.95 -29.90 9.74
C SER C 121 -23.81 -29.56 8.80
N SER C 122 -23.14 -28.43 8.99
CA SER C 122 -22.10 -28.02 8.05
C SER C 122 -20.92 -28.98 8.08
N TRP C 123 -20.53 -29.43 9.27
CA TRP C 123 -19.32 -30.24 9.47
C TRP C 123 -19.68 -31.54 10.14
N PRO C 124 -20.19 -32.52 9.38
CA PRO C 124 -20.46 -33.83 10.01
C PRO C 124 -19.20 -34.62 10.24
N ASN C 125 -18.27 -34.64 9.29
CA ASN C 125 -17.07 -35.46 9.40
C ASN C 125 -16.01 -34.85 10.31
N HIS C 126 -16.22 -33.62 10.79
CA HIS C 126 -15.26 -32.92 11.62
C HIS C 126 -15.81 -32.76 13.03
N THR C 127 -15.06 -32.06 13.87
CA THR C 127 -15.52 -31.71 15.21
C THR C 127 -15.22 -30.24 15.46
N VAL C 128 -16.11 -29.58 16.18
CA VAL C 128 -16.07 -28.13 16.28
C VAL C 128 -15.83 -27.67 17.71
N THR C 129 -16.23 -28.49 18.68
CA THR C 129 -16.20 -28.02 20.06
C THR C 129 -14.75 -27.95 20.56
N GLY C 130 -14.00 -26.96 20.08
CA GLY C 130 -12.63 -26.78 20.50
C GLY C 130 -12.41 -25.42 21.10
N VAL C 131 -11.98 -25.36 22.36
CA VAL C 131 -11.82 -24.13 23.08
C VAL C 131 -10.35 -23.93 23.39
N SER C 132 -10.03 -22.78 24.00
CA SER C 132 -8.65 -22.44 24.32
C SER C 132 -8.61 -21.75 25.68
N ALA C 133 -7.82 -22.29 26.60
CA ALA C 133 -7.83 -21.81 27.97
C ALA C 133 -7.50 -20.32 28.07
N SER C 134 -6.74 -19.79 27.11
CA SER C 134 -6.47 -18.36 27.10
C SER C 134 -7.76 -17.58 26.91
N CYS C 135 -8.65 -18.06 26.05
CA CYS C 135 -9.81 -17.29 25.68
C CYS C 135 -10.94 -17.57 26.67
N SER C 136 -10.64 -17.43 27.96
CA SER C 136 -11.52 -17.93 29.01
C SER C 136 -12.84 -17.15 29.04
N HIS C 137 -13.78 -17.68 29.83
CA HIS C 137 -15.05 -17.00 30.06
C HIS C 137 -15.63 -17.60 31.33
N ASN C 138 -15.73 -16.80 32.39
CA ASN C 138 -16.15 -17.23 33.72
C ASN C 138 -15.25 -18.32 34.31
N GLY C 139 -14.13 -18.61 33.68
CA GLY C 139 -13.24 -19.67 34.13
C GLY C 139 -13.38 -20.96 33.35
N LYS C 140 -14.49 -21.16 32.64
CA LYS C 140 -14.63 -22.29 31.75
C LYS C 140 -14.16 -21.89 30.36
N SER C 141 -13.28 -22.70 29.78
CA SER C 141 -12.63 -22.35 28.52
C SER C 141 -13.64 -22.29 27.38
N SER C 142 -13.60 -21.22 26.60
CA SER C 142 -14.52 -21.03 25.48
C SER C 142 -13.81 -20.29 24.36
N PHE C 143 -14.46 -20.26 23.20
CA PHE C 143 -13.89 -19.69 21.98
C PHE C 143 -14.75 -18.53 21.50
N TYR C 144 -14.41 -18.00 20.33
CA TYR C 144 -15.20 -16.91 19.77
C TYR C 144 -16.57 -17.43 19.37
N ARG C 145 -17.57 -16.55 19.40
CA ARG C 145 -18.88 -16.92 18.91
C ARG C 145 -18.85 -17.15 17.39
N ASN C 146 -18.32 -16.19 16.64
CA ASN C 146 -18.52 -16.20 15.21
C ASN C 146 -17.60 -17.16 14.46
N LEU C 147 -16.62 -17.74 15.14
CA LEU C 147 -15.67 -18.61 14.47
C LEU C 147 -15.80 -20.03 14.98
N LEU C 148 -15.27 -20.97 14.22
CA LEU C 148 -15.31 -22.38 14.59
C LEU C 148 -13.94 -23.00 14.39
N TRP C 149 -13.57 -23.88 15.30
CA TRP C 149 -12.29 -24.58 15.23
C TRP C 149 -12.49 -25.98 14.68
N LEU C 150 -12.40 -26.08 13.36
CA LEU C 150 -12.51 -27.35 12.66
C LEU C 150 -11.24 -28.16 12.90
N THR C 151 -11.26 -28.98 13.93
CA THR C 151 -10.13 -29.87 14.20
C THR C 151 -10.48 -31.27 13.76
N GLY C 152 -9.45 -32.04 13.43
CA GLY C 152 -9.67 -33.40 12.96
C GLY C 152 -10.50 -34.20 13.94
N LYS C 153 -11.30 -35.10 13.39
CA LYS C 153 -12.22 -35.89 14.18
C LYS C 153 -12.06 -37.36 13.84
N ASN C 154 -12.20 -38.22 14.85
CA ASN C 154 -12.13 -39.66 14.68
C ASN C 154 -10.84 -40.07 14.01
N GLY C 155 -9.77 -39.34 14.29
CA GLY C 155 -8.48 -39.65 13.73
C GLY C 155 -8.28 -39.23 12.28
N LEU C 156 -9.24 -38.53 11.69
CA LEU C 156 -9.10 -38.05 10.32
C LEU C 156 -9.45 -36.58 10.27
N TYR C 157 -8.91 -35.89 9.27
CA TYR C 157 -9.32 -34.53 8.96
C TYR C 157 -9.52 -34.50 7.44
N PRO C 158 -10.64 -35.02 6.97
CA PRO C 158 -10.85 -35.11 5.51
C PRO C 158 -10.92 -33.75 4.86
N ASN C 159 -10.47 -33.70 3.60
CA ASN C 159 -10.52 -32.47 2.83
C ASN C 159 -11.95 -31.96 2.79
N LEU C 160 -12.11 -30.65 2.88
CA LEU C 160 -13.43 -30.05 2.90
C LEU C 160 -13.52 -28.94 1.86
N SER C 161 -14.69 -28.82 1.25
CA SER C 161 -15.00 -27.75 0.30
C SER C 161 -16.41 -27.30 0.62
N LYS C 162 -16.52 -26.34 1.52
CA LYS C 162 -17.82 -25.84 1.97
C LYS C 162 -18.04 -24.49 1.30
N SER C 163 -18.59 -24.52 0.10
CA SER C 163 -18.81 -23.31 -0.67
C SER C 163 -20.00 -22.54 -0.12
N TYR C 164 -20.31 -21.42 -0.77
CA TYR C 164 -21.45 -20.59 -0.39
C TYR C 164 -21.76 -19.70 -1.58
N ALA C 165 -22.98 -19.77 -2.08
CA ALA C 165 -23.45 -18.84 -3.11
C ALA C 165 -24.29 -17.77 -2.43
N ASN C 166 -23.80 -16.54 -2.45
CA ASN C 166 -24.51 -15.46 -1.80
C ASN C 166 -25.75 -15.10 -2.60
N ASN C 167 -26.88 -15.00 -1.90
CA ASN C 167 -28.15 -14.60 -2.51
C ASN C 167 -28.94 -13.68 -1.58
N LYS C 168 -28.24 -12.92 -0.74
CA LYS C 168 -28.89 -12.06 0.23
C LYS C 168 -29.20 -10.68 -0.32
N GLU C 169 -28.90 -10.42 -1.59
CA GLU C 169 -29.17 -9.16 -2.27
C GLU C 169 -28.47 -7.97 -1.64
N LYS C 170 -27.55 -8.21 -0.70
CA LYS C 170 -26.76 -7.16 -0.10
C LYS C 170 -25.31 -7.64 0.01
N GLU C 171 -24.41 -6.68 0.18
CA GLU C 171 -23.03 -7.02 0.48
C GLU C 171 -22.98 -7.83 1.76
N VAL C 172 -22.24 -8.93 1.74
CA VAL C 172 -22.10 -9.77 2.91
C VAL C 172 -20.62 -9.79 3.31
N LEU C 173 -20.38 -9.96 4.59
CA LEU C 173 -19.04 -9.92 5.16
C LEU C 173 -18.73 -11.31 5.71
N VAL C 174 -17.49 -11.75 5.57
CA VAL C 174 -17.09 -13.09 5.95
C VAL C 174 -15.77 -13.02 6.70
N LEU C 175 -15.63 -13.82 7.73
CA LEU C 175 -14.42 -13.92 8.54
C LEU C 175 -13.90 -15.34 8.54
N TRP C 176 -12.61 -15.48 8.78
CA TRP C 176 -12.01 -16.79 9.06
C TRP C 176 -10.57 -16.54 9.51
N GLY C 177 -9.83 -17.63 9.70
CA GLY C 177 -8.43 -17.51 10.05
C GLY C 177 -7.74 -18.84 9.89
N VAL C 178 -6.42 -18.76 9.73
CA VAL C 178 -5.59 -19.96 9.59
C VAL C 178 -4.62 -20.00 10.76
N HIS C 179 -4.61 -21.12 11.47
CA HIS C 179 -3.94 -21.22 12.76
C HIS C 179 -2.52 -21.69 12.56
N HIS C 180 -1.57 -20.82 12.83
CA HIS C 180 -0.18 -21.26 12.85
C HIS C 180 0.18 -21.85 14.20
N PRO C 181 0.34 -23.17 14.29
CA PRO C 181 0.81 -23.73 15.55
C PRO C 181 2.24 -23.33 15.81
N PRO C 182 2.67 -23.31 17.06
CA PRO C 182 4.05 -22.95 17.38
C PRO C 182 5.04 -24.10 17.29
N ASN C 183 4.59 -25.26 16.80
CA ASN C 183 5.31 -26.50 17.03
C ASN C 183 4.71 -27.58 16.13
N ILE C 184 5.56 -28.32 15.43
CA ILE C 184 5.08 -29.33 14.48
C ILE C 184 4.25 -30.37 15.20
N GLY C 185 4.66 -30.75 16.41
CA GLY C 185 3.88 -31.71 17.17
C GLY C 185 2.49 -31.22 17.48
N ASP C 186 2.33 -29.93 17.73
CA ASP C 186 1.00 -29.36 17.88
C ASP C 186 0.18 -29.60 16.63
N GLN C 187 0.78 -29.35 15.47
CA GLN C 187 0.08 -29.50 14.21
C GLN C 187 -0.43 -30.91 13.94
N ARG C 188 0.39 -31.92 14.23
CA ARG C 188 -0.01 -33.30 14.01
C ARG C 188 -1.03 -33.77 15.04
N ALA C 189 -0.96 -33.25 16.26
CA ALA C 189 -1.88 -33.65 17.31
C ALA C 189 -3.21 -32.96 17.09
N LEU C 190 -3.23 -31.89 16.29
CA LEU C 190 -4.47 -31.13 16.13
C LEU C 190 -5.10 -31.25 14.75
N TYR C 191 -4.32 -31.50 13.69
CA TYR C 191 -4.88 -31.60 12.35
C TYR C 191 -4.39 -32.78 11.54
N HIS C 192 -3.55 -33.64 12.11
CA HIS C 192 -3.20 -34.91 11.49
C HIS C 192 -2.55 -34.73 10.12
N THR C 193 -1.68 -33.73 9.99
CA THR C 193 -0.91 -33.58 8.76
C THR C 193 0.28 -32.66 8.96
N GLU C 194 1.43 -33.06 8.46
CA GLU C 194 2.63 -32.23 8.52
C GLU C 194 2.34 -30.84 7.96
N ASN C 195 2.17 -30.77 6.64
CA ASN C 195 1.87 -29.52 5.98
C ASN C 195 0.35 -29.35 5.83
N ALA C 196 -0.05 -28.21 5.29
CA ALA C 196 -1.45 -27.97 5.02
C ALA C 196 -1.56 -26.78 4.09
N TYR C 197 -2.68 -26.71 3.37
CA TYR C 197 -2.96 -25.55 2.56
C TYR C 197 -4.41 -25.14 2.76
N VAL C 198 -4.66 -23.86 2.61
CA VAL C 198 -6.01 -23.31 2.62
C VAL C 198 -6.19 -22.42 1.42
N SER C 199 -7.34 -22.53 0.78
CA SER C 199 -7.67 -21.68 -0.34
C SER C 199 -9.04 -21.07 -0.12
N VAL C 200 -9.17 -19.80 -0.43
CA VAL C 200 -10.44 -19.11 -0.45
C VAL C 200 -10.58 -18.44 -1.80
N VAL C 201 -11.76 -18.54 -2.39
CA VAL C 201 -11.95 -18.11 -3.77
C VAL C 201 -13.26 -17.34 -3.89
N SER C 202 -13.23 -16.25 -4.65
CA SER C 202 -14.42 -15.54 -5.08
C SER C 202 -14.30 -15.31 -6.58
N SER C 203 -15.19 -14.52 -7.16
CA SER C 203 -15.02 -14.15 -8.56
C SER C 203 -14.07 -12.97 -8.72
N HIS C 204 -13.57 -12.40 -7.63
CA HIS C 204 -12.59 -11.34 -7.68
C HIS C 204 -11.44 -11.55 -6.71
N TYR C 205 -11.54 -12.53 -5.81
CA TYR C 205 -10.62 -12.70 -4.71
C TYR C 205 -10.19 -14.16 -4.65
N SER C 206 -8.89 -14.38 -4.46
CA SER C 206 -8.38 -15.72 -4.21
C SER C 206 -6.97 -15.59 -3.68
N ARG C 207 -6.61 -16.44 -2.73
CA ARG C 207 -5.24 -16.51 -2.27
C ARG C 207 -5.02 -17.82 -1.53
N LYS C 208 -3.75 -18.16 -1.37
CA LYS C 208 -3.31 -19.49 -0.97
C LYS C 208 -2.63 -19.38 0.40
N PHE C 209 -3.04 -20.23 1.34
CA PHE C 209 -2.58 -20.14 2.72
C PHE C 209 -1.74 -21.36 3.06
N THR C 210 -0.50 -21.13 3.45
CA THR C 210 0.36 -22.19 3.97
C THR C 210 0.77 -21.82 5.38
N PRO C 211 0.22 -22.46 6.39
CA PRO C 211 0.55 -22.08 7.77
C PRO C 211 1.97 -22.45 8.17
N GLU C 212 2.83 -21.45 8.25
CA GLU C 212 4.20 -21.66 8.68
C GLU C 212 4.25 -22.07 10.14
N ILE C 213 5.30 -22.78 10.51
CA ILE C 213 5.48 -23.29 11.87
C ILE C 213 6.70 -22.59 12.47
N ALA C 214 6.52 -21.96 13.62
CA ALA C 214 7.62 -21.30 14.31
C ALA C 214 7.25 -20.96 15.74
N LYS C 215 8.11 -21.30 16.69
CA LYS C 215 7.89 -20.89 18.07
C LYS C 215 8.05 -19.38 18.18
N ARG C 216 7.08 -18.75 18.82
CA ARG C 216 7.05 -17.30 18.98
C ARG C 216 6.92 -16.95 20.45
N PRO C 217 7.29 -15.73 20.84
CA PRO C 217 7.28 -15.37 22.26
C PRO C 217 5.91 -15.56 22.90
N LYS C 218 5.91 -15.70 24.22
CA LYS C 218 4.68 -15.81 24.96
C LYS C 218 3.84 -14.57 24.73
N VAL C 219 2.54 -14.77 24.52
CA VAL C 219 1.61 -13.71 24.19
C VAL C 219 0.44 -13.66 25.18
N ARG C 220 -0.20 -14.79 25.43
CA ARG C 220 -1.07 -14.97 26.58
C ARG C 220 -0.81 -16.34 27.18
N ASP C 221 0.47 -16.66 27.37
CA ASP C 221 0.90 -17.95 27.89
C ASP C 221 0.46 -19.04 26.91
N GLN C 222 0.57 -18.74 25.63
CA GLN C 222 0.12 -19.68 24.61
C GLN C 222 0.72 -19.28 23.27
N GLU C 223 1.65 -20.09 22.77
CA GLU C 223 2.64 -19.64 21.80
C GLU C 223 2.09 -19.51 20.39
N GLY C 224 1.18 -20.38 19.98
CA GLY C 224 0.67 -20.31 18.63
C GLY C 224 -0.13 -19.06 18.37
N ARG C 225 -0.32 -18.73 17.10
CA ARG C 225 -1.05 -17.54 16.70
C ARG C 225 -1.91 -17.87 15.50
N ILE C 226 -2.92 -17.03 15.27
CA ILE C 226 -3.68 -17.05 14.02
C ILE C 226 -3.50 -15.71 13.33
N ASN C 227 -3.84 -15.69 12.05
CA ASN C 227 -4.15 -14.47 11.34
C ASN C 227 -5.62 -14.55 10.93
N TYR C 228 -6.41 -13.61 11.40
CA TYR C 228 -7.78 -13.51 10.93
C TYR C 228 -7.79 -12.78 9.61
N TYR C 229 -8.73 -13.14 8.75
CA TYR C 229 -8.89 -12.47 7.47
C TYR C 229 -10.35 -12.13 7.28
N TRP C 230 -10.65 -11.50 6.16
CA TRP C 230 -12.01 -11.06 5.91
C TRP C 230 -12.13 -10.66 4.45
N THR C 231 -13.37 -10.53 3.99
CA THR C 231 -13.64 -10.15 2.63
C THR C 231 -15.09 -9.74 2.50
N LEU C 232 -15.42 -9.15 1.36
CA LEU C 232 -16.78 -8.78 1.04
C LEU C 232 -17.22 -9.53 -0.20
N LEU C 233 -18.51 -9.86 -0.26
CA LEU C 233 -19.08 -10.51 -1.42
C LEU C 233 -20.16 -9.60 -1.98
N GLU C 234 -20.02 -9.21 -3.24
CA GLU C 234 -21.10 -8.53 -3.92
C GLU C 234 -22.24 -9.53 -4.14
N PRO C 235 -23.46 -9.03 -4.30
CA PRO C 235 -24.57 -9.94 -4.58
C PRO C 235 -24.31 -10.76 -5.83
N GLY C 236 -24.73 -12.02 -5.79
CA GLY C 236 -24.50 -12.93 -6.90
C GLY C 236 -23.13 -13.59 -6.91
N ASP C 237 -22.30 -13.35 -5.91
CA ASP C 237 -20.97 -13.93 -5.83
C ASP C 237 -20.99 -15.17 -4.95
N THR C 238 -20.15 -16.14 -5.30
CA THR C 238 -20.03 -17.38 -4.54
C THR C 238 -18.61 -17.49 -4.00
N ILE C 239 -18.50 -17.80 -2.72
CA ILE C 239 -17.20 -17.94 -2.06
C ILE C 239 -17.00 -19.42 -1.76
N ILE C 240 -15.79 -19.91 -2.02
CA ILE C 240 -15.46 -21.31 -1.88
C ILE C 240 -14.34 -21.45 -0.85
N PHE C 241 -14.53 -22.34 0.10
CA PHE C 241 -13.58 -22.55 1.18
C PHE C 241 -12.93 -23.92 0.96
N GLU C 242 -11.88 -23.95 0.16
CA GLU C 242 -11.12 -25.17 -0.02
C GLU C 242 -9.99 -25.20 1.01
N ALA C 243 -9.95 -26.27 1.79
CA ALA C 243 -8.96 -26.36 2.85
C ALA C 243 -8.59 -27.81 3.09
N ASN C 244 -7.43 -28.01 3.70
CA ASN C 244 -6.89 -29.35 3.94
C ASN C 244 -6.45 -29.42 5.39
N GLY C 245 -6.12 -28.27 5.97
CA GLY C 245 -5.72 -28.23 7.36
C GLY C 245 -5.53 -26.81 7.81
N ASN C 246 -5.65 -26.62 9.13
CA ASN C 246 -5.48 -25.32 9.77
C ASN C 246 -6.47 -24.30 9.22
N LEU C 247 -7.74 -24.57 9.50
CA LEU C 247 -8.80 -23.60 9.26
C LEU C 247 -9.41 -23.12 10.56
N ILE C 248 -9.99 -21.92 10.50
CA ILE C 248 -10.92 -21.44 11.51
C ILE C 248 -12.14 -20.99 10.72
N ALA C 249 -13.06 -21.91 10.48
CA ALA C 249 -14.12 -21.65 9.53
C ALA C 249 -15.08 -20.61 10.09
N PRO C 250 -15.79 -19.90 9.21
CA PRO C 250 -16.78 -18.93 9.67
C PRO C 250 -18.04 -19.62 10.17
N ARG C 251 -18.70 -18.96 11.12
CA ARG C 251 -19.96 -19.48 11.62
C ARG C 251 -21.03 -18.40 11.56
N TYR C 252 -20.63 -17.14 11.75
CA TYR C 252 -21.53 -15.98 11.67
C TYR C 252 -20.99 -15.00 10.64
N ALA C 253 -21.38 -15.17 9.39
CA ALA C 253 -21.10 -14.14 8.41
C ALA C 253 -22.08 -12.98 8.58
N PHE C 254 -21.61 -11.78 8.28
CA PHE C 254 -22.35 -10.56 8.51
C PHE C 254 -22.92 -10.06 7.18
N ALA C 255 -24.24 -9.93 7.11
CA ALA C 255 -24.88 -9.33 5.95
C ALA C 255 -24.99 -7.83 6.19
N LEU C 256 -24.35 -7.04 5.33
CA LEU C 256 -24.10 -5.64 5.59
C LEU C 256 -25.11 -4.75 4.88
N SER C 257 -25.14 -3.49 5.29
CA SER C 257 -25.94 -2.47 4.61
C SER C 257 -25.31 -1.12 4.92
N ARG C 258 -24.75 -0.48 3.89
CA ARG C 258 -23.92 0.70 4.08
C ARG C 258 -24.81 1.92 4.34
N GLY C 259 -24.22 3.11 4.26
CA GLY C 259 -24.98 4.33 4.44
C GLY C 259 -24.06 5.51 4.61
N PHE C 260 -24.58 6.54 5.27
CA PHE C 260 -23.80 7.72 5.60
C PHE C 260 -24.40 8.38 6.82
N GLY C 261 -23.55 8.97 7.64
CA GLY C 261 -23.96 9.60 8.88
C GLY C 261 -23.43 8.93 10.13
N SER C 262 -22.82 7.76 10.01
CA SER C 262 -22.28 7.06 11.16
C SER C 262 -20.80 7.37 11.30
N GLY C 263 -20.13 6.67 12.21
CA GLY C 263 -18.72 6.86 12.41
C GLY C 263 -18.23 6.13 13.63
N ILE C 264 -16.92 6.14 13.80
CA ILE C 264 -16.25 5.53 14.93
C ILE C 264 -15.56 6.64 15.72
N ILE C 265 -15.74 6.64 17.03
CA ILE C 265 -15.12 7.61 17.90
C ILE C 265 -14.37 6.87 19.00
N THR C 266 -13.84 7.64 19.94
CA THR C 266 -13.02 7.07 21.01
C THR C 266 -13.22 7.97 22.23
N SER C 267 -14.17 7.61 23.07
CA SER C 267 -14.62 8.46 24.17
C SER C 267 -14.35 7.78 25.50
N ASN C 268 -14.68 8.52 26.57
CA ASN C 268 -14.65 8.00 27.93
C ASN C 268 -15.95 8.23 28.68
N ALA C 269 -16.79 9.15 28.24
CA ALA C 269 -17.91 9.61 29.04
C ALA C 269 -18.99 8.54 29.15
N PRO C 270 -19.73 8.52 30.26
CA PRO C 270 -20.85 7.58 30.38
C PRO C 270 -22.01 7.96 29.47
N MET C 271 -23.09 7.17 29.52
CA MET C 271 -24.20 7.31 28.59
C MET C 271 -25.49 7.44 29.36
N ASP C 272 -26.31 8.44 29.01
CA ASP C 272 -27.63 8.56 29.61
C ASP C 272 -28.59 9.18 28.59
N GLU C 273 -29.77 9.58 29.06
CA GLU C 273 -30.89 9.91 28.19
C GLU C 273 -30.86 11.40 27.79
N CYS C 274 -29.83 11.73 27.02
CA CYS C 274 -29.83 13.01 26.33
C CYS C 274 -30.85 12.99 25.19
N ASP C 275 -30.88 14.10 24.45
CA ASP C 275 -31.54 14.13 23.14
C ASP C 275 -30.90 15.29 22.38
N ALA C 276 -29.97 14.98 21.47
CA ALA C 276 -29.23 16.00 20.75
C ALA C 276 -29.09 15.55 19.30
N LYS C 277 -28.20 16.24 18.59
CA LYS C 277 -28.02 16.00 17.16
C LYS C 277 -26.57 15.99 16.70
N CYS C 278 -25.61 16.32 17.56
CA CYS C 278 -24.23 16.52 17.12
C CYS C 278 -23.31 16.11 18.26
N GLN C 279 -22.85 14.86 18.24
CA GLN C 279 -22.08 14.30 19.34
C GLN C 279 -20.60 14.23 18.98
N THR C 280 -19.77 14.59 19.95
CA THR C 280 -18.33 14.58 19.84
C THR C 280 -17.77 13.76 20.99
N PRO C 281 -16.51 13.30 20.90
CA PRO C 281 -15.92 12.53 21.98
C PRO C 281 -16.08 13.14 23.37
N GLN C 282 -16.28 14.45 23.43
CA GLN C 282 -16.52 15.13 24.69
C GLN C 282 -18.00 15.43 24.93
N GLY C 283 -18.90 14.86 24.15
CA GLY C 283 -20.31 15.00 24.41
C GLY C 283 -21.05 15.46 23.18
N ALA C 284 -22.23 16.01 23.42
CA ALA C 284 -23.13 16.44 22.36
C ALA C 284 -23.44 17.92 22.49
N ILE C 285 -23.98 18.49 21.41
CA ILE C 285 -24.32 19.90 21.33
C ILE C 285 -25.81 20.03 21.08
N ASN C 286 -26.42 21.00 21.74
CA ASN C 286 -27.86 21.28 21.62
C ASN C 286 -28.07 22.78 21.42
N SER C 287 -27.37 23.35 20.45
CA SER C 287 -27.50 24.76 20.12
C SER C 287 -27.46 24.95 18.61
N SER C 288 -27.95 26.10 18.16
CA SER C 288 -28.00 26.42 16.74
C SER C 288 -26.91 27.38 16.31
N LEU C 289 -25.93 27.65 17.18
CA LEU C 289 -24.79 28.45 16.78
C LEU C 289 -23.95 27.68 15.74
N PRO C 290 -23.25 28.38 14.86
CA PRO C 290 -22.66 27.72 13.70
C PRO C 290 -21.21 27.26 13.83
N PHE C 291 -20.50 27.66 14.88
CA PHE C 291 -19.10 27.28 15.02
C PHE C 291 -18.86 26.82 16.44
N GLN C 292 -18.02 25.78 16.60
CA GLN C 292 -17.70 25.31 17.94
C GLN C 292 -16.22 25.04 18.03
N ASN C 293 -15.71 25.10 19.26
CA ASN C 293 -14.34 24.74 19.59
C ASN C 293 -14.35 23.71 20.72
N VAL C 294 -15.12 22.64 20.52
CA VAL C 294 -15.18 21.55 21.48
C VAL C 294 -14.22 20.42 21.12
N HIS C 295 -14.26 19.96 19.87
CA HIS C 295 -13.33 18.94 19.37
C HIS C 295 -13.54 18.84 17.86
N PRO C 296 -12.48 18.67 17.07
CA PRO C 296 -12.66 18.65 15.61
C PRO C 296 -13.56 17.54 15.11
N VAL C 297 -13.33 16.29 15.52
CA VAL C 297 -14.12 15.17 15.04
C VAL C 297 -15.57 15.33 15.51
N THR C 298 -16.51 15.08 14.61
CA THR C 298 -17.93 15.25 14.90
C THR C 298 -18.70 14.02 14.43
N ILE C 299 -19.98 13.98 14.82
CA ILE C 299 -20.92 12.98 14.35
C ILE C 299 -22.25 13.66 14.09
N GLY C 300 -22.91 13.30 12.99
CA GLY C 300 -24.15 13.92 12.62
C GLY C 300 -23.91 15.31 12.07
N GLU C 301 -24.98 15.93 11.59
CA GLU C 301 -24.88 17.31 11.14
C GLU C 301 -24.49 18.18 12.33
N CYS C 302 -23.46 19.00 12.13
CA CYS C 302 -22.81 19.68 13.23
C CYS C 302 -22.46 21.09 12.82
N PRO C 303 -22.38 22.01 13.76
CA PRO C 303 -21.69 23.27 13.49
C PRO C 303 -20.22 22.99 13.20
N LYS C 304 -19.66 23.74 12.26
CA LYS C 304 -18.27 23.57 11.88
C LYS C 304 -17.36 23.84 13.08
N TYR C 305 -16.12 23.37 13.00
CA TYR C 305 -15.14 23.54 14.05
C TYR C 305 -14.02 24.47 13.60
N VAL C 306 -13.51 25.25 14.56
CA VAL C 306 -12.40 26.18 14.37
C VAL C 306 -11.45 25.99 15.53
N ARG C 307 -10.20 26.41 15.35
CA ARG C 307 -9.15 26.26 16.34
C ARG C 307 -8.71 27.61 16.91
N SER C 308 -9.68 28.46 17.25
CA SER C 308 -9.43 29.76 17.84
C SER C 308 -10.03 29.79 19.25
N ALA C 309 -10.00 30.97 19.88
CA ALA C 309 -10.51 31.14 21.23
C ALA C 309 -11.83 31.88 21.31
N LYS C 310 -12.07 32.86 20.43
CA LYS C 310 -13.33 33.60 20.43
C LYS C 310 -13.45 34.38 19.14
N LEU C 311 -14.66 34.45 18.60
CA LEU C 311 -14.96 35.23 17.41
C LEU C 311 -16.17 36.10 17.71
N ARG C 312 -15.89 37.37 18.02
CA ARG C 312 -16.88 38.27 18.62
C ARG C 312 -17.75 38.89 17.52
N MET C 313 -18.64 38.06 17.00
CA MET C 313 -19.73 38.52 16.16
C MET C 313 -20.52 39.60 16.89
N VAL C 314 -20.46 40.84 16.40
CA VAL C 314 -20.90 42.00 17.18
C VAL C 314 -21.94 42.79 16.40
N THR C 315 -22.98 43.22 17.11
CA THR C 315 -24.15 43.87 16.53
C THR C 315 -24.24 45.37 16.80
N GLY C 316 -23.87 45.81 18.00
CA GLY C 316 -24.16 47.17 18.42
C GLY C 316 -23.11 48.23 18.12
N LEU C 317 -22.87 49.11 19.07
CA LEU C 317 -21.95 50.24 18.89
C LEU C 317 -21.02 50.35 20.08
N ARG C 318 -20.02 51.21 19.93
CA ARG C 318 -18.97 51.35 20.95
C ARG C 318 -19.57 51.80 22.29
N ASN C 319 -18.99 51.29 23.37
CA ASN C 319 -19.42 51.59 24.73
C ASN C 319 -18.90 52.98 25.07
N ILE C 320 -19.71 53.99 24.80
CA ILE C 320 -19.38 55.37 25.15
C ILE C 320 -20.48 55.90 26.06
N PRO C 321 -20.33 55.82 27.39
CA PRO C 321 -21.42 56.14 28.29
C PRO C 321 -21.62 57.63 28.56
N SER C 322 -20.79 58.50 27.99
CA SER C 322 -20.81 59.94 28.26
C SER C 322 -20.75 60.22 29.76
N ILE C 332 -28.86 65.15 24.85
CA ILE C 332 -28.86 66.20 25.87
C ILE C 332 -27.83 67.26 25.51
N ALA C 333 -26.61 66.84 25.21
CA ALA C 333 -25.53 67.77 24.90
C ALA C 333 -24.70 67.39 23.68
N GLY C 334 -24.81 66.18 23.16
CA GLY C 334 -24.06 65.77 21.99
C GLY C 334 -23.25 64.50 22.20
N PHE C 335 -23.14 63.70 21.15
CA PHE C 335 -22.47 62.41 21.24
C PHE C 335 -20.98 62.47 20.91
N ILE C 336 -20.48 63.61 20.44
CA ILE C 336 -19.05 63.71 20.11
C ILE C 336 -18.21 63.42 21.35
N GLU C 337 -18.53 64.07 22.46
CA GLU C 337 -17.84 63.79 23.72
C GLU C 337 -18.33 62.51 24.35
N GLY C 338 -19.59 62.13 24.14
CA GLY C 338 -20.13 60.93 24.73
C GLY C 338 -21.53 60.58 24.28
N GLY C 339 -21.76 59.32 23.95
CA GLY C 339 -23.06 58.91 23.46
C GLY C 339 -24.12 58.91 24.53
N TRP C 340 -25.37 58.96 24.07
CA TRP C 340 -26.51 59.00 24.99
C TRP C 340 -26.56 57.76 25.85
N THR C 341 -26.89 57.95 27.13
CA THR C 341 -26.97 56.87 28.11
C THR C 341 -28.40 56.52 28.50
N GLY C 342 -29.24 57.53 28.75
CA GLY C 342 -30.59 57.25 29.20
C GLY C 342 -31.43 56.50 28.19
N MET C 343 -31.10 56.65 26.90
CA MET C 343 -31.85 55.95 25.86
C MET C 343 -31.83 54.45 26.11
N VAL C 344 -33.01 53.83 26.04
CA VAL C 344 -33.10 52.39 26.27
C VAL C 344 -33.90 51.71 25.17
N ASP C 345 -34.80 52.47 24.52
CA ASP C 345 -35.80 51.85 23.66
C ASP C 345 -35.17 51.20 22.44
N GLY C 346 -34.26 51.90 21.77
CA GLY C 346 -33.69 51.39 20.54
C GLY C 346 -32.24 51.74 20.34
N TRP C 347 -31.91 52.25 19.16
CA TRP C 347 -30.54 52.61 18.83
C TRP C 347 -30.38 54.11 18.62
N TYR C 348 -31.15 54.70 17.70
CA TYR C 348 -30.99 56.09 17.34
C TYR C 348 -32.32 56.79 17.37
N GLY C 349 -32.32 57.97 17.93
CA GLY C 349 -33.53 58.75 18.06
C GLY C 349 -33.18 60.18 18.34
N TYR C 350 -34.08 60.88 19.01
CA TYR C 350 -34.00 62.32 19.12
C TYR C 350 -34.32 62.74 20.55
N HIS C 351 -33.79 63.89 20.95
CA HIS C 351 -34.13 64.52 22.22
C HIS C 351 -34.17 66.02 21.97
N HIS C 352 -35.37 66.59 21.98
CA HIS C 352 -35.54 68.01 21.78
C HIS C 352 -36.37 68.59 22.93
N GLN C 353 -36.10 69.85 23.24
CA GLN C 353 -36.83 70.58 24.27
C GLN C 353 -37.26 71.93 23.72
N ASN C 354 -38.49 72.33 24.07
CA ASN C 354 -39.05 73.59 23.62
C ASN C 354 -40.00 74.09 24.69
N GLU C 355 -40.86 75.05 24.31
CA GLU C 355 -41.84 75.57 25.26
C GLU C 355 -42.90 74.54 25.58
N GLN C 356 -43.29 73.72 24.60
CA GLN C 356 -44.42 72.82 24.75
C GLN C 356 -44.08 71.54 25.51
N GLY C 357 -42.80 71.23 25.71
CA GLY C 357 -42.44 70.02 26.42
C GLY C 357 -41.02 69.59 26.08
N SER C 358 -40.81 68.29 26.09
CA SER C 358 -39.50 67.69 25.84
C SER C 358 -39.71 66.21 25.54
N GLY C 359 -38.61 65.46 25.49
CA GLY C 359 -38.70 64.01 25.41
C GLY C 359 -37.56 63.36 24.64
N TYR C 360 -37.25 62.13 25.04
CA TYR C 360 -36.38 61.24 24.29
C TYR C 360 -37.16 60.64 23.12
N ALA C 361 -36.48 59.80 22.33
CA ALA C 361 -37.10 59.06 21.25
C ALA C 361 -36.10 58.08 20.66
N ALA C 362 -36.62 57.16 19.86
CA ALA C 362 -35.83 56.26 19.03
C ALA C 362 -36.47 56.21 17.66
N ASP C 363 -35.68 56.49 16.62
CA ASP C 363 -36.22 56.51 15.27
C ASP C 363 -36.56 55.08 14.86
N GLN C 364 -37.40 54.94 13.85
CA GLN C 364 -37.85 53.61 13.44
C GLN C 364 -37.22 53.15 12.14
N LYS C 365 -37.28 53.98 11.09
CA LYS C 365 -36.85 53.55 9.77
C LYS C 365 -35.37 53.26 9.73
N SER C 366 -34.55 54.14 10.30
CA SER C 366 -33.11 53.88 10.35
C SER C 366 -32.82 52.62 11.14
N THR C 367 -33.45 52.49 12.32
CA THR C 367 -33.25 51.30 13.13
C THR C 367 -33.78 50.05 12.43
N GLN C 368 -34.89 50.19 11.70
CA GLN C 368 -35.45 49.02 11.01
C GLN C 368 -34.53 48.56 9.89
N ASN C 369 -34.01 49.49 9.08
CA ASN C 369 -33.03 49.11 8.07
C ASN C 369 -31.79 48.52 8.71
N ALA C 370 -31.35 49.10 9.83
CA ALA C 370 -30.16 48.60 10.50
C ALA C 370 -30.37 47.18 11.01
N ILE C 371 -31.50 46.89 11.66
CA ILE C 371 -31.70 45.55 12.19
C ILE C 371 -31.89 44.57 11.05
N ASN C 372 -32.49 45.01 9.93
CA ASN C 372 -32.50 44.18 8.74
C ASN C 372 -31.07 43.84 8.32
N GLY C 373 -30.18 44.83 8.36
CA GLY C 373 -28.78 44.56 8.11
C GLY C 373 -28.19 43.56 9.09
N ILE C 374 -28.58 43.65 10.35
CA ILE C 374 -28.06 42.72 11.36
C ILE C 374 -28.52 41.30 11.06
N THR C 375 -29.81 41.11 10.81
CA THR C 375 -30.31 39.78 10.50
C THR C 375 -29.67 39.25 9.22
N ASN C 376 -29.49 40.10 8.22
CA ASN C 376 -28.82 39.68 7.00
C ASN C 376 -27.39 39.24 7.29
N LYS C 377 -26.70 39.98 8.17
CA LYS C 377 -25.31 39.64 8.46
C LYS C 377 -25.19 38.33 9.22
N VAL C 378 -26.05 38.12 10.23
CA VAL C 378 -25.98 36.88 10.98
C VAL C 378 -26.39 35.70 10.12
N ASN C 379 -27.51 35.82 9.38
CA ASN C 379 -27.94 34.70 8.56
C ASN C 379 -26.97 34.45 7.42
N SER C 380 -26.30 35.49 6.93
CA SER C 380 -25.24 35.29 5.95
C SER C 380 -24.11 34.46 6.54
N VAL C 381 -23.58 34.89 7.68
CA VAL C 381 -22.42 34.21 8.23
C VAL C 381 -22.77 32.78 8.62
N ILE C 382 -24.03 32.50 8.95
CA ILE C 382 -24.36 31.12 9.30
C ILE C 382 -24.65 30.29 8.05
N GLU C 383 -25.23 30.89 7.02
CA GLU C 383 -25.57 30.15 5.80
C GLU C 383 -24.52 30.26 4.72
N LYS C 384 -23.41 30.95 4.96
CA LYS C 384 -22.34 30.99 3.98
C LYS C 384 -21.22 30.00 4.29
N MET C 385 -21.42 29.12 5.28
CA MET C 385 -20.54 27.99 5.46
C MET C 385 -21.13 26.80 4.70
N ASN C 386 -20.29 26.14 3.92
CA ASN C 386 -20.74 25.05 3.06
C ASN C 386 -20.85 23.76 3.86
N THR C 387 -20.92 22.63 3.15
CA THR C 387 -21.08 21.32 3.76
C THR C 387 -20.02 21.07 4.83
N GLN C 388 -20.31 20.10 5.69
CA GLN C 388 -19.38 19.60 6.68
C GLN C 388 -19.05 18.15 6.37
N PHE C 389 -17.79 17.79 6.58
CA PHE C 389 -17.28 16.45 6.30
C PHE C 389 -16.91 15.75 7.60
N THR C 390 -17.08 14.43 7.62
CA THR C 390 -16.77 13.66 8.82
C THR C 390 -15.26 13.53 8.99
N ALA C 391 -14.64 14.54 9.59
CA ALA C 391 -13.18 14.60 9.68
C ALA C 391 -12.63 13.75 10.82
N VAL C 392 -13.04 12.48 10.85
CA VAL C 392 -12.56 11.57 11.89
C VAL C 392 -11.11 11.22 11.62
N GLY C 393 -10.29 11.27 12.65
CA GLY C 393 -8.90 10.88 12.50
C GLY C 393 -8.77 9.38 12.35
N LYS C 394 -8.48 8.93 11.14
CA LYS C 394 -8.44 7.51 10.85
C LYS C 394 -7.17 6.89 11.43
N GLU C 395 -7.00 5.59 11.21
CA GLU C 395 -5.89 4.85 11.81
C GLU C 395 -5.06 4.19 10.72
N PHE C 396 -3.76 4.11 10.97
CA PHE C 396 -2.84 3.49 10.03
C PHE C 396 -1.79 2.72 10.84
N ASN C 397 -1.15 1.77 10.18
CA ASN C 397 -0.21 0.88 10.85
C ASN C 397 1.04 1.65 11.28
N LYS C 398 1.96 0.93 11.91
CA LYS C 398 3.27 1.47 12.24
C LYS C 398 4.25 1.37 11.10
N LEU C 399 3.83 0.84 9.95
CA LEU C 399 4.66 0.72 8.77
C LEU C 399 4.21 1.59 7.63
N GLU C 400 2.98 2.08 7.67
CA GLU C 400 2.38 2.80 6.56
C GLU C 400 2.13 4.28 6.88
N ARG C 401 2.80 4.83 7.89
CA ARG C 401 2.30 6.10 8.39
C ARG C 401 2.59 7.27 7.46
N ARG C 402 3.38 7.06 6.40
CA ARG C 402 3.41 8.09 5.38
C ARG C 402 1.99 8.51 5.05
N MET C 403 1.08 7.54 4.98
CA MET C 403 -0.34 7.82 4.93
C MET C 403 -0.74 8.73 6.08
N GLU C 404 -0.39 8.31 7.30
CA GLU C 404 -0.76 9.05 8.50
C GLU C 404 -0.15 10.45 8.50
N ASN C 405 1.12 10.56 8.11
CA ASN C 405 1.76 11.86 8.09
C ASN C 405 1.05 12.79 7.11
N LEU C 406 0.78 12.30 5.91
CA LEU C 406 0.09 13.13 4.91
C LEU C 406 -1.29 13.51 5.40
N ASN C 407 -2.01 12.56 5.99
CA ASN C 407 -3.36 12.83 6.45
C ASN C 407 -3.38 13.87 7.56
N LYS C 408 -2.45 13.75 8.51
CA LYS C 408 -2.34 14.74 9.56
C LYS C 408 -2.02 16.10 8.98
N LYS C 409 -1.13 16.14 7.99
CA LYS C 409 -0.80 17.39 7.33
C LYS C 409 -2.05 18.00 6.70
N VAL C 410 -2.83 17.18 5.98
CA VAL C 410 -4.03 17.68 5.32
C VAL C 410 -5.00 18.24 6.35
N ASP C 411 -5.28 17.47 7.39
CA ASP C 411 -6.28 17.89 8.36
C ASP C 411 -5.84 19.16 9.08
N ASP C 412 -4.58 19.23 9.49
CA ASP C 412 -4.11 20.44 10.16
C ASP C 412 -4.19 21.62 9.22
N GLY C 413 -3.81 21.44 7.95
CA GLY C 413 -3.96 22.51 7.00
C GLY C 413 -5.39 23.00 6.88
N PHE C 414 -6.35 22.07 6.87
CA PHE C 414 -7.74 22.46 6.68
C PHE C 414 -8.27 23.21 7.89
N LEU C 415 -8.02 22.70 9.09
CA LEU C 415 -8.48 23.41 10.28
C LEU C 415 -7.81 24.77 10.40
N ASP C 416 -6.50 24.83 10.13
CA ASP C 416 -5.79 26.09 10.07
C ASP C 416 -6.44 27.08 9.10
N ILE C 417 -6.67 26.65 7.87
CA ILE C 417 -7.19 27.55 6.85
C ILE C 417 -8.56 28.07 7.25
N TRP C 418 -9.40 27.17 7.79
CA TRP C 418 -10.72 27.62 8.21
C TRP C 418 -10.66 28.55 9.41
N THR C 419 -9.73 28.33 10.34
CA THR C 419 -9.52 29.31 11.40
C THR C 419 -9.25 30.68 10.81
N TYR C 420 -8.31 30.75 9.88
CA TYR C 420 -7.97 32.02 9.26
C TYR C 420 -9.19 32.64 8.59
N ASN C 421 -9.91 31.85 7.79
CA ASN C 421 -11.03 32.39 7.04
C ASN C 421 -12.14 32.88 7.95
N ALA C 422 -12.48 32.11 8.98
CA ALA C 422 -13.55 32.55 9.88
C ALA C 422 -13.16 33.81 10.61
N GLU C 423 -11.93 33.88 11.13
CA GLU C 423 -11.49 35.09 11.81
C GLU C 423 -11.55 36.30 10.87
N LEU C 424 -11.06 36.14 9.65
CA LEU C 424 -11.04 37.26 8.72
C LEU C 424 -12.45 37.71 8.37
N LEU C 425 -13.36 36.76 8.12
CA LEU C 425 -14.73 37.15 7.82
C LEU C 425 -15.37 37.88 8.99
N VAL C 426 -15.15 37.39 10.21
CA VAL C 426 -15.70 38.06 11.38
C VAL C 426 -15.21 39.50 11.43
N LEU C 427 -13.90 39.68 11.29
CA LEU C 427 -13.34 41.02 11.32
C LEU C 427 -13.98 41.90 10.25
N LEU C 428 -14.01 41.41 9.02
CA LEU C 428 -14.53 42.19 7.90
C LEU C 428 -15.97 42.62 8.15
N GLU C 429 -16.84 41.67 8.43
CA GLU C 429 -18.25 42.01 8.51
C GLU C 429 -18.56 42.83 9.74
N ASN C 430 -17.89 42.57 10.86
CA ASN C 430 -18.20 43.35 12.05
C ASN C 430 -17.77 44.80 11.89
N GLU C 431 -16.55 45.05 11.39
CA GLU C 431 -16.20 46.42 11.05
C GLU C 431 -17.21 47.03 10.09
N ARG C 432 -17.55 46.31 9.02
CA ARG C 432 -18.39 46.92 8.00
C ARG C 432 -19.76 47.28 8.55
N THR C 433 -20.34 46.44 9.40
CA THR C 433 -21.66 46.75 9.92
C THR C 433 -21.61 47.87 10.97
N LEU C 434 -20.56 47.89 11.81
CA LEU C 434 -20.52 48.98 12.78
C LEU C 434 -20.29 50.32 12.10
N ASP C 435 -19.44 50.37 11.08
CA ASP C 435 -19.34 51.62 10.33
C ASP C 435 -20.58 51.90 9.49
N PHE C 436 -21.34 50.87 9.12
CA PHE C 436 -22.66 51.11 8.55
C PHE C 436 -23.52 51.87 9.54
N HIS C 437 -23.50 51.44 10.80
CA HIS C 437 -24.29 52.11 11.83
C HIS C 437 -23.83 53.55 12.00
N ASP C 438 -22.52 53.75 12.04
CA ASP C 438 -21.96 55.09 12.13
C ASP C 438 -22.42 55.96 10.98
N SER C 439 -22.32 55.43 9.75
CA SER C 439 -22.73 56.20 8.58
C SER C 439 -24.22 56.50 8.60
N ASN C 440 -25.03 55.61 9.18
CA ASN C 440 -26.44 55.92 9.28
C ASN C 440 -26.69 57.09 10.22
N VAL C 441 -26.01 57.09 11.38
CA VAL C 441 -26.08 58.24 12.28
C VAL C 441 -25.68 59.51 11.53
N LYS C 442 -24.59 59.43 10.76
CA LYS C 442 -24.11 60.60 10.04
C LYS C 442 -25.10 61.07 8.98
N ASN C 443 -25.76 60.14 8.29
CA ASN C 443 -26.68 60.58 7.25
C ASN C 443 -27.88 61.27 7.86
N LEU C 444 -28.35 60.78 9.01
CA LEU C 444 -29.45 61.47 9.67
C LEU C 444 -29.00 62.85 10.14
N TYR C 445 -27.76 62.94 10.63
CA TYR C 445 -27.15 64.22 10.99
C TYR C 445 -27.19 65.21 9.83
N GLU C 446 -26.68 64.79 8.68
CA GLU C 446 -26.64 65.70 7.53
C GLU C 446 -28.03 66.00 7.00
N LYS C 447 -28.95 65.04 7.09
CA LYS C 447 -30.32 65.26 6.65
C LYS C 447 -30.98 66.36 7.46
N VAL C 448 -30.88 66.29 8.80
CA VAL C 448 -31.45 67.37 9.59
C VAL C 448 -30.69 68.66 9.37
N LYS C 449 -29.38 68.57 9.11
CA LYS C 449 -28.58 69.76 8.81
C LYS C 449 -29.15 70.49 7.60
N SER C 450 -29.59 69.75 6.57
CA SER C 450 -29.83 70.31 5.25
C SER C 450 -30.69 71.59 5.30
N GLN C 451 -31.91 71.48 5.80
CA GLN C 451 -32.86 72.59 5.64
C GLN C 451 -32.60 73.75 6.60
N LEU C 452 -31.60 73.66 7.46
CA LEU C 452 -31.39 74.60 8.55
C LEU C 452 -30.28 75.61 8.23
N LYS C 453 -30.22 76.04 6.97
CA LYS C 453 -29.10 76.87 6.52
C LYS C 453 -29.03 78.19 7.29
N ASN C 454 -30.16 78.86 7.50
CA ASN C 454 -30.14 80.22 8.03
C ASN C 454 -31.19 80.52 9.10
N ASN C 455 -31.97 79.54 9.55
CA ASN C 455 -33.05 79.83 10.48
C ASN C 455 -32.96 78.98 11.75
N ALA C 456 -31.76 78.55 12.12
CA ALA C 456 -31.48 78.03 13.45
C ALA C 456 -29.98 78.14 13.66
N LYS C 457 -29.55 79.11 14.46
CA LYS C 457 -28.13 79.41 14.57
C LYS C 457 -27.45 78.23 15.24
N GLU C 458 -26.94 77.33 14.41
CA GLU C 458 -26.42 76.05 14.87
C GLU C 458 -25.27 76.29 15.85
N ILE C 459 -25.47 75.88 17.11
CA ILE C 459 -24.50 76.18 18.15
C ILE C 459 -23.21 75.40 18.00
N GLY C 460 -23.16 74.43 17.09
CA GLY C 460 -21.96 73.61 17.00
C GLY C 460 -21.90 72.61 18.15
N ASN C 461 -20.68 72.20 18.48
CA ASN C 461 -20.38 71.28 19.57
C ASN C 461 -21.06 69.93 19.42
N GLY C 462 -21.64 69.64 18.26
CA GLY C 462 -22.23 68.35 17.98
C GLY C 462 -23.74 68.30 18.10
N CYS C 463 -24.34 69.20 18.86
CA CYS C 463 -25.77 69.17 19.09
C CYS C 463 -26.39 70.46 18.59
N PHE C 464 -27.62 70.36 18.08
CA PHE C 464 -28.25 71.46 17.36
C PHE C 464 -29.22 72.22 18.27
N GLU C 465 -29.96 73.15 17.68
CA GLU C 465 -30.96 73.93 18.41
C GLU C 465 -31.99 74.46 17.41
N PHE C 466 -32.88 75.29 17.92
CA PHE C 466 -33.77 76.10 17.08
C PHE C 466 -33.55 77.56 17.42
N TYR C 467 -33.41 78.39 16.38
CA TYR C 467 -33.29 79.83 16.60
C TYR C 467 -34.52 80.38 17.32
N HIS C 468 -35.69 79.80 17.07
CA HIS C 468 -36.94 80.32 17.60
C HIS C 468 -37.79 79.23 18.23
N LYS C 469 -39.02 79.56 18.59
CA LYS C 469 -39.97 78.65 19.20
C LYS C 469 -40.89 78.06 18.14
N CYS C 470 -41.43 76.87 18.44
CA CYS C 470 -42.46 76.29 17.61
C CYS C 470 -43.18 75.19 18.39
N ASN C 471 -44.43 74.95 18.02
CA ASN C 471 -45.37 74.11 18.75
C ASN C 471 -45.37 72.67 18.20
N ASN C 472 -46.40 71.89 18.55
CA ASN C 472 -46.45 70.48 18.21
C ASN C 472 -46.35 70.24 16.71
N GLU C 473 -47.01 71.08 15.92
CA GLU C 473 -46.97 70.91 14.46
C GLU C 473 -45.54 71.07 13.95
N CYS C 474 -44.78 71.99 14.53
CA CYS C 474 -43.38 72.15 14.14
C CYS C 474 -42.57 70.89 14.40
N MET C 475 -42.65 70.35 15.62
CA MET C 475 -41.85 69.18 15.95
C MET C 475 -42.28 67.95 15.15
N GLU C 476 -43.58 67.77 14.91
CA GLU C 476 -44.00 66.67 14.05
C GLU C 476 -43.50 66.84 12.61
N SER C 477 -43.60 68.05 12.07
CA SER C 477 -43.16 68.29 10.70
C SER C 477 -41.66 68.04 10.54
N VAL C 478 -40.85 68.52 11.49
CA VAL C 478 -39.42 68.24 11.41
C VAL C 478 -39.14 66.79 11.76
N LYS C 479 -40.05 66.14 12.49
CA LYS C 479 -39.90 64.71 12.75
C LYS C 479 -39.95 63.95 11.44
N ASN C 480 -40.86 64.37 10.54
CA ASN C 480 -40.87 63.82 9.19
C ASN C 480 -39.60 64.18 8.44
N GLY C 481 -39.14 65.43 8.54
CA GLY C 481 -37.92 65.84 7.88
C GLY C 481 -38.10 66.91 6.82
N THR C 482 -39.07 67.80 7.02
CA THR C 482 -39.44 68.83 6.05
C THR C 482 -39.42 70.20 6.69
N TYR C 483 -38.30 70.52 7.36
CA TYR C 483 -38.24 71.69 8.22
C TYR C 483 -38.47 72.96 7.42
N ASP C 484 -39.33 73.83 7.95
CA ASP C 484 -39.80 75.02 7.23
C ASP C 484 -38.75 76.11 7.34
N TYR C 485 -37.85 76.17 6.34
CA TYR C 485 -36.77 77.16 6.39
C TYR C 485 -37.29 78.56 6.09
N PRO C 486 -37.92 78.84 4.94
CA PRO C 486 -38.34 80.22 4.66
C PRO C 486 -39.56 80.67 5.44
N LYS C 487 -40.33 79.75 6.03
CA LYS C 487 -41.60 80.11 6.64
C LYS C 487 -41.43 80.93 7.91
N TYR C 488 -40.37 80.69 8.66
CA TYR C 488 -40.15 81.34 9.95
C TYR C 488 -38.90 82.22 9.91
N SER C 489 -38.75 83.00 8.84
CA SER C 489 -37.54 83.76 8.57
C SER C 489 -37.72 85.26 8.83
N GLU C 490 -38.50 85.61 9.84
CA GLU C 490 -38.77 87.02 10.10
C GLU C 490 -37.66 87.71 10.88
N GLU C 491 -36.49 87.09 11.02
CA GLU C 491 -35.31 87.78 11.53
C GLU C 491 -34.08 86.95 11.18
N GLN D 1 40.46 -35.24 11.25
CA GLN D 1 41.17 -35.59 10.02
C GLN D 1 40.35 -36.64 9.29
N VAL D 2 39.91 -36.29 8.08
CA VAL D 2 39.16 -37.23 7.25
C VAL D 2 40.13 -38.04 6.41
N GLN D 3 40.01 -39.36 6.47
CA GLN D 3 40.83 -40.27 5.68
C GLN D 3 39.88 -41.19 4.93
N LEU D 4 40.19 -41.48 3.67
CA LEU D 4 39.26 -42.15 2.79
C LEU D 4 39.89 -43.40 2.20
N GLN D 5 39.05 -44.40 1.91
CA GLN D 5 39.49 -45.63 1.28
C GLN D 5 38.38 -46.13 0.36
N GLU D 6 38.78 -46.68 -0.79
CA GLU D 6 37.86 -47.20 -1.77
C GLU D 6 37.65 -48.70 -1.56
N SER D 7 36.80 -49.30 -2.39
CA SER D 7 36.55 -50.72 -2.30
C SER D 7 35.99 -51.22 -3.63
N GLY D 8 36.07 -52.53 -3.82
CA GLY D 8 35.53 -53.19 -4.99
C GLY D 8 36.51 -53.40 -6.13
N PRO D 9 37.66 -54.02 -5.85
CA PRO D 9 38.60 -54.32 -6.92
C PRO D 9 38.21 -55.59 -7.66
N GLY D 10 38.88 -55.81 -8.79
CA GLY D 10 38.67 -57.00 -9.59
C GLY D 10 38.74 -56.67 -11.06
N LEU D 11 38.08 -57.51 -11.86
CA LEU D 11 38.04 -57.37 -13.30
C LEU D 11 36.60 -57.17 -13.76
N VAL D 12 36.42 -57.13 -15.07
CA VAL D 12 35.10 -57.01 -15.67
C VAL D 12 35.20 -57.41 -17.14
N LYS D 13 34.19 -58.13 -17.61
CA LYS D 13 34.13 -58.49 -19.02
C LYS D 13 33.57 -57.31 -19.82
N PRO D 14 33.89 -57.24 -21.10
CA PRO D 14 33.33 -56.18 -21.95
C PRO D 14 31.80 -56.23 -21.95
N SER D 15 31.21 -55.05 -22.05
CA SER D 15 29.77 -54.81 -22.07
C SER D 15 29.09 -55.11 -20.73
N GLU D 16 29.83 -55.60 -19.73
CA GLU D 16 29.28 -55.81 -18.41
C GLU D 16 29.19 -54.48 -17.67
N THR D 17 28.85 -54.53 -16.38
CA THR D 17 28.68 -53.31 -15.59
C THR D 17 29.66 -53.32 -14.42
N LEU D 18 30.35 -52.19 -14.25
CA LEU D 18 31.30 -52.02 -13.15
C LEU D 18 30.60 -51.35 -11.98
N SER D 19 30.86 -51.87 -10.78
CA SER D 19 30.33 -51.26 -9.56
C SER D 19 31.35 -51.48 -8.45
N LEU D 20 31.99 -50.41 -8.02
CA LEU D 20 32.95 -50.45 -6.93
C LEU D 20 32.65 -49.32 -5.96
N THR D 21 32.80 -49.60 -4.67
CA THR D 21 32.33 -48.71 -3.62
C THR D 21 33.47 -47.88 -3.08
N CYS D 22 33.15 -47.02 -2.11
CA CYS D 22 34.14 -46.15 -1.49
C CYS D 22 33.56 -45.67 -0.16
N ASN D 23 34.18 -46.08 0.94
CA ASN D 23 33.69 -45.72 2.27
C ASN D 23 34.63 -44.74 2.95
N VAL D 24 34.06 -43.97 3.87
CA VAL D 24 34.70 -42.78 4.41
C VAL D 24 35.04 -43.01 5.88
N SER D 25 36.26 -42.66 6.27
CA SER D 25 36.69 -42.67 7.66
C SER D 25 36.92 -41.24 8.13
N GLY D 26 37.31 -41.11 9.39
CA GLY D 26 37.69 -39.81 9.94
C GLY D 26 36.51 -38.91 10.26
N GLY D 27 35.84 -38.42 9.22
CA GLY D 27 34.69 -37.56 9.39
C GLY D 27 33.42 -38.20 8.88
N SER D 28 32.89 -37.71 7.77
CA SER D 28 31.73 -38.30 7.12
C SER D 28 31.59 -37.69 5.73
N ILE D 29 30.51 -38.05 5.06
CA ILE D 29 30.21 -37.55 3.72
C ILE D 29 29.19 -36.41 3.79
N ASN D 30 29.12 -35.73 4.93
CA ASN D 30 28.07 -34.73 5.16
C ASN D 30 28.24 -33.47 4.33
N SER D 31 29.47 -32.98 4.18
CA SER D 31 29.70 -31.60 3.80
C SER D 31 30.04 -31.39 2.33
N TYR D 32 31.11 -32.00 1.85
CA TYR D 32 31.82 -31.49 0.69
C TYR D 32 31.40 -32.18 -0.60
N TYR D 33 32.09 -31.83 -1.69
CA TYR D 33 31.88 -32.46 -2.98
C TYR D 33 32.76 -33.69 -3.08
N TRP D 34 32.16 -34.84 -3.37
CA TRP D 34 32.84 -36.12 -3.40
C TRP D 34 32.95 -36.60 -4.84
N SER D 35 34.15 -36.94 -5.27
CA SER D 35 34.48 -37.01 -6.69
C SER D 35 35.10 -38.35 -7.06
N TRP D 36 34.90 -38.71 -8.32
CA TRP D 36 35.38 -39.95 -8.92
C TRP D 36 36.42 -39.61 -9.98
N ILE D 37 37.62 -40.16 -9.84
CA ILE D 37 38.73 -39.82 -10.73
C ILE D 37 39.31 -41.11 -11.32
N ARG D 38 39.52 -41.11 -12.63
CA ARG D 38 40.09 -42.23 -13.36
C ARG D 38 41.30 -41.76 -14.16
N GLN D 39 42.26 -42.66 -14.33
CA GLN D 39 43.44 -42.31 -15.11
C GLN D 39 43.94 -43.51 -15.92
N PRO D 40 43.81 -43.46 -17.24
CA PRO D 40 44.39 -44.52 -18.08
C PRO D 40 45.89 -44.58 -17.86
N PRO D 41 46.47 -45.77 -17.87
CA PRO D 41 47.91 -45.88 -17.58
C PRO D 41 48.74 -45.15 -18.60
N GLY D 42 49.78 -44.48 -18.12
CA GLY D 42 50.65 -43.70 -18.98
C GLY D 42 49.94 -42.58 -19.73
N LYS D 43 49.07 -41.86 -19.05
CA LYS D 43 48.34 -40.76 -19.66
C LYS D 43 47.93 -39.79 -18.55
N GLY D 44 47.05 -38.85 -18.90
CA GLY D 44 46.58 -37.86 -17.94
C GLY D 44 45.46 -38.40 -17.07
N LEU D 45 44.63 -37.50 -16.57
CA LEU D 45 43.48 -37.84 -15.75
C LEU D 45 42.26 -37.07 -16.22
N GLU D 46 41.26 -37.79 -16.70
CA GLU D 46 39.94 -37.22 -16.95
C GLU D 46 39.15 -37.26 -15.64
N TRP D 47 37.85 -37.06 -15.72
CA TRP D 47 37.03 -37.01 -14.51
C TRP D 47 35.63 -37.49 -14.84
N ILE D 48 35.19 -38.55 -14.15
CA ILE D 48 33.95 -39.22 -14.51
C ILE D 48 32.75 -38.34 -14.18
N GLY D 49 32.79 -37.65 -13.06
CA GLY D 49 31.67 -36.89 -12.56
C GLY D 49 31.62 -37.01 -11.07
N TYR D 50 30.89 -36.11 -10.43
CA TYR D 50 30.73 -36.21 -8.99
C TYR D 50 29.39 -35.64 -8.54
N VAL D 51 29.09 -35.91 -7.27
CA VAL D 51 27.78 -35.71 -6.68
C VAL D 51 27.94 -34.90 -5.40
N TYR D 52 26.96 -34.06 -5.11
CA TYR D 52 27.02 -33.26 -3.91
C TYR D 52 26.77 -34.12 -2.68
N HIS D 53 27.30 -33.67 -1.53
CA HIS D 53 27.13 -34.42 -0.30
C HIS D 53 25.65 -34.63 0.02
N SER D 54 24.81 -33.68 -0.34
CA SER D 54 23.37 -33.89 -0.19
C SER D 54 22.87 -34.96 -1.15
N GLY D 55 23.50 -35.08 -2.31
CA GLY D 55 23.09 -36.10 -3.26
C GLY D 55 22.58 -35.58 -4.59
N SER D 56 23.11 -34.45 -5.05
CA SER D 56 22.80 -33.92 -6.37
C SER D 56 23.98 -34.20 -7.30
N THR D 57 23.68 -34.77 -8.47
CA THR D 57 24.70 -35.35 -9.32
C THR D 57 25.17 -34.38 -10.39
N HIS D 58 26.39 -34.62 -10.87
CA HIS D 58 26.96 -33.88 -11.99
C HIS D 58 27.95 -34.80 -12.69
N TYR D 59 27.61 -35.23 -13.91
CA TYR D 59 28.35 -36.25 -14.63
C TYR D 59 29.08 -35.65 -15.82
N ASN D 60 30.20 -36.26 -16.18
CA ASN D 60 30.97 -35.81 -17.32
C ASN D 60 30.14 -35.94 -18.59
N PRO D 61 29.91 -34.86 -19.33
CA PRO D 61 29.07 -34.96 -20.54
C PRO D 61 29.64 -35.88 -21.60
N SER D 62 30.96 -35.95 -21.74
CA SER D 62 31.57 -36.80 -22.76
C SER D 62 31.34 -38.28 -22.53
N LEU D 63 30.89 -38.66 -21.34
CA LEU D 63 30.69 -40.05 -20.95
C LEU D 63 29.32 -40.20 -20.30
N ASN D 64 28.32 -39.61 -20.96
CA ASN D 64 26.99 -39.46 -20.38
C ASN D 64 26.24 -40.79 -20.34
N SER D 65 25.29 -40.86 -19.40
CA SER D 65 24.31 -41.95 -19.32
C SER D 65 24.98 -43.32 -19.25
N ARG D 66 26.08 -43.40 -18.50
CA ARG D 66 26.69 -44.68 -18.17
C ARG D 66 27.04 -44.78 -16.70
N VAL D 67 26.62 -43.80 -15.90
CA VAL D 67 27.11 -43.64 -14.53
C VAL D 67 25.94 -43.35 -13.59
N THR D 68 26.05 -43.84 -12.37
CA THR D 68 25.12 -43.50 -11.29
C THR D 68 25.90 -43.49 -9.97
N ILE D 69 25.86 -42.36 -9.27
CA ILE D 69 26.57 -42.21 -8.01
C ILE D 69 25.59 -41.69 -6.97
N SER D 70 25.87 -42.04 -5.71
CA SER D 70 25.16 -41.50 -4.56
C SER D 70 25.84 -42.04 -3.30
N VAL D 71 25.36 -41.58 -2.15
CA VAL D 71 25.76 -42.11 -0.86
C VAL D 71 24.74 -43.17 -0.46
N ASP D 72 25.20 -44.17 0.28
CA ASP D 72 24.37 -45.34 0.61
C ASP D 72 23.38 -45.07 1.73
N THR D 73 23.14 -43.81 2.07
CA THR D 73 22.11 -43.38 3.02
C THR D 73 22.52 -43.73 4.45
N SER D 74 23.57 -44.52 4.59
CA SER D 74 24.30 -44.56 5.86
C SER D 74 25.24 -43.38 5.97
N LYS D 75 25.42 -42.65 4.88
CA LYS D 75 26.27 -41.47 4.82
C LYS D 75 27.67 -41.78 5.34
N ARG D 76 28.17 -42.95 4.95
CA ARG D 76 29.54 -43.34 5.23
C ARG D 76 30.23 -43.98 4.03
N GLN D 77 29.54 -44.16 2.91
CA GLN D 77 30.15 -44.78 1.74
C GLN D 77 29.41 -44.30 0.48
N PHE D 78 30.12 -44.39 -0.64
CA PHE D 78 29.57 -44.01 -1.94
C PHE D 78 30.23 -44.85 -3.01
N SER D 79 29.49 -45.13 -4.08
CA SER D 79 29.90 -46.11 -5.07
C SER D 79 29.70 -45.58 -6.49
N LEU D 80 30.44 -46.17 -7.41
CA LEU D 80 30.41 -45.78 -8.81
C LEU D 80 29.67 -46.83 -9.63
N LYS D 81 28.72 -46.37 -10.43
CA LYS D 81 28.04 -47.22 -11.40
C LYS D 81 28.63 -46.96 -12.78
N LEU D 82 28.84 -48.04 -13.53
CA LEU D 82 29.40 -47.93 -14.89
C LEU D 82 28.79 -49.06 -15.71
N ARG D 83 27.73 -48.77 -16.45
CA ARG D 83 27.06 -49.75 -17.27
C ARG D 83 27.72 -49.81 -18.65
N SER D 84 27.73 -51.01 -19.23
CA SER D 84 28.35 -51.26 -20.54
C SER D 84 29.81 -50.84 -20.53
N VAL D 85 30.59 -51.51 -19.67
CA VAL D 85 32.01 -51.20 -19.49
C VAL D 85 32.76 -51.79 -20.68
N THR D 86 33.16 -50.94 -21.61
CA THR D 86 34.03 -51.37 -22.69
C THR D 86 35.40 -51.72 -22.13
N ALA D 87 36.10 -52.63 -22.81
CA ALA D 87 37.46 -52.97 -22.40
C ALA D 87 38.44 -51.83 -22.64
N ALA D 88 37.98 -50.67 -23.07
CA ALA D 88 38.88 -49.54 -23.33
C ALA D 88 39.30 -48.86 -22.03
N ASP D 89 38.34 -48.34 -21.27
CA ASP D 89 38.64 -47.51 -20.11
C ASP D 89 39.10 -48.38 -18.94
N THR D 90 40.33 -48.89 -19.08
CA THR D 90 41.04 -49.49 -17.96
C THR D 90 41.89 -48.42 -17.28
N ALA D 91 41.86 -48.39 -15.96
CA ALA D 91 42.50 -47.29 -15.25
C ALA D 91 42.64 -47.62 -13.78
N VAL D 92 43.52 -46.89 -13.11
CA VAL D 92 43.49 -46.80 -11.66
C VAL D 92 42.45 -45.75 -11.27
N TYR D 93 41.51 -46.14 -10.43
CA TYR D 93 40.34 -45.33 -10.16
C TYR D 93 40.48 -44.67 -8.79
N TYR D 94 40.40 -43.34 -8.77
CA TYR D 94 40.66 -42.55 -7.57
C TYR D 94 39.35 -42.04 -6.98
N CYS D 95 39.21 -42.24 -5.67
CA CYS D 95 38.16 -41.58 -4.89
C CYS D 95 38.74 -40.30 -4.32
N ALA D 96 38.14 -39.15 -4.62
CA ALA D 96 38.71 -37.88 -4.19
C ALA D 96 37.64 -36.97 -3.59
N ARG D 97 37.98 -36.37 -2.45
CA ARG D 97 37.16 -35.33 -1.86
C ARG D 97 37.51 -33.98 -2.47
N GLU D 98 36.50 -33.23 -2.89
CA GLU D 98 36.69 -31.91 -3.47
C GLU D 98 35.96 -30.90 -2.59
N LYS D 99 36.71 -30.05 -1.89
CA LYS D 99 36.11 -29.10 -0.97
C LYS D 99 36.37 -27.69 -1.45
N SER D 100 35.36 -26.84 -1.38
CA SER D 100 35.41 -25.50 -1.95
C SER D 100 35.58 -24.49 -0.83
N ASP D 101 36.72 -23.80 -0.84
CA ASP D 101 36.98 -22.70 0.07
C ASP D 101 36.99 -21.41 -0.74
N PHE D 102 37.04 -20.27 -0.06
CA PHE D 102 36.93 -19.00 -0.78
C PHE D 102 37.57 -17.90 0.05
N TRP D 103 37.84 -16.77 -0.62
CA TRP D 103 38.31 -15.57 0.07
C TRP D 103 37.23 -14.50 0.05
N THR D 104 36.86 -14.04 -1.14
CA THR D 104 35.82 -13.05 -1.25
C THR D 104 34.50 -13.77 -1.45
N VAL D 105 33.52 -13.05 -1.99
CA VAL D 105 32.22 -13.66 -2.25
C VAL D 105 32.16 -13.94 -3.75
N ASP D 106 33.31 -13.81 -4.42
CA ASP D 106 33.36 -14.03 -5.86
C ASP D 106 34.24 -15.22 -6.26
N SER D 107 35.55 -15.04 -6.19
CA SER D 107 36.46 -16.10 -6.61
C SER D 107 36.41 -17.28 -5.66
N PHE D 108 35.70 -18.33 -6.07
CA PHE D 108 35.70 -19.62 -5.38
C PHE D 108 36.79 -20.52 -5.95
N PHE D 109 37.91 -19.91 -6.32
CA PHE D 109 39.00 -20.66 -6.94
C PHE D 109 39.44 -21.82 -6.09
N TYR D 110 39.30 -21.74 -4.78
CA TYR D 110 39.74 -22.86 -3.96
C TYR D 110 38.86 -24.08 -4.16
N TYR D 111 39.33 -25.00 -4.99
CA TYR D 111 38.78 -26.34 -5.08
C TYR D 111 39.90 -27.30 -4.73
N MET D 112 40.09 -27.51 -3.42
CA MET D 112 41.06 -28.44 -2.87
C MET D 112 40.64 -29.89 -3.12
N ASP D 113 41.58 -30.79 -2.82
CA ASP D 113 41.36 -32.24 -2.92
C ASP D 113 42.09 -32.98 -1.82
N VAL D 114 41.46 -34.05 -1.34
CA VAL D 114 42.13 -35.16 -0.67
C VAL D 114 41.49 -36.45 -1.16
N TRP D 115 42.33 -37.44 -1.45
CA TRP D 115 41.86 -38.69 -2.04
C TRP D 115 42.52 -39.90 -1.40
N GLY D 116 42.01 -41.06 -1.79
CA GLY D 116 42.46 -42.33 -1.24
C GLY D 116 43.70 -42.87 -1.91
N ARG D 117 43.66 -44.15 -2.31
CA ARG D 117 44.83 -44.84 -2.82
C ARG D 117 44.65 -45.37 -4.23
N GLY D 118 43.53 -45.06 -4.89
CA GLY D 118 43.32 -45.52 -6.24
C GLY D 118 42.88 -46.97 -6.33
N THR D 119 41.96 -47.25 -7.23
CA THR D 119 41.42 -48.61 -7.41
C THR D 119 41.84 -49.13 -8.77
N THR D 120 42.49 -50.29 -8.79
CA THR D 120 43.05 -50.85 -10.02
C THR D 120 41.96 -51.65 -10.73
N VAL D 121 41.13 -50.95 -11.48
CA VAL D 121 40.04 -51.59 -12.22
C VAL D 121 40.61 -51.98 -13.57
N THR D 122 41.26 -53.15 -13.61
CA THR D 122 41.80 -53.69 -14.83
C THR D 122 40.73 -54.52 -15.55
N VAL D 123 40.53 -54.23 -16.83
CA VAL D 123 39.45 -54.86 -17.57
C VAL D 123 39.91 -56.18 -18.17
N GLN E 1 9.35 -41.04 -34.84
CA GLN E 1 8.25 -42.00 -34.80
C GLN E 1 8.44 -42.89 -33.59
N VAL E 2 7.48 -42.84 -32.66
CA VAL E 2 7.53 -43.68 -31.47
C VAL E 2 6.84 -45.00 -31.78
N GLN E 3 7.54 -46.10 -31.52
CA GLN E 3 7.01 -47.44 -31.69
C GLN E 3 7.20 -48.18 -30.38
N LEU E 4 6.19 -48.97 -29.99
CA LEU E 4 6.14 -49.54 -28.66
C LEU E 4 6.00 -51.04 -28.73
N GLN E 5 6.54 -51.72 -27.73
CA GLN E 5 6.41 -53.17 -27.61
C GLN E 5 6.33 -53.54 -26.13
N GLU E 6 5.51 -54.54 -25.84
CA GLU E 6 5.30 -55.03 -24.48
C GLU E 6 6.23 -56.20 -24.18
N SER E 7 6.15 -56.71 -22.96
CA SER E 7 6.98 -57.84 -22.58
C SER E 7 6.35 -58.53 -21.37
N GLY E 8 6.76 -59.78 -21.16
CA GLY E 8 6.33 -60.56 -20.02
C GLY E 8 5.14 -61.47 -20.28
N PRO E 9 5.21 -62.31 -21.31
CA PRO E 9 4.12 -63.25 -21.56
C PRO E 9 4.26 -64.49 -20.67
N GLY E 10 3.19 -65.29 -20.67
CA GLY E 10 3.18 -66.53 -19.92
C GLY E 10 1.81 -66.76 -19.32
N LEU E 11 1.81 -67.54 -18.24
CA LEU E 11 0.59 -67.90 -17.51
C LEU E 11 0.67 -67.38 -16.08
N VAL E 12 -0.34 -67.73 -15.29
CA VAL E 12 -0.37 -67.37 -13.88
C VAL E 12 -1.41 -68.25 -13.20
N LYS E 13 -1.08 -68.70 -12.00
CA LYS E 13 -2.02 -69.46 -11.20
C LYS E 13 -2.99 -68.52 -10.50
N PRO E 14 -4.18 -69.00 -10.15
CA PRO E 14 -5.13 -68.16 -9.42
C PRO E 14 -4.54 -67.68 -8.10
N SER E 15 -4.93 -66.46 -7.71
CA SER E 15 -4.51 -65.77 -6.50
C SER E 15 -3.05 -65.36 -6.53
N GLU E 16 -2.30 -65.70 -7.57
CA GLU E 16 -0.91 -65.26 -7.71
C GLU E 16 -0.90 -63.81 -8.20
N THR E 17 0.28 -63.30 -8.53
CA THR E 17 0.44 -61.90 -8.94
C THR E 17 1.00 -61.85 -10.36
N LEU E 18 0.36 -61.04 -11.21
CA LEU E 18 0.81 -60.84 -12.58
C LEU E 18 1.72 -59.63 -12.65
N SER E 19 2.82 -59.76 -13.38
CA SER E 19 3.73 -58.63 -13.61
C SER E 19 4.35 -58.80 -14.98
N LEU E 20 3.95 -57.94 -15.91
CA LEU E 20 4.49 -57.94 -17.27
C LEU E 20 4.86 -56.52 -17.65
N THR E 21 5.97 -56.38 -18.36
CA THR E 21 6.60 -55.09 -18.60
C THR E 21 6.21 -54.56 -19.97
N CYS E 22 6.73 -53.37 -20.29
CA CYS E 22 6.46 -52.74 -21.58
C CYS E 22 7.52 -51.67 -21.80
N ASN E 23 8.36 -51.87 -22.81
CA ASN E 23 9.46 -50.94 -23.09
C ASN E 23 9.20 -50.17 -24.37
N VAL E 24 9.81 -48.99 -24.45
CA VAL E 24 9.45 -47.97 -25.44
C VAL E 24 10.62 -47.79 -26.40
N SER E 25 10.31 -47.79 -27.70
CA SER E 25 11.26 -47.48 -28.75
C SER E 25 10.91 -46.13 -29.38
N GLY E 26 11.71 -45.73 -30.36
CA GLY E 26 11.43 -44.54 -31.14
C GLY E 26 11.71 -43.23 -30.42
N GLY E 27 10.91 -42.93 -29.40
CA GLY E 27 11.09 -41.72 -28.63
C GLY E 27 11.46 -42.02 -27.19
N SER E 28 10.53 -41.78 -26.28
CA SER E 28 10.72 -42.12 -24.87
C SER E 28 9.37 -42.01 -24.16
N ILE E 29 9.40 -42.17 -22.84
CA ILE E 29 8.21 -42.09 -22.01
C ILE E 29 8.13 -40.72 -21.33
N ASN E 30 8.77 -39.72 -21.93
CA ASN E 30 8.89 -38.41 -21.29
C ASN E 30 7.58 -37.64 -21.22
N SER E 31 6.77 -37.68 -22.28
CA SER E 31 5.75 -36.67 -22.50
C SER E 31 4.35 -37.10 -22.10
N TYR E 32 3.82 -38.17 -22.69
CA TYR E 32 2.39 -38.35 -22.82
C TYR E 32 1.83 -39.25 -21.72
N TYR E 33 0.54 -39.54 -21.84
CA TYR E 33 -0.14 -40.45 -20.94
C TYR E 33 0.01 -41.87 -21.46
N TRP E 34 0.52 -42.77 -20.62
CA TRP E 34 0.83 -44.14 -21.01
C TRP E 34 -0.15 -45.08 -20.33
N SER E 35 -0.80 -45.93 -21.11
CA SER E 35 -2.04 -46.59 -20.69
C SER E 35 -1.96 -48.10 -20.84
N TRP E 36 -2.73 -48.78 -20.00
CA TRP E 36 -2.82 -50.23 -19.94
C TRP E 36 -4.24 -50.64 -20.36
N ILE E 37 -4.33 -51.48 -21.39
CA ILE E 37 -5.61 -51.88 -21.96
C ILE E 37 -5.72 -53.39 -21.99
N ARG E 38 -6.86 -53.91 -21.52
CA ARG E 38 -7.14 -55.33 -21.49
C ARG E 38 -8.46 -55.61 -22.21
N GLN E 39 -8.55 -56.78 -22.82
CA GLN E 39 -9.78 -57.14 -23.51
C GLN E 39 -10.07 -58.63 -23.36
N PRO E 40 -11.11 -58.99 -22.61
CA PRO E 40 -11.52 -60.39 -22.55
C PRO E 40 -11.89 -60.89 -23.93
N PRO E 41 -11.57 -62.14 -24.26
CA PRO E 41 -11.82 -62.63 -25.62
C PRO E 41 -13.30 -62.61 -25.95
N GLY E 42 -13.61 -62.21 -27.18
CA GLY E 42 -15.00 -62.12 -27.61
C GLY E 42 -15.83 -61.15 -26.82
N LYS E 43 -15.29 -59.99 -26.49
CA LYS E 43 -16.01 -58.97 -25.73
C LYS E 43 -15.40 -57.62 -26.05
N GLY E 44 -15.77 -56.61 -25.28
CA GLY E 44 -15.27 -55.26 -25.48
C GLY E 44 -13.90 -55.06 -24.87
N LEU E 45 -13.60 -53.82 -24.53
CA LEU E 45 -12.35 -53.44 -23.89
C LEU E 45 -12.62 -52.50 -22.72
N GLU E 46 -12.30 -52.96 -21.52
CA GLU E 46 -12.26 -52.10 -20.36
C GLU E 46 -10.90 -51.43 -20.31
N TRP E 47 -10.55 -50.83 -19.17
CA TRP E 47 -9.31 -50.09 -19.06
C TRP E 47 -8.82 -50.15 -17.62
N ILE E 48 -7.62 -50.69 -17.44
CA ILE E 48 -7.13 -50.97 -16.09
C ILE E 48 -6.81 -49.69 -15.35
N GLY E 49 -6.24 -48.72 -16.04
CA GLY E 49 -5.77 -47.50 -15.42
C GLY E 49 -4.47 -47.09 -16.09
N TYR E 50 -4.10 -45.82 -15.90
CA TYR E 50 -2.83 -45.38 -16.45
C TYR E 50 -2.22 -44.27 -15.61
N VAL E 51 -0.96 -43.98 -15.94
CA VAL E 51 -0.09 -43.16 -15.12
C VAL E 51 0.51 -42.07 -16.00
N TYR E 52 0.74 -40.90 -15.42
CA TYR E 52 1.31 -39.80 -16.18
C TYR E 52 2.79 -40.07 -16.43
N HIS E 53 3.30 -39.47 -17.52
CA HIS E 53 4.71 -39.64 -17.86
C HIS E 53 5.62 -39.23 -16.72
N SER E 54 5.21 -38.21 -15.96
CA SER E 54 5.97 -37.86 -14.76
C SER E 54 5.87 -38.95 -13.71
N GLY E 55 4.75 -39.67 -13.66
CA GLY E 55 4.61 -40.74 -12.69
C GLY E 55 3.50 -40.55 -11.68
N SER E 56 2.41 -39.90 -12.09
CA SER E 56 1.22 -39.77 -11.25
C SER E 56 0.16 -40.73 -11.76
N THR E 57 -0.41 -41.53 -10.86
CA THR E 57 -1.21 -42.67 -11.23
C THR E 57 -2.70 -42.35 -11.26
N HIS E 58 -3.43 -43.13 -12.05
CA HIS E 58 -4.89 -43.06 -12.09
C HIS E 58 -5.40 -44.44 -12.46
N TYR E 59 -6.07 -45.10 -11.52
CA TYR E 59 -6.45 -46.49 -11.65
C TYR E 59 -7.97 -46.63 -11.78
N ASN E 60 -8.40 -47.67 -12.48
CA ASN E 60 -9.83 -47.92 -12.67
C ASN E 60 -10.46 -48.18 -11.30
N PRO E 61 -11.48 -47.40 -10.91
CA PRO E 61 -12.08 -47.61 -9.59
C PRO E 61 -12.72 -48.97 -9.42
N SER E 62 -13.30 -49.53 -10.47
CA SER E 62 -13.98 -50.82 -10.38
C SER E 62 -13.02 -51.96 -10.07
N LEU E 63 -11.73 -51.75 -10.21
CA LEU E 63 -10.70 -52.77 -10.02
C LEU E 63 -9.59 -52.21 -9.14
N ASN E 64 -10.01 -51.57 -8.04
CA ASN E 64 -9.11 -50.79 -7.20
C ASN E 64 -8.19 -51.68 -6.38
N SER E 65 -7.04 -51.11 -6.00
CA SER E 65 -6.11 -51.71 -5.05
C SER E 65 -5.69 -53.11 -5.46
N ARG E 66 -5.46 -53.30 -6.76
CA ARG E 66 -4.84 -54.52 -7.25
C ARG E 66 -3.74 -54.22 -8.25
N VAL E 67 -3.38 -52.96 -8.44
CA VAL E 67 -2.54 -52.52 -9.54
C VAL E 67 -1.47 -51.54 -9.04
N THR E 68 -0.30 -51.61 -9.65
CA THR E 68 0.76 -50.63 -9.43
C THR E 68 1.51 -50.44 -10.74
N ILE E 69 1.58 -49.20 -11.22
CA ILE E 69 2.26 -48.88 -12.47
C ILE E 69 3.24 -47.75 -12.21
N SER E 70 4.31 -47.73 -13.01
CA SER E 70 5.26 -46.62 -13.04
C SER E 70 6.25 -46.90 -14.16
N VAL E 71 7.15 -45.95 -14.37
CA VAL E 71 8.29 -46.12 -15.27
C VAL E 71 9.47 -46.56 -14.43
N ASP E 72 10.36 -47.35 -15.04
CA ASP E 72 11.47 -47.97 -14.32
C ASP E 72 12.63 -47.02 -14.05
N THR E 73 12.41 -45.72 -14.19
CA THR E 73 13.37 -44.68 -13.84
C THR E 73 14.53 -44.64 -14.83
N SER E 74 14.61 -45.65 -15.70
CA SER E 74 15.37 -45.51 -16.93
C SER E 74 14.57 -44.75 -17.97
N LYS E 75 13.28 -44.53 -17.70
CA LYS E 75 12.38 -43.81 -18.57
C LYS E 75 12.41 -44.38 -19.99
N ARG E 76 12.43 -45.72 -20.06
CA ARG E 76 12.33 -46.44 -21.32
C ARG E 76 11.39 -47.64 -21.23
N GLN E 77 10.83 -47.94 -20.06
CA GLN E 77 9.94 -49.08 -19.92
C GLN E 77 8.99 -48.83 -18.75
N PHE E 78 7.86 -49.53 -18.80
CA PHE E 78 6.85 -49.45 -17.74
C PHE E 78 6.11 -50.77 -17.67
N SER E 79 5.67 -51.12 -16.47
CA SER E 79 5.15 -52.46 -16.20
C SER E 79 3.85 -52.40 -15.41
N LEU E 80 3.09 -53.48 -15.51
CA LEU E 80 1.80 -53.61 -14.86
C LEU E 80 1.90 -54.55 -13.66
N LYS E 81 1.41 -54.10 -12.52
CA LYS E 81 1.27 -54.93 -11.34
C LYS E 81 -0.19 -55.38 -11.21
N LEU E 82 -0.38 -56.64 -10.87
CA LEU E 82 -1.73 -57.19 -10.70
C LEU E 82 -1.64 -58.26 -9.62
N ARG E 83 -1.98 -57.88 -8.38
CA ARG E 83 -1.95 -58.79 -7.26
C ARG E 83 -3.27 -59.54 -7.15
N SER E 84 -3.19 -60.79 -6.69
CA SER E 84 -4.36 -61.66 -6.55
C SER E 84 -5.10 -61.79 -7.88
N VAL E 85 -4.40 -62.36 -8.87
CA VAL E 85 -4.93 -62.51 -10.22
C VAL E 85 -5.90 -63.68 -10.20
N THR E 86 -7.20 -63.39 -10.22
CA THR E 86 -8.20 -64.42 -10.37
C THR E 86 -8.10 -65.01 -11.78
N ALA E 87 -8.50 -66.27 -11.91
CA ALA E 87 -8.53 -66.90 -13.22
C ALA E 87 -9.61 -66.32 -14.13
N ALA E 88 -10.32 -65.28 -13.69
CA ALA E 88 -11.37 -64.69 -14.50
C ALA E 88 -10.80 -63.80 -15.60
N ASP E 89 -10.07 -62.76 -15.22
CA ASP E 89 -9.62 -61.74 -16.17
C ASP E 89 -8.45 -62.27 -17.01
N THR E 90 -8.79 -63.18 -17.92
CA THR E 90 -7.88 -63.57 -18.99
C THR E 90 -8.16 -62.70 -20.21
N ALA E 91 -7.09 -62.22 -20.84
CA ALA E 91 -7.27 -61.24 -21.90
C ALA E 91 -5.98 -61.08 -22.68
N VAL E 92 -6.11 -60.51 -23.87
CA VAL E 92 -4.97 -59.92 -24.57
C VAL E 92 -4.75 -58.53 -24.01
N TYR E 93 -3.53 -58.25 -23.57
CA TYR E 93 -3.25 -57.05 -22.80
C TYR E 93 -2.50 -56.06 -23.69
N TYR E 94 -3.05 -54.87 -23.83
CA TYR E 94 -2.56 -53.86 -24.76
C TYR E 94 -1.81 -52.77 -24.00
N CYS E 95 -0.61 -52.44 -24.47
CA CYS E 95 0.11 -51.24 -24.06
C CYS E 95 -0.23 -50.12 -25.03
N ALA E 96 -0.77 -49.02 -24.52
CA ALA E 96 -1.23 -47.94 -25.41
C ALA E 96 -0.75 -46.59 -24.93
N ARG E 97 -0.24 -45.78 -25.86
CA ARG E 97 0.07 -44.39 -25.60
C ARG E 97 -1.17 -43.54 -25.81
N GLU E 98 -1.46 -42.68 -24.83
CA GLU E 98 -2.61 -41.77 -24.91
C GLU E 98 -2.09 -40.36 -24.87
N LYS E 99 -2.19 -39.62 -25.97
CA LYS E 99 -1.65 -38.28 -26.04
C LYS E 99 -2.79 -37.29 -26.24
N SER E 100 -2.73 -36.17 -25.54
CA SER E 100 -3.82 -35.21 -25.50
C SER E 100 -3.45 -34.00 -26.34
N ASP E 101 -4.20 -33.79 -27.42
CA ASP E 101 -4.07 -32.61 -28.26
C ASP E 101 -5.32 -31.76 -28.06
N PHE E 102 -5.31 -30.54 -28.60
CA PHE E 102 -6.43 -29.64 -28.34
C PHE E 102 -6.50 -28.61 -29.46
N TRP E 103 -7.66 -27.93 -29.53
CA TRP E 103 -7.83 -26.81 -30.45
C TRP E 103 -7.93 -25.51 -29.67
N THR E 104 -8.95 -25.38 -28.84
CA THR E 104 -9.10 -24.19 -28.04
C THR E 104 -8.45 -24.43 -26.70
N VAL E 105 -8.82 -23.66 -25.70
CA VAL E 105 -8.27 -23.84 -24.36
C VAL E 105 -9.33 -24.57 -23.54
N ASP E 106 -10.36 -25.07 -24.21
CA ASP E 106 -11.44 -25.77 -23.53
C ASP E 106 -11.54 -27.23 -23.92
N SER E 107 -12.06 -27.51 -25.11
CA SER E 107 -12.27 -28.89 -25.53
C SER E 107 -10.94 -29.59 -25.76
N PHE E 108 -10.52 -30.41 -24.80
CA PHE E 108 -9.39 -31.30 -24.95
C PHE E 108 -9.84 -32.66 -25.48
N PHE E 109 -10.84 -32.63 -26.35
CA PHE E 109 -11.41 -33.86 -26.88
C PHE E 109 -10.36 -34.76 -27.50
N TYR E 110 -9.29 -34.19 -28.03
CA TYR E 110 -8.28 -35.04 -28.64
C TYR E 110 -7.57 -35.88 -27.60
N TYR E 111 -7.99 -37.14 -27.47
CA TYR E 111 -7.23 -38.16 -26.75
C TYR E 111 -6.94 -39.27 -27.75
N MET E 112 -5.86 -39.07 -28.51
CA MET E 112 -5.35 -40.02 -29.48
C MET E 112 -4.74 -41.24 -28.79
N ASP E 113 -4.44 -42.26 -29.59
CA ASP E 113 -3.78 -43.48 -29.15
C ASP E 113 -2.82 -44.00 -30.21
N VAL E 114 -1.71 -44.57 -29.73
CA VAL E 114 -0.92 -45.55 -30.48
C VAL E 114 -0.49 -46.63 -29.51
N TRP E 115 -0.58 -47.89 -29.94
CA TRP E 115 -0.31 -49.01 -29.05
C TRP E 115 0.51 -50.08 -29.75
N GLY E 116 0.92 -51.06 -28.96
CA GLY E 116 1.76 -52.14 -29.42
C GLY E 116 1.00 -53.27 -30.09
N ARG E 117 1.29 -54.50 -29.67
CA ARG E 117 0.75 -55.69 -30.32
C ARG E 117 -0.08 -56.57 -29.40
N GLY E 118 -0.33 -56.14 -28.16
CA GLY E 118 -1.13 -56.93 -27.25
C GLY E 118 -0.37 -58.06 -26.62
N THR E 119 -0.61 -58.31 -25.34
CA THR E 119 0.05 -59.37 -24.59
C THR E 119 -0.96 -60.43 -24.21
N THR E 120 -0.69 -61.68 -24.60
CA THR E 120 -1.64 -62.78 -24.39
C THR E 120 -1.43 -63.35 -23.00
N VAL E 121 -2.05 -62.70 -22.02
CA VAL E 121 -1.94 -63.14 -20.61
C VAL E 121 -3.06 -64.14 -20.38
N THR E 122 -2.80 -65.39 -20.76
CA THR E 122 -3.75 -66.48 -20.54
C THR E 122 -3.53 -67.07 -19.15
N VAL E 123 -4.62 -67.18 -18.40
CA VAL E 123 -4.53 -67.61 -17.02
C VAL E 123 -4.57 -69.13 -16.92
N GLN F 1 -13.21 -50.93 15.40
CA GLN F 1 -12.31 -51.36 16.46
C GLN F 1 -11.00 -51.80 15.82
N VAL F 2 -9.91 -51.12 16.17
CA VAL F 2 -8.60 -51.49 15.66
C VAL F 2 -7.97 -52.50 16.60
N GLN F 3 -7.54 -53.62 16.04
CA GLN F 3 -6.86 -54.68 16.78
C GLN F 3 -5.53 -54.96 16.08
N LEU F 4 -4.48 -55.16 16.87
CA LEU F 4 -3.13 -55.20 16.32
C LEU F 4 -2.44 -56.50 16.71
N GLN F 5 -1.53 -56.96 15.86
CA GLN F 5 -0.73 -58.14 16.12
C GLN F 5 0.65 -57.94 15.51
N GLU F 6 1.67 -58.44 16.22
CA GLU F 6 3.05 -58.34 15.79
C GLU F 6 3.45 -59.60 15.03
N SER F 7 4.70 -59.62 14.57
CA SER F 7 5.21 -60.77 13.83
C SER F 7 6.73 -60.75 13.88
N GLY F 8 7.31 -61.92 13.61
CA GLY F 8 8.75 -62.08 13.53
C GLY F 8 9.42 -62.54 14.81
N PRO F 9 8.96 -63.64 15.39
CA PRO F 9 9.61 -64.17 16.59
C PRO F 9 10.83 -65.00 16.23
N GLY F 10 11.62 -65.33 17.25
CA GLY F 10 12.78 -66.17 17.08
C GLY F 10 13.90 -65.69 17.97
N LEU F 11 15.12 -66.02 17.56
CA LEU F 11 16.33 -65.66 18.28
C LEU F 11 17.21 -64.77 17.42
N VAL F 12 18.40 -64.45 17.93
CA VAL F 12 19.38 -63.67 17.20
C VAL F 12 20.73 -63.84 17.88
N LYS F 13 21.77 -63.96 17.06
CA LYS F 13 23.11 -64.03 17.59
C LYS F 13 23.62 -62.63 17.92
N PRO F 14 24.58 -62.52 18.84
CA PRO F 14 25.16 -61.21 19.15
C PRO F 14 25.76 -60.57 17.91
N SER F 15 25.68 -59.23 17.86
CA SER F 15 26.16 -58.38 16.79
C SER F 15 25.37 -58.53 15.50
N GLU F 16 24.41 -59.44 15.43
CA GLU F 16 23.56 -59.59 14.26
C GLU F 16 22.50 -58.48 14.26
N THR F 17 21.55 -58.55 13.35
CA THR F 17 20.52 -57.53 13.21
C THR F 17 19.14 -58.14 13.43
N LEU F 18 18.34 -57.50 14.27
CA LEU F 18 16.98 -57.93 14.54
C LEU F 18 16.01 -57.21 13.62
N SER F 19 15.07 -57.95 13.06
CA SER F 19 14.02 -57.37 12.23
C SER F 19 12.74 -58.18 12.43
N LEU F 20 11.76 -57.59 13.10
CA LEU F 20 10.47 -58.22 13.32
C LEU F 20 9.37 -57.23 12.97
N THR F 21 8.30 -57.74 12.36
CA THR F 21 7.29 -56.90 11.75
C THR F 21 6.09 -56.76 12.69
N CYS F 22 5.10 -55.99 12.22
CA CYS F 22 3.88 -55.78 13.00
C CYS F 22 2.80 -55.30 12.04
N ASN F 23 1.75 -56.09 11.86
CA ASN F 23 0.69 -55.76 10.93
C ASN F 23 -0.60 -55.41 11.67
N VAL F 24 -1.43 -54.62 11.01
CA VAL F 24 -2.56 -53.93 11.65
C VAL F 24 -3.86 -54.50 11.12
N SER F 25 -4.78 -54.81 12.03
CA SER F 25 -6.13 -55.22 11.69
C SER F 25 -7.11 -54.13 12.11
N GLY F 26 -8.39 -54.39 11.85
CA GLY F 26 -9.45 -53.49 12.29
C GLY F 26 -9.59 -52.22 11.50
N GLY F 27 -8.59 -51.33 11.63
CA GLY F 27 -8.60 -50.08 10.90
C GLY F 27 -7.45 -50.00 9.92
N SER F 28 -6.47 -49.16 10.21
CA SER F 28 -5.26 -49.07 9.40
C SER F 28 -4.22 -48.25 10.16
N ILE F 29 -3.10 -47.97 9.51
CA ILE F 29 -2.02 -47.21 10.10
C ILE F 29 -2.07 -45.76 9.62
N ASN F 30 -3.25 -45.29 9.21
CA ASN F 30 -3.39 -43.99 8.59
C ASN F 30 -3.17 -42.83 9.56
N SER F 31 -3.68 -42.93 10.78
CA SER F 31 -3.92 -41.75 11.61
C SER F 31 -2.87 -41.51 12.67
N TYR F 32 -2.65 -42.45 13.57
CA TYR F 32 -2.11 -42.15 14.89
C TYR F 32 -0.60 -42.38 14.96
N TYR F 33 -0.07 -42.22 16.17
CA TYR F 33 1.34 -42.49 16.43
C TYR F 33 1.51 -43.96 16.78
N TRP F 34 2.39 -44.65 16.06
CA TRP F 34 2.58 -46.08 16.21
C TRP F 34 3.94 -46.34 16.83
N SER F 35 3.96 -47.11 17.92
CA SER F 35 5.08 -47.11 18.85
C SER F 35 5.61 -48.52 19.10
N TRP F 36 6.90 -48.56 19.43
CA TRP F 36 7.64 -49.78 19.71
C TRP F 36 8.04 -49.79 21.18
N ILE F 37 7.64 -50.83 21.91
CA ILE F 37 7.86 -50.91 23.35
C ILE F 37 8.58 -52.21 23.68
N ARG F 38 9.63 -52.11 24.50
CA ARG F 38 10.41 -53.24 24.94
C ARG F 38 10.47 -53.26 26.46
N GLN F 39 10.56 -54.47 27.02
CA GLN F 39 10.65 -54.58 28.48
C GLN F 39 11.55 -55.73 28.89
N PRO F 40 12.73 -55.44 29.44
CA PRO F 40 13.58 -56.49 29.98
C PRO F 40 12.85 -57.25 31.07
N PRO F 41 13.02 -58.57 31.14
CA PRO F 41 12.26 -59.36 32.11
C PRO F 41 12.56 -58.94 33.53
N GLY F 42 11.52 -58.88 34.35
CA GLY F 42 11.66 -58.47 35.74
C GLY F 42 12.19 -57.06 35.91
N LYS F 43 11.70 -56.12 35.10
CA LYS F 43 12.13 -54.73 35.18
C LYS F 43 11.01 -53.86 34.61
N GLY F 44 11.31 -52.58 34.39
CA GLY F 44 10.35 -51.65 33.86
C GLY F 44 10.21 -51.75 32.36
N LEU F 45 9.80 -50.65 31.74
CA LEU F 45 9.66 -50.56 30.29
C LEU F 45 10.26 -49.25 29.80
N GLU F 46 11.31 -49.36 28.99
CA GLU F 46 11.83 -48.24 28.24
C GLU F 46 11.03 -48.12 26.95
N TRP F 47 11.54 -47.34 26.01
CA TRP F 47 10.80 -47.10 24.76
C TRP F 47 11.80 -46.85 23.65
N ILE F 48 11.72 -47.68 22.60
CA ILE F 48 12.74 -47.65 21.56
C ILE F 48 12.63 -46.39 20.72
N GLY F 49 11.41 -45.97 20.43
CA GLY F 49 11.15 -44.87 19.53
C GLY F 49 9.93 -45.18 18.70
N TYR F 50 9.36 -44.15 18.10
CA TYR F 50 8.22 -44.38 17.23
C TYR F 50 8.15 -43.34 16.12
N VAL F 51 7.28 -43.63 15.16
CA VAL F 51 7.20 -42.96 13.88
C VAL F 51 5.77 -42.51 13.65
N TYR F 52 5.61 -41.37 12.99
CA TYR F 52 4.29 -40.86 12.70
C TYR F 52 3.62 -41.69 11.61
N HIS F 53 2.28 -41.70 11.62
CA HIS F 53 1.55 -42.46 10.63
C HIS F 53 1.92 -42.04 9.22
N SER F 54 2.22 -40.76 9.03
CA SER F 54 2.72 -40.32 7.73
C SER F 54 4.10 -40.90 7.45
N GLY F 55 4.91 -41.12 8.49
CA GLY F 55 6.22 -41.69 8.29
C GLY F 55 7.37 -40.80 8.70
N SER F 56 7.18 -39.98 9.74
CA SER F 56 8.25 -39.18 10.31
C SER F 56 8.69 -39.81 11.62
N THR F 57 10.00 -40.01 11.77
CA THR F 57 10.54 -40.86 12.82
C THR F 57 10.94 -40.05 14.05
N HIS F 58 10.96 -40.75 15.19
CA HIS F 58 11.46 -40.18 16.44
C HIS F 58 11.99 -41.34 17.27
N TYR F 59 13.30 -41.37 17.48
CA TYR F 59 13.98 -42.51 18.09
C TYR F 59 14.52 -42.13 19.45
N ASN F 60 14.61 -43.12 20.33
CA ASN F 60 15.13 -42.90 21.67
C ASN F 60 16.58 -42.45 21.58
N PRO F 61 16.94 -41.28 22.13
CA PRO F 61 18.33 -40.81 22.00
C PRO F 61 19.34 -41.73 22.68
N SER F 62 18.97 -42.37 23.80
CA SER F 62 19.90 -43.23 24.51
C SER F 62 20.30 -44.46 23.73
N LEU F 63 19.58 -44.77 22.64
CA LEU F 63 19.81 -45.97 21.84
C LEU F 63 19.82 -45.58 20.37
N ASN F 64 20.57 -44.51 20.07
CA ASN F 64 20.54 -43.87 18.77
C ASN F 64 21.24 -44.69 17.70
N SER F 65 20.84 -44.47 16.45
CA SER F 65 21.52 -45.01 15.27
C SER F 65 21.67 -46.52 15.33
N ARG F 66 20.62 -47.20 15.82
CA ARG F 66 20.55 -48.65 15.73
C ARG F 66 19.18 -49.11 15.24
N VAL F 67 18.32 -48.18 14.83
CA VAL F 67 16.91 -48.47 14.60
C VAL F 67 16.45 -47.81 13.30
N THR F 68 15.53 -48.49 12.62
CA THR F 68 14.85 -47.92 11.46
C THR F 68 13.43 -48.45 11.43
N ILE F 69 12.44 -47.55 11.43
CA ILE F 69 11.04 -47.92 11.43
C ILE F 69 10.35 -47.19 10.29
N SER F 70 9.28 -47.81 9.78
CA SER F 70 8.38 -47.18 8.81
C SER F 70 7.23 -48.14 8.57
N VAL F 71 6.27 -47.70 7.76
CA VAL F 71 5.20 -48.54 7.28
C VAL F 71 5.61 -49.07 5.91
N ASP F 72 5.13 -50.26 5.57
CA ASP F 72 5.56 -50.97 4.37
C ASP F 72 4.90 -50.46 3.10
N THR F 73 4.27 -49.28 3.16
CA THR F 73 3.70 -48.59 2.01
C THR F 73 2.44 -49.29 1.52
N SER F 74 2.19 -50.49 2.03
CA SER F 74 0.84 -51.03 1.97
C SER F 74 -0.03 -50.44 3.06
N LYS F 75 0.58 -49.71 3.99
CA LYS F 75 -0.09 -49.04 5.09
C LYS F 75 -0.97 -50.02 5.86
N ARG F 76 -0.43 -51.23 6.07
CA ARG F 76 -1.07 -52.24 6.91
C ARG F 76 -0.09 -52.93 7.84
N GLN F 77 1.20 -52.61 7.78
CA GLN F 77 2.19 -53.25 8.65
C GLN F 77 3.38 -52.32 8.83
N PHE F 78 4.10 -52.54 9.92
CA PHE F 78 5.29 -51.77 10.24
C PHE F 78 6.25 -52.65 11.04
N SER F 79 7.54 -52.40 10.87
CA SER F 79 8.57 -53.31 11.38
C SER F 79 9.68 -52.53 12.08
N LEU F 80 10.39 -53.25 12.94
CA LEU F 80 11.47 -52.69 13.74
C LEU F 80 12.81 -53.15 13.20
N LYS F 81 13.72 -52.20 12.98
CA LYS F 81 15.09 -52.51 12.64
C LYS F 81 15.96 -52.34 13.87
N LEU F 82 16.90 -53.27 14.06
CA LEU F 82 17.80 -53.21 15.21
C LEU F 82 19.12 -53.82 14.76
N ARG F 83 20.07 -52.96 14.37
CA ARG F 83 21.37 -53.42 13.92
C ARG F 83 22.30 -53.57 15.10
N SER F 84 23.22 -54.54 15.01
CA SER F 84 24.19 -54.84 16.06
C SER F 84 23.47 -55.13 17.38
N VAL F 85 22.66 -56.20 17.35
CA VAL F 85 21.86 -56.59 18.52
C VAL F 85 22.78 -57.27 19.51
N THR F 86 23.14 -56.56 20.57
CA THR F 86 23.87 -57.17 21.67
C THR F 86 22.98 -58.19 22.37
N ALA F 87 23.61 -59.20 22.97
CA ALA F 87 22.85 -60.17 23.75
C ALA F 87 22.28 -59.58 25.04
N ALA F 88 22.44 -58.28 25.26
CA ALA F 88 21.93 -57.66 26.48
C ALA F 88 20.42 -57.44 26.40
N ASP F 89 19.96 -56.65 25.42
CA ASP F 89 18.56 -56.24 25.37
C ASP F 89 17.68 -57.40 24.87
N THR F 90 17.50 -58.36 25.76
CA THR F 90 16.47 -59.39 25.59
C THR F 90 15.20 -58.92 26.29
N ALA F 91 14.07 -59.09 25.63
CA ALA F 91 12.84 -58.51 26.15
C ALA F 91 11.63 -59.09 25.43
N VAL F 92 10.47 -58.93 26.05
CA VAL F 92 9.21 -59.06 25.34
C VAL F 92 8.93 -57.73 24.66
N TYR F 93 8.69 -57.76 23.36
CA TYR F 93 8.64 -56.56 22.55
C TYR F 93 7.19 -56.24 22.20
N TYR F 94 6.74 -55.05 22.56
CA TYR F 94 5.35 -54.65 22.44
C TYR F 94 5.16 -53.70 21.27
N CYS F 95 4.17 -53.99 20.43
CA CYS F 95 3.69 -53.05 19.43
C CYS F 95 2.52 -52.28 20.02
N ALA F 96 2.63 -50.95 20.07
CA ALA F 96 1.61 -50.15 20.74
C ALA F 96 1.19 -48.96 19.88
N ARG F 97 -0.12 -48.75 19.79
CA ARG F 97 -0.68 -47.56 19.18
C ARG F 97 -0.75 -46.43 20.21
N GLU F 98 -0.24 -45.27 19.85
CA GLU F 98 -0.28 -44.10 20.72
C GLU F 98 -1.10 -43.01 20.03
N LYS F 99 -2.27 -42.71 20.57
CA LYS F 99 -3.15 -41.73 19.93
C LYS F 99 -3.33 -40.53 20.86
N SER F 100 -3.29 -39.34 20.29
CA SER F 100 -3.27 -38.10 21.04
C SER F 100 -4.65 -37.45 20.97
N ASP F 101 -5.32 -37.36 22.10
CA ASP F 101 -6.58 -36.65 22.24
C ASP F 101 -6.32 -35.40 23.07
N PHE F 102 -7.31 -34.52 23.15
CA PHE F 102 -7.09 -33.25 23.83
C PHE F 102 -8.42 -32.68 24.30
N TRP F 103 -8.35 -31.71 25.21
CA TRP F 103 -9.52 -30.97 25.65
C TRP F 103 -9.46 -29.54 25.15
N THR F 104 -8.46 -28.80 25.59
CA THR F 104 -8.30 -27.43 25.13
C THR F 104 -7.37 -27.44 23.93
N VAL F 105 -6.77 -26.30 23.64
CA VAL F 105 -5.84 -26.21 22.53
C VAL F 105 -4.43 -26.20 23.13
N ASP F 106 -4.35 -26.50 24.42
CA ASP F 106 -3.06 -26.51 25.11
C ASP F 106 -2.65 -27.89 25.61
N SER F 107 -3.28 -28.34 26.70
CA SER F 107 -2.91 -29.61 27.29
C SER F 107 -3.29 -30.77 26.38
N PHE F 108 -2.32 -31.31 25.68
CA PHE F 108 -2.46 -32.54 24.92
C PHE F 108 -2.09 -33.75 25.77
N PHE F 109 -2.41 -33.66 27.06
CA PHE F 109 -2.05 -34.71 28.00
C PHE F 109 -2.54 -36.08 27.55
N TYR F 110 -3.64 -36.13 26.81
CA TYR F 110 -4.14 -37.43 26.39
C TYR F 110 -3.20 -38.07 25.39
N TYR F 111 -2.35 -38.98 25.87
CA TYR F 111 -1.61 -39.90 25.02
C TYR F 111 -2.02 -41.30 25.44
N MET F 112 -3.13 -41.77 24.88
CA MET F 112 -3.66 -43.10 25.07
C MET F 112 -2.80 -44.16 24.39
N ASP F 113 -3.09 -45.42 24.70
CA ASP F 113 -2.43 -46.57 24.10
C ASP F 113 -3.41 -47.72 23.89
N VAL F 114 -3.21 -48.44 22.79
CA VAL F 114 -3.67 -49.83 22.64
C VAL F 114 -2.56 -50.61 21.96
N TRP F 115 -2.29 -51.82 22.45
CA TRP F 115 -1.17 -52.60 21.94
C TRP F 115 -1.57 -54.06 21.76
N GLY F 116 -0.65 -54.81 21.16
CA GLY F 116 -0.85 -56.20 20.84
C GLY F 116 -0.56 -57.14 21.99
N ARG F 117 0.22 -58.18 21.73
CA ARG F 117 0.44 -59.25 22.70
C ARG F 117 1.91 -59.42 23.07
N GLY F 118 2.79 -58.55 22.60
CA GLY F 118 4.20 -58.66 22.95
C GLY F 118 4.93 -59.71 22.15
N THR F 119 6.17 -59.43 21.76
CA THR F 119 6.99 -60.34 20.98
C THR F 119 8.17 -60.78 21.81
N THR F 120 8.33 -62.10 21.97
CA THR F 120 9.36 -62.67 22.84
C THR F 120 10.65 -62.78 22.05
N VAL F 121 11.39 -61.66 21.99
CA VAL F 121 12.66 -61.63 21.26
C VAL F 121 13.74 -62.03 22.25
N THR F 122 13.90 -63.35 22.41
CA THR F 122 14.95 -63.90 23.27
C THR F 122 16.25 -64.02 22.50
N VAL F 123 17.32 -63.49 23.06
CA VAL F 123 18.59 -63.45 22.35
C VAL F 123 19.38 -64.74 22.57
N GLU G 1 34.72 -28.26 -22.94
CA GLU G 1 35.26 -27.34 -23.94
C GLU G 1 36.60 -26.77 -23.50
N ILE G 2 36.66 -26.30 -22.25
CA ILE G 2 37.89 -25.76 -21.71
C ILE G 2 38.93 -26.87 -21.61
N VAL G 3 40.10 -26.64 -22.19
CA VAL G 3 41.18 -27.63 -22.16
C VAL G 3 42.47 -26.92 -21.77
N LEU G 4 43.42 -27.70 -21.27
CA LEU G 4 44.69 -27.19 -20.76
C LEU G 4 45.83 -27.80 -21.57
N THR G 5 46.18 -27.15 -22.67
CA THR G 5 47.39 -27.53 -23.39
C THR G 5 48.60 -27.16 -22.54
N GLN G 6 49.63 -28.01 -22.59
CA GLN G 6 50.79 -27.85 -21.74
C GLN G 6 52.04 -27.59 -22.57
N SER G 7 53.07 -27.11 -21.89
CA SER G 7 54.43 -26.97 -22.39
C SER G 7 55.34 -26.62 -21.21
N PRO G 8 56.56 -27.15 -21.17
CA PRO G 8 57.06 -28.17 -22.07
C PRO G 8 56.49 -29.53 -21.68
N ALA G 9 56.48 -30.48 -22.61
CA ALA G 9 56.03 -31.82 -22.26
C ALA G 9 57.02 -32.54 -21.35
N THR G 10 58.23 -32.00 -21.18
CA THR G 10 59.22 -32.57 -20.28
C THR G 10 60.29 -31.53 -20.02
N LEU G 11 60.83 -31.54 -18.81
CA LEU G 11 61.99 -30.72 -18.48
C LEU G 11 62.96 -31.58 -17.68
N SER G 12 64.25 -31.42 -17.96
CA SER G 12 65.30 -32.13 -17.24
C SER G 12 66.30 -31.13 -16.69
N LEU G 13 66.86 -31.43 -15.52
CA LEU G 13 67.78 -30.50 -14.89
C LEU G 13 68.64 -31.26 -13.87
N SER G 14 69.76 -30.66 -13.52
CA SER G 14 70.61 -31.20 -12.48
C SER G 14 70.10 -30.74 -11.11
N PRO G 15 69.86 -31.67 -10.18
CA PRO G 15 69.10 -31.32 -8.96
C PRO G 15 69.76 -30.21 -8.16
N GLY G 16 69.04 -29.10 -8.01
CA GLY G 16 69.53 -27.94 -7.31
C GLY G 16 69.36 -26.66 -8.09
N GLU G 17 68.88 -26.79 -9.33
CA GLU G 17 68.77 -25.66 -10.23
C GLU G 17 67.37 -25.04 -10.15
N ARG G 18 67.05 -24.17 -11.10
CA ARG G 18 65.72 -23.61 -11.25
C ARG G 18 64.86 -24.51 -12.12
N ALA G 19 63.57 -24.56 -11.82
CA ALA G 19 62.62 -25.27 -12.65
C ALA G 19 61.42 -24.38 -12.94
N THR G 20 60.79 -24.60 -14.09
CA THR G 20 59.65 -23.79 -14.50
C THR G 20 58.75 -24.61 -15.42
N LEU G 21 57.49 -24.73 -15.03
CA LEU G 21 56.50 -25.45 -15.83
C LEU G 21 55.28 -24.54 -16.00
N SER G 22 54.60 -24.71 -17.14
CA SER G 22 53.46 -23.86 -17.46
C SER G 22 52.35 -24.69 -18.09
N CYS G 23 51.13 -24.17 -17.98
CA CYS G 23 49.96 -24.72 -18.63
C CYS G 23 49.22 -23.59 -19.33
N ARG G 24 48.64 -23.89 -20.49
CA ARG G 24 47.93 -22.90 -21.29
C ARG G 24 46.47 -23.31 -21.42
N ALA G 25 45.57 -22.38 -21.15
CA ALA G 25 44.16 -22.66 -21.25
C ALA G 25 43.66 -22.45 -22.68
N SER G 26 42.49 -23.03 -22.97
CA SER G 26 41.82 -22.82 -24.24
C SER G 26 40.86 -21.65 -24.19
N GLN G 27 40.73 -20.98 -23.05
CA GLN G 27 39.84 -19.85 -22.87
C GLN G 27 40.37 -19.01 -21.72
N SER G 28 39.53 -18.11 -21.22
CA SER G 28 39.91 -17.22 -20.14
C SER G 28 39.31 -17.74 -18.84
N VAL G 29 40.01 -18.67 -18.19
CA VAL G 29 39.71 -19.04 -16.82
C VAL G 29 40.57 -18.17 -15.91
N ALA G 30 39.92 -17.46 -14.99
CA ALA G 30 40.58 -16.34 -14.31
C ALA G 30 41.77 -16.79 -13.47
N THR G 31 41.51 -17.48 -12.36
CA THR G 31 42.58 -17.90 -11.48
C THR G 31 42.36 -19.26 -10.84
N SER G 32 41.29 -19.97 -11.19
CA SER G 32 40.92 -21.20 -10.49
C SER G 32 41.68 -22.40 -11.07
N LEU G 33 43.00 -22.26 -11.15
CA LEU G 33 43.87 -23.32 -11.62
C LEU G 33 44.73 -23.77 -10.45
N ALA G 34 45.01 -25.07 -10.37
CA ALA G 34 45.77 -25.60 -9.24
C ALA G 34 46.60 -26.78 -9.71
N TRP G 35 47.84 -26.87 -9.23
CA TRP G 35 48.77 -27.87 -9.74
C TRP G 35 49.24 -28.79 -8.62
N TYR G 36 49.70 -29.98 -9.03
CA TYR G 36 49.88 -31.12 -8.14
C TYR G 36 51.30 -31.68 -8.14
N GLN G 37 51.46 -32.85 -7.51
CA GLN G 37 52.67 -33.64 -7.54
C GLN G 37 52.26 -35.09 -7.42
N GLN G 38 52.99 -35.98 -8.09
CA GLN G 38 52.63 -37.39 -8.06
C GLN G 38 53.91 -38.20 -8.18
N LYS G 39 54.37 -38.73 -7.05
CA LYS G 39 55.57 -39.57 -7.04
C LYS G 39 55.29 -40.86 -7.81
N PRO G 40 56.36 -41.54 -8.26
CA PRO G 40 56.16 -42.81 -8.97
C PRO G 40 55.34 -43.81 -8.17
N GLY G 41 54.15 -44.12 -8.66
CA GLY G 41 53.27 -45.08 -8.01
C GLY G 41 52.27 -44.55 -7.00
N GLN G 42 52.74 -43.72 -6.07
CA GLN G 42 51.87 -43.25 -5.00
C GLN G 42 50.78 -42.34 -5.53
N PRO G 43 49.63 -42.28 -4.85
CA PRO G 43 48.60 -41.32 -5.24
C PRO G 43 49.10 -39.91 -5.01
N PRO G 44 48.59 -38.94 -5.77
CA PRO G 44 49.14 -37.59 -5.71
C PRO G 44 48.65 -36.81 -4.51
N ARG G 45 49.39 -35.75 -4.20
CA ARG G 45 49.03 -34.81 -3.15
C ARG G 45 48.99 -33.40 -3.75
N LEU G 46 47.99 -32.62 -3.34
CA LEU G 46 47.89 -31.27 -3.86
C LEU G 46 49.03 -30.44 -3.31
N LEU G 47 49.61 -29.60 -4.17
CA LEU G 47 50.69 -28.69 -3.75
C LEU G 47 50.28 -27.23 -3.84
N ILE G 48 49.84 -26.77 -5.01
CA ILE G 48 49.64 -25.35 -5.25
C ILE G 48 48.23 -25.15 -5.76
N TYR G 49 47.47 -24.30 -5.09
CA TYR G 49 46.08 -24.04 -5.37
C TYR G 49 45.88 -22.55 -5.59
N ASP G 50 44.88 -22.21 -6.40
CA ASP G 50 44.66 -20.87 -6.91
C ASP G 50 45.89 -20.35 -7.65
N ALA G 51 46.78 -21.26 -8.08
CA ALA G 51 48.04 -20.91 -8.73
C ALA G 51 48.81 -19.86 -7.93
N SER G 52 48.53 -19.78 -6.65
CA SER G 52 49.10 -18.70 -5.87
C SER G 52 49.75 -19.15 -4.56
N HIS G 53 49.17 -20.15 -3.88
CA HIS G 53 49.56 -20.46 -2.52
C HIS G 53 49.99 -21.90 -2.35
N ARG G 54 51.06 -22.06 -1.58
CA ARG G 54 51.54 -23.33 -1.13
C ARG G 54 50.45 -24.04 -0.33
N ALA G 55 50.54 -25.37 -0.25
CA ALA G 55 49.60 -26.13 0.55
C ALA G 55 50.00 -26.05 2.03
N THR G 56 49.41 -26.89 2.87
CA THR G 56 49.71 -26.87 4.29
C THR G 56 51.05 -27.56 4.54
N ALA G 57 52.02 -26.80 5.04
CA ALA G 57 53.33 -27.31 5.43
C ALA G 57 54.03 -27.98 4.23
N ILE G 58 54.27 -27.18 3.20
CA ILE G 58 55.02 -27.59 2.02
C ILE G 58 56.29 -26.74 1.97
N PRO G 59 57.44 -27.33 1.65
CA PRO G 59 58.71 -26.62 1.85
C PRO G 59 58.83 -25.36 1.01
N ALA G 60 59.91 -24.62 1.26
CA ALA G 60 60.21 -23.37 0.60
C ALA G 60 60.50 -23.58 -0.89
N ARG G 61 60.51 -24.85 -1.29
CA ARG G 61 60.95 -25.22 -2.63
C ARG G 61 60.00 -24.67 -3.71
N PHE G 62 58.70 -24.69 -3.45
CA PHE G 62 57.70 -24.45 -4.49
C PHE G 62 57.23 -23.01 -4.50
N THR G 63 56.61 -22.62 -5.61
CA THR G 63 55.78 -21.42 -5.72
C THR G 63 55.05 -21.42 -7.05
N GLY G 64 53.74 -21.19 -7.01
CA GLY G 64 52.92 -21.07 -8.20
C GLY G 64 52.51 -19.62 -8.37
N SER G 65 52.46 -19.16 -9.61
CA SER G 65 52.24 -17.75 -9.86
C SER G 65 51.54 -17.58 -11.19
N GLY G 66 51.42 -16.33 -11.62
CA GLY G 66 50.72 -15.99 -12.84
C GLY G 66 49.24 -15.76 -12.61
N SER G 67 48.60 -15.18 -13.62
CA SER G 67 47.17 -14.93 -13.58
C SER G 67 46.69 -14.72 -15.00
N GLY G 68 45.42 -15.06 -15.24
CA GLY G 68 44.88 -15.04 -16.58
C GLY G 68 44.88 -16.40 -17.23
N THR G 69 45.50 -16.52 -18.41
CA THR G 69 45.48 -17.77 -19.17
C THR G 69 46.72 -18.62 -18.88
N ASP G 70 47.90 -18.09 -19.15
CA ASP G 70 49.15 -18.83 -18.95
C ASP G 70 49.59 -18.71 -17.50
N PHE G 71 49.68 -19.85 -16.81
CA PHE G 71 50.21 -19.87 -15.45
C PHE G 71 51.52 -20.64 -15.45
N THR G 72 52.41 -20.25 -14.56
CA THR G 72 53.75 -20.83 -14.51
C THR G 72 54.09 -21.26 -13.09
N LEU G 73 54.93 -22.30 -12.99
CA LEU G 73 55.42 -22.80 -11.72
C LEU G 73 56.90 -22.46 -11.60
N THR G 74 57.36 -22.28 -10.37
CA THR G 74 58.78 -22.07 -10.13
C THR G 74 59.25 -22.93 -8.96
N ILE G 75 60.46 -23.45 -9.11
CA ILE G 75 61.19 -24.11 -8.03
C ILE G 75 62.39 -23.21 -7.69
N SER G 76 62.22 -22.39 -6.65
CA SER G 76 63.33 -21.56 -6.21
C SER G 76 64.54 -22.39 -5.83
N SER G 77 64.31 -23.59 -5.29
CA SER G 77 65.37 -24.52 -4.95
C SER G 77 64.76 -25.90 -4.91
N LEU G 78 65.46 -26.88 -5.47
CA LEU G 78 64.92 -28.22 -5.65
C LEU G 78 65.64 -29.21 -4.77
N GLU G 79 64.99 -30.35 -4.51
CA GLU G 79 65.58 -31.47 -3.81
C GLU G 79 65.34 -32.74 -4.60
N PRO G 80 66.26 -33.71 -4.52
CA PRO G 80 66.16 -34.88 -5.40
C PRO G 80 64.89 -35.68 -5.21
N GLU G 81 64.27 -35.61 -4.02
CA GLU G 81 62.99 -36.28 -3.82
C GLU G 81 61.89 -35.67 -4.67
N ASP G 82 62.07 -34.44 -5.15
CA ASP G 82 61.04 -33.79 -5.95
C ASP G 82 60.97 -34.32 -7.37
N PHE G 83 61.89 -35.19 -7.76
CA PHE G 83 61.86 -35.72 -9.13
C PHE G 83 60.60 -36.54 -9.30
N ALA G 84 59.60 -35.97 -9.95
CA ALA G 84 58.26 -36.54 -10.01
C ALA G 84 57.53 -35.93 -11.20
N VAL G 85 56.21 -36.06 -11.21
CA VAL G 85 55.37 -35.60 -12.31
C VAL G 85 54.39 -34.57 -11.78
N TYR G 86 54.30 -33.43 -12.45
CA TYR G 86 53.48 -32.31 -12.03
C TYR G 86 52.36 -32.05 -13.03
N TYR G 87 51.28 -31.45 -12.54
CA TYR G 87 50.02 -31.38 -13.29
C TYR G 87 49.48 -29.96 -13.41
N CYS G 88 48.24 -29.85 -13.87
CA CYS G 88 47.45 -28.64 -13.70
C CYS G 88 45.98 -29.01 -13.72
N GLN G 89 45.14 -28.15 -13.13
CA GLN G 89 43.75 -28.50 -12.86
C GLN G 89 42.88 -27.25 -12.93
N GLN G 90 41.83 -27.28 -13.74
CA GLN G 90 40.87 -26.20 -13.83
C GLN G 90 39.51 -26.71 -13.40
N ARG G 91 38.76 -25.87 -12.68
CA ARG G 91 37.46 -26.24 -12.14
C ARG G 91 36.45 -25.13 -12.42
N THR G 92 35.75 -25.23 -13.55
CA THR G 92 34.68 -24.29 -13.84
C THR G 92 33.62 -24.37 -12.75
N HIS G 93 33.11 -23.21 -12.32
CA HIS G 93 32.40 -23.18 -11.04
C HIS G 93 31.04 -23.87 -11.11
N TRP G 94 30.09 -23.31 -11.87
CA TRP G 94 28.72 -23.80 -11.73
C TRP G 94 28.53 -25.17 -12.35
N PRO G 95 28.62 -25.36 -13.67
CA PRO G 95 28.75 -26.72 -14.17
C PRO G 95 30.15 -27.23 -13.85
N PRO G 96 30.29 -28.11 -12.86
CA PRO G 96 31.59 -28.26 -12.20
C PRO G 96 32.76 -28.55 -13.12
N ALA G 97 32.56 -29.41 -14.11
CA ALA G 97 33.44 -29.57 -15.27
C ALA G 97 34.92 -29.44 -14.90
N LEU G 98 35.38 -30.35 -14.05
CA LEU G 98 36.79 -30.43 -13.74
C LEU G 98 37.53 -31.10 -14.89
N THR G 99 38.57 -30.44 -15.40
CA THR G 99 39.37 -31.00 -16.48
C THR G 99 40.83 -30.68 -16.21
N PHE G 100 41.69 -31.67 -16.39
CA PHE G 100 43.11 -31.51 -16.13
C PHE G 100 43.83 -31.06 -17.40
N GLY G 101 45.16 -31.11 -17.36
CA GLY G 101 45.98 -30.84 -18.52
C GLY G 101 46.86 -32.03 -18.85
N GLY G 102 48.03 -31.77 -19.44
CA GLY G 102 48.91 -32.85 -19.83
C GLY G 102 49.55 -33.55 -18.66
N GLY G 103 50.44 -32.86 -17.95
CA GLY G 103 51.21 -33.50 -16.91
C GLY G 103 52.54 -33.99 -17.44
N THR G 104 53.64 -33.50 -16.89
CA THR G 104 54.97 -33.78 -17.43
C THR G 104 55.86 -34.32 -16.33
N LYS G 105 57.01 -34.86 -16.73
CA LYS G 105 57.95 -35.47 -15.82
C LYS G 105 59.23 -34.64 -15.76
N VAL G 106 59.80 -34.57 -14.56
CA VAL G 106 60.99 -33.75 -14.31
C VAL G 106 62.14 -34.71 -14.03
N GLU G 107 62.85 -35.10 -15.09
CA GLU G 107 63.99 -36.00 -14.98
C GLU G 107 65.28 -35.19 -14.81
N ILE G 108 66.42 -35.84 -14.97
CA ILE G 108 67.73 -35.20 -14.76
C ILE G 108 68.59 -35.33 -16.00
N LYS G 109 69.80 -34.78 -15.93
CA LYS G 109 70.75 -34.85 -17.03
C LYS G 109 71.96 -35.70 -16.64
N GLU H 1 -19.13 -44.30 -14.17
CA GLU H 1 -20.55 -44.00 -14.26
C GLU H 1 -20.98 -43.81 -15.72
N ILE H 2 -20.21 -43.01 -16.45
CA ILE H 2 -20.50 -42.78 -17.86
C ILE H 2 -20.32 -44.09 -18.62
N VAL H 3 -21.34 -44.48 -19.38
CA VAL H 3 -21.29 -45.70 -20.17
C VAL H 3 -21.79 -45.39 -21.58
N LEU H 4 -21.41 -46.24 -22.52
CA LEU H 4 -21.71 -46.06 -23.94
C LEU H 4 -22.53 -47.25 -24.43
N THR H 5 -23.85 -47.16 -24.27
CA THR H 5 -24.72 -48.14 -24.90
C THR H 5 -24.66 -47.96 -26.41
N GLN H 6 -24.72 -49.07 -27.13
CA GLN H 6 -24.56 -49.04 -28.58
C GLN H 6 -25.82 -49.53 -29.28
N SER H 7 -25.90 -49.22 -30.57
CA SER H 7 -26.90 -49.73 -31.51
C SER H 7 -26.46 -49.35 -32.91
N PRO H 8 -26.65 -50.22 -33.91
CA PRO H 8 -27.10 -51.59 -33.74
C PRO H 8 -25.97 -52.46 -33.24
N ALA H 9 -26.28 -53.61 -32.63
CA ALA H 9 -25.21 -54.52 -32.21
C ALA H 9 -24.54 -55.19 -33.41
N THR H 10 -25.12 -55.07 -34.60
CA THR H 10 -24.52 -55.62 -35.81
C THR H 10 -25.20 -54.97 -37.01
N LEU H 11 -24.42 -54.78 -38.08
CA LEU H 11 -24.98 -54.34 -39.35
C LEU H 11 -24.32 -55.17 -40.45
N SER H 12 -25.11 -55.56 -41.44
CA SER H 12 -24.62 -56.31 -42.59
C SER H 12 -25.02 -55.59 -43.87
N LEU H 13 -24.16 -55.66 -44.88
CA LEU H 13 -24.42 -54.96 -46.13
C LEU H 13 -23.59 -55.59 -47.24
N SER H 14 -24.02 -55.32 -48.48
CA SER H 14 -23.25 -55.75 -49.64
C SER H 14 -22.17 -54.72 -49.94
N PRO H 15 -20.91 -55.14 -50.06
CA PRO H 15 -19.80 -54.18 -50.07
C PRO H 15 -19.90 -53.16 -51.19
N GLY H 16 -20.00 -51.89 -50.80
CA GLY H 16 -20.15 -50.81 -51.75
C GLY H 16 -21.30 -49.88 -51.41
N GLU H 17 -22.05 -50.24 -50.36
CA GLU H 17 -23.24 -49.50 -49.98
C GLU H 17 -22.91 -48.45 -48.93
N ARG H 18 -23.94 -47.89 -48.31
CA ARG H 18 -23.81 -46.99 -47.19
C ARG H 18 -23.77 -47.77 -45.88
N ALA H 19 -23.00 -47.28 -44.92
CA ALA H 19 -22.98 -47.85 -43.59
C ALA H 19 -23.16 -46.75 -42.55
N THR H 20 -23.73 -47.10 -41.41
CA THR H 20 -23.98 -46.14 -40.35
C THR H 20 -24.01 -46.85 -39.01
N LEU H 21 -23.16 -46.40 -38.10
CA LEU H 21 -23.10 -46.94 -36.75
C LEU H 21 -23.17 -45.80 -35.76
N SER H 22 -23.75 -46.07 -34.58
CA SER H 22 -23.96 -45.05 -33.58
C SER H 22 -23.65 -45.60 -32.19
N CYS H 23 -23.33 -44.69 -31.28
CA CYS H 23 -23.15 -44.99 -29.86
C CYS H 23 -23.93 -43.98 -29.06
N ARG H 24 -24.51 -44.41 -27.94
CA ARG H 24 -25.33 -43.57 -27.08
C ARG H 24 -24.69 -43.47 -25.72
N ALA H 25 -24.54 -42.25 -25.21
CA ALA H 25 -23.94 -42.05 -23.91
C ALA H 25 -24.99 -42.16 -22.82
N SER H 26 -24.52 -42.37 -21.58
CA SER H 26 -25.36 -42.36 -20.41
C SER H 26 -25.48 -40.99 -19.79
N GLN H 27 -24.82 -39.99 -20.35
CA GLN H 27 -24.85 -38.64 -19.83
C GLN H 27 -24.51 -37.69 -20.98
N SER H 28 -24.18 -36.45 -20.64
CA SER H 28 -23.86 -35.44 -21.63
C SER H 28 -22.34 -35.26 -21.69
N VAL H 29 -21.68 -36.11 -22.46
CA VAL H 29 -20.29 -35.89 -22.84
C VAL H 29 -20.29 -35.11 -24.15
N ALA H 30 -19.61 -33.96 -24.15
CA ALA H 30 -19.83 -32.99 -25.22
C ALA H 30 -19.41 -33.51 -26.59
N THR H 31 -18.10 -33.66 -26.82
CA THR H 31 -17.62 -34.11 -28.11
C THR H 31 -16.40 -35.02 -28.03
N SER H 32 -15.95 -35.39 -26.84
CA SER H 32 -14.70 -36.13 -26.69
C SER H 32 -14.92 -37.63 -26.86
N LEU H 33 -15.54 -37.98 -27.98
CA LEU H 33 -15.78 -39.37 -28.33
C LEU H 33 -14.98 -39.68 -29.59
N ALA H 34 -14.42 -40.88 -29.66
CA ALA H 34 -13.58 -41.24 -30.80
C ALA H 34 -13.74 -42.72 -31.10
N TRP H 35 -13.80 -43.07 -32.38
CA TRP H 35 -14.11 -44.44 -32.79
C TRP H 35 -12.98 -45.04 -33.61
N TYR H 36 -12.96 -46.38 -33.62
CA TYR H 36 -11.79 -47.15 -34.04
C TYR H 36 -12.08 -48.13 -35.17
N GLN H 37 -11.11 -49.00 -35.44
CA GLN H 37 -11.25 -50.13 -36.35
C GLN H 37 -10.34 -51.22 -35.84
N GLN H 38 -10.75 -52.48 -36.01
CA GLN H 38 -9.97 -53.59 -35.50
C GLN H 38 -10.20 -54.77 -36.42
N LYS H 39 -9.23 -55.03 -37.29
CA LYS H 39 -9.29 -56.17 -38.20
C LYS H 39 -9.23 -57.47 -37.40
N PRO H 40 -9.69 -58.58 -37.98
CA PRO H 40 -9.62 -59.87 -37.26
C PRO H 40 -8.20 -60.20 -36.81
N GLY H 41 -8.00 -60.23 -35.50
CA GLY H 41 -6.70 -60.56 -34.92
C GLY H 41 -5.74 -59.42 -34.65
N GLN H 42 -5.56 -58.54 -35.63
CA GLN H 42 -4.57 -57.48 -35.50
C GLN H 42 -4.98 -56.47 -34.43
N PRO H 43 -4.02 -55.81 -33.80
CA PRO H 43 -4.37 -54.74 -32.86
C PRO H 43 -5.01 -53.58 -33.61
N PRO H 44 -5.86 -52.82 -32.95
CA PRO H 44 -6.64 -51.79 -33.65
C PRO H 44 -5.83 -50.54 -33.94
N ARG H 45 -6.34 -49.75 -34.88
CA ARG H 45 -5.79 -48.47 -35.23
C ARG H 45 -6.88 -47.41 -35.11
N LEU H 46 -6.52 -46.25 -34.58
CA LEU H 46 -7.51 -45.20 -34.44
C LEU H 46 -7.89 -44.67 -35.81
N LEU H 47 -9.18 -44.41 -36.01
CA LEU H 47 -9.67 -43.85 -37.26
C LEU H 47 -10.24 -42.45 -37.08
N ILE H 48 -11.21 -42.28 -36.20
CA ILE H 48 -11.97 -41.04 -36.12
C ILE H 48 -11.92 -40.55 -34.69
N TYR H 49 -11.48 -39.32 -34.51
CA TYR H 49 -11.29 -38.70 -33.21
C TYR H 49 -12.06 -37.40 -33.16
N ASP H 50 -12.47 -37.03 -31.94
CA ASP H 50 -13.41 -35.93 -31.71
C ASP H 50 -14.72 -36.15 -32.47
N ALA H 51 -15.00 -37.39 -32.88
CA ALA H 51 -16.15 -37.73 -33.69
C ALA H 51 -16.29 -36.80 -34.89
N SER H 52 -15.18 -36.22 -35.31
CA SER H 52 -15.27 -35.21 -36.35
C SER H 52 -14.26 -35.41 -37.47
N HIS H 53 -13.04 -35.85 -37.17
CA HIS H 53 -11.96 -35.81 -38.14
C HIS H 53 -11.34 -37.17 -38.37
N ARG H 54 -11.06 -37.42 -39.64
CA ARG H 54 -10.30 -38.56 -40.08
C ARG H 54 -8.92 -38.55 -39.44
N ALA H 55 -8.29 -39.72 -39.37
CA ALA H 55 -6.93 -39.80 -38.84
C ALA H 55 -5.95 -39.39 -39.93
N THR H 56 -4.67 -39.65 -39.71
CA THR H 56 -3.64 -39.27 -40.68
C THR H 56 -3.65 -40.25 -41.84
N ALA H 57 -3.95 -39.75 -43.04
CA ALA H 57 -3.93 -40.53 -44.27
C ALA H 57 -4.86 -41.75 -44.18
N ILE H 58 -6.14 -41.46 -43.99
CA ILE H 58 -7.20 -42.46 -43.99
C ILE H 58 -8.11 -42.18 -45.18
N PRO H 59 -8.55 -43.18 -45.92
CA PRO H 59 -9.20 -42.93 -47.21
C PRO H 59 -10.48 -42.13 -47.08
N ALA H 60 -11.03 -41.77 -48.24
CA ALA H 60 -12.26 -40.99 -48.35
C ALA H 60 -13.46 -41.77 -47.85
N ARG H 61 -13.22 -43.02 -47.47
CA ARG H 61 -14.30 -43.93 -47.11
C ARG H 61 -15.05 -43.49 -45.86
N PHE H 62 -14.34 -42.97 -44.86
CA PHE H 62 -14.88 -42.77 -43.53
C PHE H 62 -15.36 -41.33 -43.34
N THR H 63 -16.19 -41.15 -42.31
CA THR H 63 -16.50 -39.85 -41.74
C THR H 63 -17.28 -40.02 -40.44
N GLY H 64 -16.85 -39.36 -39.39
CA GLY H 64 -17.55 -39.37 -38.11
C GLY H 64 -18.18 -38.01 -37.88
N SER H 65 -19.36 -37.99 -37.29
CA SER H 65 -20.11 -36.75 -37.20
C SER H 65 -20.99 -36.80 -35.96
N GLY H 66 -21.86 -35.81 -35.83
CA GLY H 66 -22.72 -35.67 -34.68
C GLY H 66 -22.06 -34.88 -33.56
N SER H 67 -22.89 -34.49 -32.60
CA SER H 67 -22.42 -33.75 -31.43
C SER H 67 -23.47 -33.88 -30.34
N GLY H 68 -23.02 -33.82 -29.10
CA GLY H 68 -23.90 -34.06 -27.97
C GLY H 68 -23.81 -35.48 -27.45
N THR H 69 -24.95 -36.17 -27.37
CA THR H 69 -24.98 -37.51 -26.81
C THR H 69 -24.85 -38.59 -27.87
N ASP H 70 -25.76 -38.61 -28.84
CA ASP H 70 -25.75 -39.63 -29.89
C ASP H 70 -24.80 -39.21 -31.01
N PHE H 71 -23.77 -40.01 -31.26
CA PHE H 71 -22.87 -39.77 -32.38
C PHE H 71 -23.04 -40.89 -33.39
N THR H 72 -22.84 -40.56 -34.66
CA THR H 72 -23.05 -41.50 -35.74
C THR H 72 -21.85 -41.54 -36.67
N LEU H 73 -21.62 -42.70 -37.27
CA LEU H 73 -20.57 -42.90 -38.25
C LEU H 73 -21.20 -43.07 -39.63
N THR H 74 -20.46 -42.66 -40.66
CA THR H 74 -20.92 -42.88 -42.02
C THR H 74 -19.78 -43.41 -42.87
N ILE H 75 -20.11 -44.35 -43.76
CA ILE H 75 -19.24 -44.82 -44.83
C ILE H 75 -19.83 -44.33 -46.15
N SER H 76 -19.30 -43.21 -46.64
CA SER H 76 -19.74 -42.70 -47.94
C SER H 76 -19.53 -43.73 -49.04
N SER H 77 -18.47 -44.53 -48.92
CA SER H 77 -18.19 -45.60 -49.86
C SER H 77 -17.30 -46.60 -49.16
N LEU H 78 -17.57 -47.88 -49.34
CA LEU H 78 -16.90 -48.93 -48.58
C LEU H 78 -16.02 -49.76 -49.50
N GLU H 79 -15.05 -50.45 -48.89
CA GLU H 79 -14.22 -51.41 -49.58
C GLU H 79 -14.19 -52.71 -48.79
N PRO H 80 -14.04 -53.86 -49.47
CA PRO H 80 -14.18 -55.14 -48.77
C PRO H 80 -13.17 -55.34 -47.66
N GLU H 81 -12.02 -54.68 -47.73
CA GLU H 81 -11.06 -54.77 -46.64
C GLU H 81 -11.60 -54.12 -45.36
N ASP H 82 -12.61 -53.26 -45.47
CA ASP H 82 -13.14 -52.60 -44.28
C ASP H 82 -14.02 -53.51 -43.45
N PHE H 83 -14.30 -54.73 -43.90
CA PHE H 83 -15.14 -55.62 -43.13
C PHE H 83 -14.42 -55.97 -41.83
N ALA H 84 -14.82 -55.34 -40.74
CA ALA H 84 -14.10 -55.41 -39.49
C ALA H 84 -15.05 -55.00 -38.36
N VAL H 85 -14.49 -54.67 -37.20
CA VAL H 85 -15.25 -54.34 -36.02
C VAL H 85 -14.91 -52.93 -35.59
N TYR H 86 -15.93 -52.11 -35.35
CA TYR H 86 -15.78 -50.70 -35.02
C TYR H 86 -16.26 -50.43 -33.60
N TYR H 87 -15.72 -49.37 -33.01
CA TYR H 87 -15.89 -49.12 -31.58
C TYR H 87 -16.39 -47.72 -31.27
N CYS H 88 -16.33 -47.35 -29.99
CA CYS H 88 -16.44 -45.96 -29.58
C CYS H 88 -15.73 -45.79 -28.25
N GLN H 89 -15.32 -44.56 -27.95
CA GLN H 89 -14.41 -44.28 -26.84
C GLN H 89 -14.70 -42.91 -26.26
N GLN H 90 -14.92 -42.85 -24.94
CA GLN H 90 -15.11 -41.60 -24.24
C GLN H 90 -14.00 -41.44 -23.22
N ARG H 91 -13.52 -40.21 -23.05
CA ARG H 91 -12.41 -39.92 -22.14
C ARG H 91 -12.74 -38.69 -21.31
N THR H 92 -13.34 -38.90 -20.14
CA THR H 92 -13.58 -37.80 -19.21
C THR H 92 -12.26 -37.15 -18.83
N HIS H 93 -12.24 -35.82 -18.79
CA HIS H 93 -10.95 -35.12 -18.82
C HIS H 93 -10.17 -35.29 -17.52
N TRP H 94 -10.66 -34.72 -16.42
CA TRP H 94 -9.80 -34.64 -15.23
C TRP H 94 -9.61 -35.98 -14.55
N PRO H 95 -10.62 -36.61 -13.96
CA PRO H 95 -10.46 -38.02 -13.62
C PRO H 95 -10.52 -38.84 -14.90
N PRO H 96 -9.37 -39.33 -15.37
CA PRO H 96 -9.27 -39.70 -16.80
C PRO H 96 -10.35 -40.66 -17.29
N ALA H 97 -10.68 -41.68 -16.50
CA ALA H 97 -11.88 -42.49 -16.67
C ALA H 97 -12.21 -42.76 -18.14
N LEU H 98 -11.29 -43.44 -18.81
CA LEU H 98 -11.56 -43.90 -20.17
C LEU H 98 -12.46 -45.12 -20.13
N THR H 99 -13.57 -45.06 -20.86
CA THR H 99 -14.49 -46.18 -20.93
C THR H 99 -14.98 -46.31 -22.36
N PHE H 100 -15.01 -47.54 -22.86
CA PHE H 100 -15.43 -47.80 -24.24
C PHE H 100 -16.93 -48.06 -24.29
N GLY H 101 -17.39 -48.56 -25.43
CA GLY H 101 -18.76 -48.98 -25.61
C GLY H 101 -18.84 -50.44 -26.02
N GLY H 102 -19.88 -50.80 -26.76
CA GLY H 102 -20.05 -52.18 -27.16
C GLY H 102 -19.03 -52.63 -28.19
N GLY H 103 -19.13 -52.10 -29.40
CA GLY H 103 -18.30 -52.58 -30.49
C GLY H 103 -19.00 -53.65 -31.28
N THR H 104 -19.22 -53.41 -32.58
CA THR H 104 -20.03 -54.28 -33.41
C THR H 104 -19.26 -54.70 -34.64
N LYS H 105 -19.78 -55.71 -35.33
CA LYS H 105 -19.13 -56.27 -36.50
C LYS H 105 -19.95 -55.95 -37.75
N VAL H 106 -19.24 -55.70 -38.84
CA VAL H 106 -19.86 -55.30 -40.11
C VAL H 106 -19.65 -56.45 -41.09
N GLU H 107 -20.61 -57.37 -41.12
CA GLU H 107 -20.56 -58.52 -42.02
C GLU H 107 -21.28 -58.19 -43.32
N ILE H 108 -21.56 -59.22 -44.13
CA ILE H 108 -22.18 -59.03 -45.43
C ILE H 108 -23.45 -59.85 -45.55
N LYS H 109 -24.11 -59.75 -46.70
CA LYS H 109 -25.33 -60.51 -46.96
C LYS H 109 -25.10 -61.54 -48.06
N GLU I 1 15.92 -37.11 29.95
CA GLU I 1 16.25 -36.39 31.16
C GLU I 1 15.15 -36.56 32.23
N ILE I 2 13.91 -36.36 31.81
CA ILE I 2 12.79 -36.52 32.72
C ILE I 2 12.68 -37.98 33.13
N VAL I 3 12.65 -38.22 34.44
CA VAL I 3 12.54 -39.58 34.97
C VAL I 3 11.47 -39.59 36.05
N LEU I 4 10.94 -40.78 36.31
CA LEU I 4 9.84 -40.98 37.25
C LEU I 4 10.30 -41.91 38.36
N THR I 5 10.89 -41.33 39.41
CA THR I 5 11.16 -42.11 40.60
C THR I 5 9.85 -42.46 41.28
N GLN I 6 9.79 -43.66 41.86
CA GLN I 6 8.55 -44.16 42.42
C GLN I 6 8.69 -44.39 43.93
N SER I 7 7.55 -44.53 44.58
CA SER I 7 7.41 -44.93 45.97
C SER I 7 5.93 -45.21 46.23
N PRO I 8 5.59 -46.24 47.01
CA PRO I 8 6.53 -47.23 47.53
C PRO I 8 6.88 -48.22 46.43
N ALA I 9 8.00 -48.93 46.56
CA ALA I 9 8.33 -49.96 45.59
C ALA I 9 7.42 -51.16 45.71
N THR I 10 6.63 -51.25 46.77
CA THR I 10 5.67 -52.34 46.94
C THR I 10 4.68 -51.93 48.01
N LEU I 11 3.43 -52.39 47.85
CA LEU I 11 2.43 -52.23 48.89
C LEU I 11 1.66 -53.54 48.99
N SER I 12 1.34 -53.94 50.21
CA SER I 12 0.56 -55.14 50.47
C SER I 12 -0.63 -54.79 51.34
N LEU I 13 -1.75 -55.48 51.12
CA LEU I 13 -2.96 -55.19 51.86
C LEU I 13 -3.90 -56.38 51.79
N SER I 14 -4.85 -56.41 52.72
CA SER I 14 -5.89 -57.43 52.70
C SER I 14 -7.01 -57.00 51.77
N PRO I 15 -7.41 -57.84 50.81
CA PRO I 15 -8.28 -57.38 49.71
C PRO I 15 -9.59 -56.81 50.22
N GLY I 16 -9.82 -55.53 49.93
CA GLY I 16 -11.02 -54.84 50.36
C GLY I 16 -10.71 -53.52 51.04
N GLU I 17 -9.42 -53.23 51.21
CA GLU I 17 -8.98 -52.05 51.93
C GLU I 17 -8.73 -50.89 50.97
N ARG I 18 -8.08 -49.85 51.47
CA ARG I 18 -7.64 -48.72 50.66
C ARG I 18 -6.26 -49.01 50.11
N ALA I 19 -6.00 -48.51 48.89
CA ALA I 19 -4.68 -48.58 48.31
C ALA I 19 -4.28 -47.21 47.78
N THR I 20 -2.97 -46.95 47.77
CA THR I 20 -2.46 -45.67 47.32
C THR I 20 -1.04 -45.84 46.78
N LEU I 21 -0.85 -45.44 45.53
CA LEU I 21 0.46 -45.51 44.89
C LEU I 21 0.77 -44.14 44.30
N SER I 22 2.07 -43.81 44.25
CA SER I 22 2.49 -42.50 43.79
C SER I 22 3.73 -42.63 42.92
N CYS I 23 3.93 -41.64 42.06
CA CYS I 23 5.14 -41.50 41.25
C CYS I 23 5.64 -40.07 41.37
N ARG I 24 6.96 -39.90 41.38
CA ARG I 24 7.58 -38.59 41.52
C ARG I 24 8.40 -38.27 40.29
N ALA I 25 8.19 -37.08 39.73
CA ALA I 25 8.91 -36.69 38.55
C ALA I 25 10.26 -36.06 38.92
N SER I 26 11.15 -36.00 37.94
CA SER I 26 12.42 -35.32 38.09
C SER I 26 12.36 -33.87 37.67
N GLN I 27 11.20 -33.40 37.23
CA GLN I 27 11.02 -32.03 36.80
C GLN I 27 9.53 -31.69 36.94
N SER I 28 9.11 -30.60 36.30
CA SER I 28 7.73 -30.14 36.38
C SER I 28 7.02 -30.52 35.07
N VAL I 29 6.54 -31.75 35.02
CA VAL I 29 5.59 -32.16 33.97
C VAL I 29 4.19 -31.91 34.51
N ALA I 30 3.41 -31.13 33.76
CA ALA I 30 2.19 -30.54 34.33
C ALA I 30 1.16 -31.59 34.73
N THR I 31 0.55 -32.25 33.74
CA THR I 31 -0.48 -33.24 34.04
C THR I 31 -0.47 -34.42 33.08
N SER I 32 0.47 -34.51 32.15
CA SER I 32 0.44 -35.55 31.11
C SER I 32 1.07 -36.85 31.62
N LEU I 33 0.56 -37.31 32.77
CA LEU I 33 1.00 -38.56 33.35
C LEU I 33 -0.18 -39.53 33.32
N ALA I 34 0.08 -40.80 33.06
CA ALA I 34 -0.99 -41.78 32.96
C ALA I 34 -0.50 -43.12 33.46
N TRP I 35 -1.36 -43.83 34.20
CA TRP I 35 -0.95 -45.06 34.86
C TRP I 35 -1.77 -46.25 34.39
N TYR I 36 -1.20 -47.44 34.58
CA TYR I 36 -1.63 -48.65 33.90
C TYR I 36 -1.99 -49.79 34.86
N GLN I 37 -2.19 -50.98 34.29
CA GLN I 37 -2.37 -52.22 35.02
C GLN I 37 -1.80 -53.34 34.15
N GLN I 38 -1.21 -54.35 34.78
CA GLN I 38 -0.61 -55.43 34.01
C GLN I 38 -0.73 -56.70 34.84
N LYS I 39 -1.70 -57.54 34.49
CA LYS I 39 -1.88 -58.81 35.15
C LYS I 39 -0.68 -59.72 34.90
N PRO I 40 -0.47 -60.73 35.74
CA PRO I 40 0.66 -61.65 35.52
C PRO I 40 0.63 -62.28 34.14
N GLY I 41 1.61 -61.95 33.31
CA GLY I 41 1.73 -62.49 31.97
C GLY I 41 1.06 -61.72 30.84
N GLN I 42 -0.20 -61.34 31.04
CA GLN I 42 -0.95 -60.70 29.96
C GLN I 42 -0.37 -59.32 29.65
N PRO I 43 -0.54 -58.85 28.41
CA PRO I 43 -0.13 -57.49 28.09
C PRO I 43 -1.01 -56.50 28.83
N PRO I 44 -0.50 -55.31 29.13
CA PRO I 44 -1.22 -54.38 29.99
C PRO I 44 -2.33 -53.65 29.25
N ARG I 45 -3.23 -53.09 30.04
CA ARG I 45 -4.32 -52.26 29.54
C ARG I 45 -4.26 -50.92 30.26
N LEU I 46 -4.51 -49.84 29.52
CA LEU I 46 -4.49 -48.53 30.14
C LEU I 46 -5.68 -48.39 31.06
N LEU I 47 -5.46 -47.79 32.23
CA LEU I 47 -6.53 -47.53 33.18
C LEU I 47 -6.80 -46.05 33.38
N ILE I 48 -5.79 -45.27 33.75
CA ILE I 48 -6.00 -43.90 34.17
C ILE I 48 -5.07 -43.02 33.36
N TYR I 49 -5.66 -42.03 32.70
CA TYR I 49 -4.96 -41.12 31.81
C TYR I 49 -5.20 -39.69 32.25
N ASP I 50 -4.24 -38.82 31.94
CA ASP I 50 -4.19 -37.46 32.47
C ASP I 50 -4.19 -37.46 33.99
N ALA I 51 -3.85 -38.58 34.62
CA ALA I 51 -3.91 -38.76 36.07
C ALA I 51 -5.25 -38.29 36.63
N SER I 52 -6.27 -38.29 35.81
CA SER I 52 -7.53 -37.71 36.24
C SER I 52 -8.73 -38.60 35.97
N HIS I 53 -8.76 -39.30 34.84
CA HIS I 53 -9.97 -39.96 34.39
C HIS I 53 -9.79 -41.44 34.17
N ARG I 54 -10.81 -42.18 34.59
CA ARG I 54 -10.95 -43.60 34.33
C ARG I 54 -10.97 -43.84 32.83
N ALA I 55 -10.62 -45.06 32.43
CA ALA I 55 -10.69 -45.43 31.03
C ALA I 55 -12.13 -45.75 30.65
N THR I 56 -12.33 -46.35 29.49
CA THR I 56 -13.67 -46.69 29.03
C THR I 56 -14.16 -47.94 29.75
N ALA I 57 -15.23 -47.77 30.53
CA ALA I 57 -15.88 -48.88 31.24
C ALA I 57 -14.91 -49.60 32.17
N ILE I 58 -14.39 -48.85 33.13
CA ILE I 58 -13.52 -49.38 34.18
C ILE I 58 -14.26 -49.19 35.52
N PRO I 59 -14.24 -50.18 36.41
CA PRO I 59 -15.14 -50.15 37.57
C PRO I 59 -14.89 -48.97 38.48
N ALA I 60 -15.78 -48.85 39.47
CA ALA I 60 -15.75 -47.78 40.46
C ALA I 60 -14.53 -47.89 41.35
N ARG I 61 -13.75 -48.95 41.15
CA ARG I 61 -12.63 -49.27 42.03
C ARG I 61 -11.54 -48.20 41.98
N PHE I 62 -11.25 -47.66 40.80
CA PHE I 62 -10.05 -46.86 40.59
C PHE I 62 -10.36 -45.37 40.69
N THR I 63 -9.30 -44.58 40.87
CA THR I 63 -9.30 -43.15 40.66
C THR I 63 -7.88 -42.61 40.72
N GLY I 64 -7.49 -41.82 39.72
CA GLY I 64 -6.19 -41.18 39.69
C GLY I 64 -6.38 -39.68 39.91
N SER I 65 -5.45 -39.08 40.64
CA SER I 65 -5.65 -37.69 41.05
C SER I 65 -4.29 -37.03 41.20
N GLY I 66 -4.30 -35.82 41.73
CA GLY I 66 -3.10 -35.02 41.87
C GLY I 66 -2.81 -34.18 40.64
N SER I 67 -1.89 -33.24 40.83
CA SER I 67 -1.46 -32.37 39.74
C SER I 67 -0.12 -31.76 40.12
N GLY I 68 0.68 -31.45 39.10
CA GLY I 68 2.03 -31.00 39.33
C GLY I 68 3.06 -32.10 39.21
N THR I 69 3.86 -32.30 40.25
CA THR I 69 4.95 -33.28 40.20
C THR I 69 4.52 -34.63 40.77
N ASP I 70 4.10 -34.67 42.03
CA ASP I 70 3.71 -35.90 42.69
C ASP I 70 2.26 -36.22 42.37
N PHE I 71 2.01 -37.36 41.73
CA PHE I 71 0.67 -37.82 41.47
C PHE I 71 0.41 -39.09 42.28
N THR I 72 -0.83 -39.28 42.68
CA THR I 72 -1.19 -40.39 43.55
C THR I 72 -2.39 -41.15 42.98
N LEU I 73 -2.44 -42.44 43.26
CA LEU I 73 -3.54 -43.30 42.87
C LEU I 73 -4.34 -43.69 44.11
N THR I 74 -5.64 -43.91 43.94
CA THR I 74 -6.46 -44.41 45.03
C THR I 74 -7.34 -45.55 44.55
N ILE I 75 -7.51 -46.54 45.42
CA ILE I 75 -8.49 -47.60 45.27
C ILE I 75 -9.54 -47.40 46.35
N SER I 76 -10.66 -46.76 45.98
CA SER I 76 -11.75 -46.59 46.92
C SER I 76 -12.26 -47.93 47.43
N SER I 77 -12.22 -48.95 46.59
CA SER I 77 -12.60 -50.30 46.98
C SER I 77 -11.93 -51.25 46.01
N LEU I 78 -11.38 -52.35 46.53
CA LEU I 78 -10.56 -53.25 45.73
C LEU I 78 -11.26 -54.58 45.56
N GLU I 79 -10.84 -55.33 44.53
CA GLU I 79 -11.28 -56.69 44.29
C GLU I 79 -10.07 -57.58 44.07
N PRO I 80 -10.16 -58.86 44.45
CA PRO I 80 -8.97 -59.71 44.41
C PRO I 80 -8.38 -59.87 43.03
N GLU I 81 -9.17 -59.71 41.98
CA GLU I 81 -8.62 -59.75 40.64
C GLU I 81 -7.68 -58.59 40.36
N ASP I 82 -7.76 -57.51 41.15
CA ASP I 82 -6.90 -56.36 40.92
C ASP I 82 -5.48 -56.59 41.40
N PHE I 83 -5.19 -57.71 42.05
CA PHE I 83 -3.83 -57.96 42.53
C PHE I 83 -2.92 -58.09 41.32
N ALA I 84 -2.17 -57.03 41.03
CA ALA I 84 -1.41 -56.93 39.79
C ALA I 84 -0.31 -55.88 39.99
N VAL I 85 0.25 -55.39 38.89
CA VAL I 85 1.35 -54.45 38.91
C VAL I 85 0.93 -53.18 38.19
N TYR I 86 1.14 -52.04 38.84
CA TYR I 86 0.72 -50.74 38.33
C TYR I 86 1.92 -49.87 38.01
N TYR I 87 1.72 -48.92 37.08
CA TYR I 87 2.82 -48.18 36.48
C TYR I 87 2.63 -46.68 36.56
N CYS I 88 3.47 -45.95 35.82
CA CYS I 88 3.22 -44.55 35.50
C CYS I 88 3.94 -44.21 34.21
N GLN I 89 3.45 -43.17 33.53
CA GLN I 89 3.88 -42.87 32.16
C GLN I 89 3.85 -41.38 31.91
N GLN I 90 4.97 -40.82 31.45
CA GLN I 90 5.04 -39.41 31.07
C GLN I 90 5.36 -39.32 29.60
N ARG I 91 4.74 -38.35 28.91
CA ARG I 91 4.92 -38.17 27.48
C ARG I 91 5.17 -36.70 27.17
N THR I 92 6.44 -36.30 27.13
CA THR I 92 6.78 -34.94 26.72
C THR I 92 6.28 -34.70 25.31
N HIS I 93 5.71 -33.52 25.07
CA HIS I 93 4.88 -33.35 23.88
C HIS I 93 5.69 -33.34 22.59
N TRP I 94 6.52 -32.30 22.38
CA TRP I 94 7.10 -32.14 21.04
C TRP I 94 8.19 -33.17 20.74
N PRO I 95 9.34 -33.18 21.42
CA PRO I 95 10.18 -34.36 21.32
C PRO I 95 9.54 -35.49 22.12
N PRO I 96 8.94 -36.47 21.45
CA PRO I 96 7.92 -37.29 22.11
C PRO I 96 8.37 -37.93 23.42
N ALA I 97 9.59 -38.46 23.47
CA ALA I 97 10.28 -38.82 24.70
C ALA I 97 9.35 -39.43 25.74
N LEU I 98 8.76 -40.56 25.39
CA LEU I 98 7.98 -41.32 26.36
C LEU I 98 8.91 -42.07 27.29
N THR I 99 8.72 -41.88 28.61
CA THR I 99 9.53 -42.58 29.60
C THR I 99 8.62 -42.99 30.75
N PHE I 100 8.78 -44.23 31.20
CA PHE I 100 7.96 -44.76 32.27
C PHE I 100 8.62 -44.51 33.62
N GLY I 101 8.09 -45.15 34.65
CA GLY I 101 8.67 -45.11 35.98
C GLY I 101 9.02 -46.50 36.46
N GLY I 102 8.99 -46.71 37.77
CA GLY I 102 9.35 -48.00 38.32
C GLY I 102 8.34 -49.08 38.03
N GLY I 103 7.16 -48.98 38.62
CA GLY I 103 6.18 -50.05 38.52
C GLY I 103 6.30 -51.01 39.69
N THR I 104 5.23 -51.15 40.46
CA THR I 104 5.27 -51.90 41.71
C THR I 104 4.17 -52.95 41.70
N LYS I 105 4.26 -53.88 42.65
CA LYS I 105 3.32 -54.98 42.76
C LYS I 105 2.49 -54.83 44.03
N VAL I 106 1.22 -55.21 43.93
CA VAL I 106 0.27 -55.07 45.02
C VAL I 106 -0.08 -56.47 45.50
N GLU I 107 0.67 -56.97 46.47
CA GLU I 107 0.45 -58.29 47.04
C GLU I 107 -0.46 -58.19 48.26
N ILE I 108 -0.54 -59.26 49.05
CA ILE I 108 -1.44 -59.31 50.19
C ILE I 108 -0.67 -59.63 51.46
N LYS I 109 -1.39 -59.69 52.58
CA LYS I 109 -0.79 -60.03 53.86
C LYS I 109 -1.30 -61.38 54.36
#